data_9DLC
#
_entry.id   9DLC
#
_cell.length_a   1.00
_cell.length_b   1.00
_cell.length_c   1.00
_cell.angle_alpha   90.00
_cell.angle_beta   90.00
_cell.angle_gamma   90.00
#
_symmetry.space_group_name_H-M   'P 1'
#
loop_
_entity.id
_entity.type
_entity.pdbx_description
1 polymer 'NADP-dependent glyceraldehyde-3-phosphate dehydrogenase'
2 non-polymer GLYCERALDEHYDE-3-PHOSPHATE
#
_entity_poly.entity_id   1
_entity_poly.type   'polypeptide(L)'
_entity_poly.pdbx_seq_one_letter_code
;MTRYQNLVNGKWKSSEQEITIYSPINQEELGTVPAMTQTEADEAMQAARAALPAWRALSAIERAAYLHKTAAILERDKEK
IGTILAKEVAKGIKAAIGEVVRTADLIRYAAEEGLRITGQAMEGGGFEAASKNKLAVVRREPVGIVLAIAPFNYPVNLSA
SKIAPALIAGNVVMLKPPTQGSISGLLLAKAFEEAGIPAGVFNTITGRGSEIGDYIIEHKEVNFINFTGSTPIGERIGRL
AGMRPIMLELGGKDAALVLEDADLEHAAKQIVAGAFSYSGQRCTAIKRVIVLESVADKLATLLQEEVSKLTVGDPFDNAD
ITPVIDNASADFIWGLIEDAQEKEAQALTPIKREGNLLWPVLFDQVTKDMKVAWEEPFGPVLPIIRVASVEEAIAFANES
EFGLQSSVFTNDFKKAFEIAEKLEVGTVHINNKTQRGPDNFPFLGVKGSGAGVQGIKYSIEAMTNVKSIVFDVK
;
_entity_poly.pdbx_strand_id   A,B,C,D
#
loop_
_chem_comp.id
_chem_comp.type
_chem_comp.name
_chem_comp.formula
G3H non-polymer GLYCERALDEHYDE-3-PHOSPHATE 'C3 H7 O6 P'
#
# COMPACT_ATOMS: atom_id res chain seq x y z
N MET A 1 51.10 10.39 -8.75
CA MET A 1 50.96 9.50 -7.60
C MET A 1 50.15 10.16 -6.50
N THR A 2 48.85 9.94 -6.52
CA THR A 2 47.95 10.43 -5.49
C THR A 2 47.65 9.30 -4.52
N ARG A 3 48.01 9.48 -3.26
CA ARG A 3 47.84 8.45 -2.24
C ARG A 3 46.47 8.67 -1.59
N TYR A 4 45.46 8.03 -2.15
CA TYR A 4 44.12 8.15 -1.61
C TYR A 4 44.01 7.38 -0.30
N GLN A 5 43.06 7.80 0.53
CA GLN A 5 42.95 7.29 1.89
C GLN A 5 41.54 6.79 2.15
N ASN A 6 41.42 5.94 3.16
CA ASN A 6 40.15 5.37 3.55
C ASN A 6 39.46 6.24 4.58
N LEU A 7 38.18 6.50 4.36
CA LEU A 7 37.38 7.19 5.36
C LEU A 7 37.05 6.18 6.45
N VAL A 8 37.58 6.39 7.65
CA VAL A 8 37.31 5.53 8.79
C VAL A 8 37.02 6.42 9.98
N ASN A 9 35.83 6.28 10.57
CA ASN A 9 35.46 7.01 11.77
C ASN A 9 35.63 8.52 11.58
N GLY A 10 35.30 9.00 10.39
CA GLY A 10 35.36 10.41 10.12
C GLY A 10 36.75 10.90 9.77
N LYS A 11 37.74 10.05 9.99
CA LYS A 11 39.14 10.38 9.74
C LYS A 11 39.62 9.72 8.45
N TRP A 12 40.49 10.42 7.74
CA TRP A 12 41.16 9.80 6.60
C TRP A 12 42.35 9.00 7.08
N LYS A 13 42.35 7.72 6.75
CA LYS A 13 43.34 6.78 7.25
C LYS A 13 44.05 6.14 6.07
N SER A 14 45.34 5.93 6.24
CA SER A 14 46.15 5.24 5.26
C SER A 14 46.72 3.97 5.90
N SER A 15 47.48 3.22 5.13
CA SER A 15 48.02 1.95 5.60
C SER A 15 49.50 1.86 5.28
N GLU A 16 50.17 0.88 5.87
CA GLU A 16 51.56 0.63 5.53
C GLU A 16 51.70 0.23 4.07
N GLN A 17 50.88 -0.73 3.62
CA GLN A 17 50.90 -1.13 2.23
C GLN A 17 49.80 -0.41 1.47
N GLU A 18 50.09 -0.04 0.22
CA GLU A 18 49.11 0.56 -0.66
C GLU A 18 49.08 -0.20 -1.97
N ILE A 19 47.88 -0.35 -2.51
CA ILE A 19 47.68 -0.96 -3.82
C ILE A 19 47.78 0.13 -4.87
N THR A 20 48.51 -0.14 -5.94
CA THR A 20 48.60 0.82 -7.04
C THR A 20 47.56 0.47 -8.10
N ILE A 21 46.95 1.49 -8.68
CA ILE A 21 45.91 1.33 -9.69
C ILE A 21 46.35 2.04 -10.96
N TYR A 22 46.26 1.33 -12.08
CA TYR A 22 46.70 1.82 -13.38
C TYR A 22 45.51 1.90 -14.32
N SER A 23 45.62 2.79 -15.30
CA SER A 23 44.54 2.97 -16.27
C SER A 23 44.38 1.71 -17.10
N PRO A 24 43.17 1.18 -17.26
CA PRO A 24 42.96 0.08 -18.22
C PRO A 24 43.22 0.47 -19.66
N ILE A 25 43.25 1.77 -19.99
CA ILE A 25 43.36 2.14 -21.40
C ILE A 25 44.83 2.16 -21.82
N ASN A 26 45.72 2.63 -20.96
CA ASN A 26 47.13 2.72 -21.32
C ASN A 26 48.08 2.38 -20.17
N GLN A 27 47.61 1.77 -19.09
CA GLN A 27 48.40 1.32 -17.96
C GLN A 27 49.16 2.45 -17.29
N GLU A 28 48.65 3.68 -17.32
CA GLU A 28 49.49 4.82 -16.96
C GLU A 28 49.91 4.82 -15.49
N GLU A 29 49.03 5.36 -14.64
CA GLU A 29 49.00 5.20 -13.19
C GLU A 29 47.94 6.19 -12.74
N LEU A 30 47.27 5.93 -11.63
CA LEU A 30 46.29 6.89 -11.14
C LEU A 30 46.48 7.22 -9.68
N GLY A 31 47.28 6.47 -8.96
CA GLY A 31 47.44 6.64 -7.55
C GLY A 31 47.37 5.31 -6.85
N THR A 32 47.33 5.37 -5.53
CA THR A 32 47.33 4.17 -4.71
C THR A 32 46.18 4.25 -3.73
N VAL A 33 45.72 3.09 -3.27
CA VAL A 33 44.70 3.05 -2.21
C VAL A 33 45.26 2.21 -1.07
N PRO A 34 44.87 2.48 0.17
CA PRO A 34 45.41 1.70 1.30
C PRO A 34 45.00 0.24 1.25
N ALA A 35 45.98 -0.66 1.29
CA ALA A 35 45.66 -2.08 1.42
C ALA A 35 45.50 -2.43 2.88
N MET A 36 44.28 -2.31 3.41
CA MET A 36 44.09 -2.49 4.83
C MET A 36 44.38 -3.91 5.25
N THR A 37 44.73 -4.06 6.52
CA THR A 37 44.86 -5.33 7.19
C THR A 37 43.57 -5.62 7.93
N GLN A 38 43.46 -6.84 8.47
CA GLN A 38 42.22 -7.24 9.12
C GLN A 38 41.93 -6.45 10.38
N THR A 39 42.95 -6.05 11.13
CA THR A 39 42.71 -5.24 12.33
C THR A 39 42.16 -3.87 11.95
N GLU A 40 42.63 -3.31 10.85
CA GLU A 40 42.10 -2.04 10.36
C GLU A 40 40.63 -2.18 9.98
N ALA A 41 40.28 -3.30 9.36
CA ALA A 41 38.89 -3.58 9.04
C ALA A 41 38.06 -3.70 10.32
N ASP A 42 38.63 -4.30 11.36
CA ASP A 42 37.93 -4.37 12.64
C ASP A 42 37.69 -2.99 13.23
N GLU A 43 38.68 -2.11 13.15
CA GLU A 43 38.50 -0.77 13.69
C GLU A 43 37.45 0.00 12.90
N ALA A 44 37.39 -0.17 11.58
CA ALA A 44 36.31 0.45 10.82
C ALA A 44 34.95 -0.11 11.21
N MET A 45 34.84 -1.43 11.39
CA MET A 45 33.59 -2.03 11.83
C MET A 45 33.16 -1.52 13.20
N GLN A 46 34.10 -1.40 14.14
CA GLN A 46 33.77 -0.88 15.46
C GLN A 46 33.38 0.58 15.40
N ALA A 47 34.02 1.36 14.54
CA ALA A 47 33.61 2.74 14.34
C ALA A 47 32.17 2.82 13.90
N ALA A 48 31.79 1.97 12.95
CA ALA A 48 30.41 1.92 12.49
C ALA A 48 29.45 1.51 13.60
N ARG A 49 29.81 0.48 14.37
CA ARG A 49 28.94 0.04 15.45
C ARG A 49 28.76 1.09 16.52
N ALA A 50 29.78 1.90 16.79
CA ALA A 50 29.65 3.00 17.73
C ALA A 50 28.90 4.19 17.15
N ALA A 51 28.94 4.39 15.83
CA ALA A 51 28.18 5.46 15.23
C ALA A 51 26.70 5.13 15.07
N LEU A 52 26.35 3.85 15.04
CA LEU A 52 24.99 3.43 14.76
C LEU A 52 23.92 4.07 15.65
N PRO A 53 24.08 4.09 16.99
CA PRO A 53 22.98 4.61 17.82
C PRO A 53 22.60 6.05 17.57
N ALA A 54 23.56 6.95 17.40
CA ALA A 54 23.26 8.34 17.13
C ALA A 54 22.76 8.59 15.72
N TRP A 55 23.08 7.71 14.78
CA TRP A 55 22.53 7.82 13.44
C TRP A 55 21.07 7.35 13.40
N ARG A 56 20.75 6.25 14.08
CA ARG A 56 19.36 5.88 14.24
C ARG A 56 18.57 6.92 15.01
N ALA A 57 19.16 7.50 16.05
CA ALA A 57 18.44 8.49 16.85
C ALA A 57 18.08 9.72 16.05
N LEU A 58 18.78 9.99 14.95
CA LEU A 58 18.52 11.14 14.13
C LEU A 58 17.12 11.02 13.53
N SER A 59 16.56 12.16 13.13
CA SER A 59 15.30 12.11 12.43
C SER A 59 15.54 11.82 10.95
N ALA A 60 14.51 11.29 10.30
CA ALA A 60 14.65 10.88 8.91
C ALA A 60 15.00 12.05 8.01
N ILE A 61 14.41 13.22 8.27
CA ILE A 61 14.73 14.40 7.47
C ILE A 61 16.16 14.87 7.76
N GLU A 62 16.65 14.66 8.98
CA GLU A 62 18.03 15.01 9.29
C GLU A 62 19.01 14.09 8.59
N ARG A 63 18.73 12.80 8.54
CA ARG A 63 19.54 11.90 7.75
C ARG A 63 19.48 12.22 6.27
N ALA A 64 18.32 12.61 5.77
CA ALA A 64 18.17 13.00 4.38
C ALA A 64 18.90 14.28 4.04
N ALA A 65 19.09 15.18 5.00
CA ALA A 65 19.82 16.41 4.73
C ALA A 65 21.26 16.14 4.31
N TYR A 66 21.92 15.22 5.01
CA TYR A 66 23.27 14.83 4.63
C TYR A 66 23.29 14.22 3.24
N LEU A 67 22.26 13.42 2.91
CA LEU A 67 22.21 12.77 1.60
C LEU A 67 22.07 13.80 0.49
N HIS A 68 21.21 14.79 0.71
CA HIS A 68 21.05 15.85 -0.27
C HIS A 68 22.32 16.68 -0.42
N LYS A 69 23.03 16.93 0.68
CA LYS A 69 24.30 17.66 0.60
C LYS A 69 25.35 16.86 -0.16
N THR A 70 25.42 15.55 0.08
CA THR A 70 26.32 14.69 -0.70
C THR A 70 25.99 14.74 -2.18
N ALA A 71 24.69 14.67 -2.50
CA ALA A 71 24.27 14.74 -3.89
C ALA A 71 24.70 16.06 -4.53
N ALA A 72 24.56 17.15 -3.80
CA ALA A 72 25.01 18.44 -4.32
C ALA A 72 26.51 18.48 -4.55
N ILE A 73 27.30 17.97 -3.61
CA ILE A 73 28.75 18.00 -3.79
C ILE A 73 29.15 17.11 -4.96
N LEU A 74 28.49 15.96 -5.11
CA LEU A 74 28.77 15.09 -6.24
C LEU A 74 28.49 15.79 -7.56
N GLU A 75 27.33 16.45 -7.66
CA GLU A 75 27.04 17.21 -8.87
C GLU A 75 27.99 18.39 -9.06
N ARG A 76 28.64 18.85 -7.99
CA ARG A 76 29.62 19.93 -8.13
C ARG A 76 30.87 19.43 -8.84
N ASP A 77 31.55 18.45 -8.27
CA ASP A 77 32.75 17.87 -8.88
C ASP A 77 32.44 16.79 -9.89
N LYS A 78 31.50 17.03 -10.81
CA LYS A 78 31.09 16.00 -11.76
C LYS A 78 32.21 15.69 -12.73
N GLU A 79 32.85 16.72 -13.29
CA GLU A 79 33.90 16.50 -14.28
C GLU A 79 35.17 15.92 -13.68
N LYS A 80 35.54 16.31 -12.47
CA LYS A 80 36.69 15.73 -11.81
C LYS A 80 36.51 14.25 -11.48
N ILE A 81 35.40 13.93 -10.78
CA ILE A 81 35.11 12.53 -10.46
C ILE A 81 34.97 11.74 -11.74
N GLY A 82 34.33 12.33 -12.75
CA GLY A 82 34.11 11.67 -14.01
C GLY A 82 35.39 11.36 -14.75
N THR A 83 36.34 12.29 -14.75
CA THR A 83 37.62 12.05 -15.40
C THR A 83 38.38 10.94 -14.70
N ILE A 84 38.42 10.96 -13.37
CA ILE A 84 39.08 9.87 -12.67
C ILE A 84 38.35 8.56 -12.89
N LEU A 85 37.02 8.58 -13.05
CA LEU A 85 36.25 7.37 -13.31
C LEU A 85 36.57 6.79 -14.69
N ALA A 86 36.52 7.63 -15.72
CA ALA A 86 36.87 7.22 -17.07
C ALA A 86 38.31 6.76 -17.17
N LYS A 87 39.18 7.24 -16.29
CA LYS A 87 40.52 6.71 -16.14
C LYS A 87 40.54 5.36 -15.45
N GLU A 88 39.76 5.21 -14.38
CA GLU A 88 39.75 4.00 -13.57
C GLU A 88 39.28 2.80 -14.35
N VAL A 89 38.20 2.93 -15.11
CA VAL A 89 37.55 1.77 -15.69
C VAL A 89 37.33 1.89 -17.19
N ALA A 90 37.95 2.86 -17.85
CA ALA A 90 37.97 2.97 -19.30
C ALA A 90 36.56 3.09 -19.87
N LYS A 91 35.78 3.99 -19.27
CA LYS A 91 34.34 3.98 -19.51
C LYS A 91 33.88 4.95 -20.59
N GLY A 92 34.54 6.07 -20.78
CA GLY A 92 34.03 7.06 -21.70
C GLY A 92 33.61 8.30 -20.92
N ILE A 93 34.27 9.41 -21.16
CA ILE A 93 34.18 10.55 -20.27
C ILE A 93 32.77 11.14 -20.25
N LYS A 94 32.07 11.17 -21.38
CA LYS A 94 30.67 11.60 -21.39
C LYS A 94 29.73 10.59 -20.77
N ALA A 95 30.20 9.37 -20.56
CA ALA A 95 29.40 8.33 -19.92
C ALA A 95 29.90 8.15 -18.51
N ALA A 96 31.04 8.75 -18.21
CA ALA A 96 31.55 8.77 -16.84
C ALA A 96 31.00 9.94 -16.04
N ILE A 97 30.91 11.13 -16.62
CA ILE A 97 30.24 12.23 -15.93
C ILE A 97 28.75 11.97 -15.81
N GLY A 98 28.15 11.28 -16.78
CA GLY A 98 26.77 10.85 -16.66
C GLY A 98 26.53 9.90 -15.51
N GLU A 99 27.47 9.02 -15.21
CA GLU A 99 27.35 8.17 -14.05
C GLU A 99 27.33 8.98 -12.76
N VAL A 100 28.20 9.98 -12.64
CA VAL A 100 28.21 10.85 -11.48
C VAL A 100 26.91 11.61 -11.32
N VAL A 101 26.34 12.12 -12.41
CA VAL A 101 25.08 12.86 -12.34
C VAL A 101 23.90 11.95 -12.00
N ARG A 102 23.79 10.81 -12.68
CA ARG A 102 22.76 9.85 -12.35
C ARG A 102 22.90 9.32 -10.93
N THR A 103 24.11 9.38 -10.38
CA THR A 103 24.35 8.97 -9.00
C THR A 103 23.77 9.98 -8.01
N ALA A 104 23.99 11.27 -8.27
CA ALA A 104 23.42 12.30 -7.42
C ALA A 104 21.89 12.27 -7.50
N ASP A 105 21.34 12.05 -8.69
CA ASP A 105 19.89 11.89 -8.81
C ASP A 105 19.37 10.71 -8.01
N LEU A 106 20.08 9.59 -8.04
CA LEU A 106 19.72 8.44 -7.23
C LEU A 106 19.78 8.73 -5.75
N ILE A 107 20.79 9.48 -5.31
CA ILE A 107 20.91 9.79 -3.89
C ILE A 107 19.78 10.68 -3.42
N ARG A 108 19.44 11.70 -4.21
CA ARG A 108 18.29 12.54 -3.89
C ARG A 108 17.01 11.73 -3.81
N TYR A 109 16.75 10.90 -4.82
CA TYR A 109 15.53 10.10 -4.79
C TYR A 109 15.51 9.14 -3.61
N ALA A 110 16.66 8.59 -3.24
CA ALA A 110 16.69 7.65 -2.11
C ALA A 110 16.40 8.36 -0.80
N ALA A 111 16.95 9.56 -0.60
CA ALA A 111 16.64 10.33 0.59
C ALA A 111 15.15 10.66 0.66
N GLU A 112 14.59 11.15 -0.44
CA GLU A 112 13.19 11.53 -0.44
C GLU A 112 12.26 10.34 -0.32
N GLU A 113 12.69 9.18 -0.81
CA GLU A 113 11.88 7.97 -0.70
C GLU A 113 11.95 7.37 0.70
N GLY A 114 13.10 7.48 1.36
CA GLY A 114 13.24 7.03 2.72
C GLY A 114 12.58 7.91 3.74
N LEU A 115 12.33 9.17 3.42
CA LEU A 115 11.51 10.02 4.27
C LEU A 115 10.10 9.48 4.46
N ARG A 116 9.57 8.81 3.46
CA ARG A 116 8.15 8.49 3.40
C ARG A 116 7.84 7.04 3.70
N ILE A 117 8.77 6.29 4.29
CA ILE A 117 8.49 4.89 4.56
C ILE A 117 7.48 4.83 5.70
N THR A 118 6.29 4.35 5.39
CA THR A 118 5.19 4.32 6.34
C THR A 118 4.95 2.89 6.80
N GLY A 119 4.52 2.76 8.04
CA GLY A 119 4.26 1.47 8.64
C GLY A 119 2.80 1.07 8.51
N GLN A 120 2.46 -0.03 9.15
CA GLN A 120 1.10 -0.53 9.18
C GLN A 120 0.57 -0.52 10.60
N ALA A 121 -0.73 -0.39 10.72
CA ALA A 121 -1.42 -0.54 12.00
C ALA A 121 -2.44 -1.64 11.79
N MET A 122 -2.04 -2.87 12.06
CA MET A 122 -2.85 -4.04 11.80
C MET A 122 -3.69 -4.37 13.02
N GLU A 123 -4.91 -4.80 12.78
CA GLU A 123 -5.80 -5.27 13.84
C GLU A 123 -5.97 -6.78 13.70
N GLY A 124 -6.37 -7.42 14.79
CA GLY A 124 -6.53 -8.86 14.76
C GLY A 124 -7.96 -9.29 14.61
N GLY A 125 -8.87 -8.33 14.53
CA GLY A 125 -10.28 -8.65 14.48
C GLY A 125 -10.70 -9.36 13.20
N GLY A 126 -10.03 -9.04 12.09
CA GLY A 126 -10.31 -9.71 10.85
C GLY A 126 -9.86 -11.16 10.79
N PHE A 127 -8.86 -11.53 11.59
CA PHE A 127 -8.37 -12.90 11.64
C PHE A 127 -9.07 -13.74 12.69
N GLU A 128 -9.37 -13.19 13.86
CA GLU A 128 -10.10 -13.91 14.88
C GLU A 128 -10.79 -12.91 15.79
N ALA A 129 -11.89 -13.34 16.39
CA ALA A 129 -12.68 -12.49 17.26
C ALA A 129 -12.09 -12.36 18.65
N ALA A 130 -11.08 -13.15 18.98
CA ALA A 130 -10.38 -13.03 20.25
C ALA A 130 -9.27 -12.00 20.22
N SER A 131 -8.73 -11.67 19.07
CA SER A 131 -7.65 -10.70 18.94
C SER A 131 -8.16 -9.37 18.43
N LYS A 132 -9.47 -9.14 18.56
CA LYS A 132 -10.08 -7.96 17.96
C LYS A 132 -9.70 -6.67 18.68
N ASN A 133 -9.08 -6.76 19.84
CA ASN A 133 -8.70 -5.59 20.62
C ASN A 133 -7.19 -5.38 20.58
N LYS A 134 -6.49 -6.18 19.78
CA LYS A 134 -5.04 -6.10 19.68
C LYS A 134 -4.67 -5.36 18.42
N LEU A 135 -3.75 -4.40 18.55
CA LEU A 135 -3.25 -3.61 17.44
C LEU A 135 -1.75 -3.84 17.31
N ALA A 136 -1.32 -4.19 16.11
CA ALA A 136 0.10 -4.29 15.79
C ALA A 136 0.49 -3.04 15.04
N VAL A 137 1.40 -2.25 15.62
CA VAL A 137 2.00 -1.11 14.92
C VAL A 137 3.31 -1.62 14.32
N VAL A 138 3.33 -1.79 13.01
CA VAL A 138 4.42 -2.47 12.32
C VAL A 138 5.23 -1.39 11.61
N ARG A 139 6.46 -1.21 12.03
CA ARG A 139 7.38 -0.28 11.41
C ARG A 139 8.69 -0.99 11.10
N ARG A 140 9.60 -0.28 10.46
CA ARG A 140 10.86 -0.84 10.00
C ARG A 140 12.01 -0.16 10.71
N GLU A 141 12.96 -0.96 11.19
CA GLU A 141 14.15 -0.50 11.85
C GLU A 141 15.37 -0.87 11.02
N PRO A 142 16.47 -0.11 11.15
CA PRO A 142 17.68 -0.46 10.41
C PRO A 142 18.15 -1.86 10.74
N VAL A 143 18.75 -2.53 9.76
CA VAL A 143 19.41 -3.80 10.08
C VAL A 143 20.62 -3.57 10.96
N GLY A 144 21.32 -2.45 10.76
CA GLY A 144 22.52 -2.18 11.51
C GLY A 144 23.64 -1.68 10.62
N ILE A 145 24.71 -2.44 10.52
CA ILE A 145 25.81 -2.13 9.61
C ILE A 145 25.57 -2.82 8.27
N VAL A 146 25.58 -2.04 7.21
CA VAL A 146 25.43 -2.57 5.86
C VAL A 146 26.79 -2.58 5.20
N LEU A 147 27.18 -3.72 4.66
CA LEU A 147 28.38 -3.85 3.84
C LEU A 147 27.97 -3.75 2.38
N ALA A 148 28.42 -2.72 1.70
CA ALA A 148 28.16 -2.53 0.28
C ALA A 148 29.44 -2.87 -0.47
N ILE A 149 29.37 -3.87 -1.35
CA ILE A 149 30.48 -4.19 -2.22
C ILE A 149 30.09 -3.78 -3.64
N ALA A 150 30.84 -2.84 -4.21
CA ALA A 150 30.55 -2.29 -5.52
C ALA A 150 31.30 -3.05 -6.61
N PRO A 151 30.80 -3.00 -7.86
CA PRO A 151 31.50 -3.64 -8.98
C PRO A 151 32.36 -2.64 -9.72
N PHE A 152 33.15 -3.10 -10.69
CA PHE A 152 33.98 -2.15 -11.42
C PHE A 152 33.17 -1.34 -12.43
N ASN A 153 32.06 -1.89 -12.93
CA ASN A 153 31.31 -1.28 -14.00
C ASN A 153 30.88 0.12 -13.65
N TYR A 154 30.09 0.21 -12.59
CA TYR A 154 29.57 1.46 -12.07
C TYR A 154 30.02 1.51 -10.62
N PRO A 155 31.21 2.04 -10.35
CA PRO A 155 31.74 2.02 -8.98
C PRO A 155 31.30 3.19 -8.10
N VAL A 156 30.54 4.15 -8.62
CA VAL A 156 30.00 5.22 -7.79
C VAL A 156 28.48 5.15 -7.85
N ASN A 157 27.96 4.57 -8.91
CA ASN A 157 26.52 4.46 -9.13
C ASN A 157 25.94 3.22 -8.49
N LEU A 158 26.50 2.05 -8.78
CA LEU A 158 26.09 0.82 -8.14
C LEU A 158 26.60 0.73 -6.71
N SER A 159 27.41 1.70 -6.30
CA SER A 159 27.82 1.89 -4.92
C SER A 159 26.86 2.79 -4.16
N ALA A 160 26.48 3.93 -4.76
CA ALA A 160 25.50 4.80 -4.13
C ALA A 160 24.14 4.11 -4.04
N SER A 161 23.82 3.26 -5.01
CA SER A 161 22.57 2.53 -4.99
C SER A 161 22.46 1.57 -3.81
N LYS A 162 23.57 1.28 -3.14
CA LYS A 162 23.57 0.53 -1.89
C LYS A 162 23.76 1.42 -0.66
N ILE A 163 24.56 2.47 -0.78
CA ILE A 163 24.84 3.35 0.35
C ILE A 163 23.64 4.21 0.69
N ALA A 164 23.12 4.98 -0.27
CA ALA A 164 22.03 5.91 0.02
C ALA A 164 20.77 5.23 0.53
N PRO A 165 20.28 4.15 -0.09
CA PRO A 165 19.11 3.47 0.48
C PRO A 165 19.35 2.91 1.85
N ALA A 166 20.59 2.52 2.14
CA ALA A 166 20.94 2.04 3.47
C ALA A 166 21.03 3.16 4.49
N LEU A 167 21.69 4.25 4.11
CA LEU A 167 21.87 5.36 5.04
C LEU A 167 20.55 6.02 5.39
N ILE A 168 19.70 6.25 4.41
CA ILE A 168 18.46 6.96 4.69
C ILE A 168 17.56 6.15 5.62
N ALA A 169 17.70 4.84 5.61
CA ALA A 169 16.90 3.98 6.47
C ALA A 169 17.46 3.86 7.87
N GLY A 170 18.56 4.55 8.18
CA GLY A 170 19.12 4.57 9.50
C GLY A 170 20.31 3.67 9.73
N ASN A 171 20.73 2.92 8.72
CA ASN A 171 21.89 2.05 8.82
C ASN A 171 23.17 2.85 8.66
N VAL A 172 24.26 2.29 9.14
CA VAL A 172 25.59 2.80 8.83
C VAL A 172 26.20 1.85 7.82
N VAL A 173 27.15 2.36 7.05
CA VAL A 173 27.56 1.69 5.83
C VAL A 173 29.07 1.44 5.85
N MET A 174 29.44 0.22 5.48
CA MET A 174 30.80 -0.12 5.07
C MET A 174 30.79 -0.21 3.56
N LEU A 175 31.63 0.57 2.90
CA LEU A 175 31.76 0.48 1.46
C LEU A 175 33.08 -0.19 1.12
N LYS A 176 33.00 -1.31 0.42
CA LYS A 176 34.16 -1.99 -0.13
C LYS A 176 34.15 -1.72 -1.63
N PRO A 177 34.91 -0.73 -2.11
CA PRO A 177 34.93 -0.45 -3.53
C PRO A 177 35.53 -1.63 -4.30
N PRO A 178 35.35 -1.67 -5.61
CA PRO A 178 36.03 -2.69 -6.40
C PRO A 178 37.53 -2.51 -6.29
N THR A 179 38.28 -3.59 -6.48
CA THR A 179 39.73 -3.47 -6.40
C THR A 179 40.28 -2.58 -7.49
N GLN A 180 39.59 -2.49 -8.63
CA GLN A 180 40.05 -1.66 -9.73
C GLN A 180 39.52 -0.23 -9.60
N GLY A 181 38.20 -0.06 -9.60
CA GLY A 181 37.64 1.27 -9.45
C GLY A 181 37.51 1.74 -8.02
N SER A 182 38.50 1.43 -7.18
CA SER A 182 38.45 1.84 -5.78
C SER A 182 38.66 3.33 -5.62
N ILE A 183 39.43 3.94 -6.51
CA ILE A 183 39.69 5.37 -6.40
C ILE A 183 38.39 6.15 -6.52
N SER A 184 37.50 5.68 -7.40
CA SER A 184 36.18 6.29 -7.53
C SER A 184 35.34 6.13 -6.27
N GLY A 185 35.42 4.96 -5.63
CA GLY A 185 34.75 4.79 -4.34
C GLY A 185 35.28 5.71 -3.26
N LEU A 186 36.58 5.95 -3.24
CA LEU A 186 37.16 6.90 -2.30
C LEU A 186 36.77 8.33 -2.65
N LEU A 187 36.57 8.63 -3.92
CA LEU A 187 36.02 9.93 -4.30
C LEU A 187 34.58 10.10 -3.80
N LEU A 188 33.78 9.04 -3.90
CA LEU A 188 32.43 9.06 -3.33
C LEU A 188 32.49 9.28 -1.83
N ALA A 189 33.44 8.63 -1.16
CA ALA A 189 33.63 8.87 0.28
C ALA A 189 34.03 10.30 0.56
N LYS A 190 34.88 10.88 -0.28
CA LYS A 190 35.23 12.29 -0.16
C LYS A 190 33.98 13.15 -0.16
N ALA A 191 33.07 12.88 -1.10
CA ALA A 191 31.83 13.66 -1.17
C ALA A 191 30.97 13.47 0.07
N PHE A 192 30.85 12.23 0.54
CA PHE A 192 30.05 11.97 1.75
C PHE A 192 30.64 12.66 2.97
N GLU A 193 31.96 12.62 3.12
CA GLU A 193 32.60 13.27 4.26
C GLU A 193 32.51 14.78 4.16
N GLU A 194 32.57 15.33 2.95
CA GLU A 194 32.43 16.77 2.80
C GLU A 194 31.02 17.21 3.15
N ALA A 195 30.02 16.41 2.81
CA ALA A 195 28.65 16.74 3.22
C ALA A 195 28.56 16.92 4.72
N GLY A 196 29.33 16.16 5.48
CA GLY A 196 29.35 16.33 6.91
C GLY A 196 28.69 15.17 7.62
N ILE A 197 28.55 14.04 6.93
CA ILE A 197 27.91 12.89 7.56
C ILE A 197 28.70 12.48 8.79
N PRO A 198 28.05 12.13 9.89
CA PRO A 198 28.76 11.94 11.15
C PRO A 198 29.88 10.91 11.09
N ALA A 199 30.76 10.97 12.08
CA ALA A 199 31.88 10.04 12.13
C ALA A 199 31.38 8.62 12.29
N GLY A 200 31.91 7.72 11.49
CA GLY A 200 31.59 6.31 11.58
C GLY A 200 30.30 5.89 10.92
N VAL A 201 29.59 6.81 10.27
CA VAL A 201 28.32 6.49 9.64
C VAL A 201 28.59 5.95 8.25
N PHE A 202 29.62 6.46 7.60
CA PHE A 202 30.08 5.96 6.31
C PHE A 202 31.58 5.76 6.41
N ASN A 203 32.04 4.52 6.31
CA ASN A 203 33.46 4.22 6.23
C ASN A 203 33.75 3.46 4.95
N THR A 204 34.99 3.54 4.50
CA THR A 204 35.47 2.82 3.33
C THR A 204 36.56 1.86 3.75
N ILE A 205 36.55 0.67 3.15
CA ILE A 205 37.57 -0.34 3.41
C ILE A 205 38.12 -0.90 2.11
N THR A 206 39.30 -0.42 1.72
CA THR A 206 40.02 -0.94 0.58
C THR A 206 41.08 -1.95 1.02
N GLY A 207 41.50 -2.78 0.09
CA GLY A 207 42.52 -3.76 0.41
C GLY A 207 42.58 -4.83 -0.66
N ARG A 208 43.29 -5.90 -0.32
CA ARG A 208 43.44 -7.05 -1.18
C ARG A 208 42.40 -8.09 -0.83
N GLY A 209 41.83 -8.72 -1.85
CA GLY A 209 40.80 -9.71 -1.61
C GLY A 209 41.25 -10.87 -0.74
N SER A 210 42.45 -11.37 -0.94
CA SER A 210 42.95 -12.52 -0.19
C SER A 210 43.17 -12.23 1.29
N GLU A 211 43.14 -10.97 1.70
CA GLU A 211 43.34 -10.61 3.10
C GLU A 211 42.04 -10.19 3.79
N ILE A 212 41.28 -9.28 3.18
CA ILE A 212 40.09 -8.74 3.85
C ILE A 212 38.83 -8.95 3.01
N GLY A 213 38.84 -9.91 2.10
CA GLY A 213 37.68 -10.15 1.27
C GLY A 213 36.63 -10.99 1.96
N ASP A 214 37.00 -12.21 2.34
CA ASP A 214 36.13 -13.02 3.19
C ASP A 214 36.08 -12.50 4.61
N TYR A 215 37.09 -11.73 5.02
CA TYR A 215 37.16 -11.28 6.39
C TYR A 215 36.04 -10.31 6.73
N ILE A 216 35.78 -9.34 5.85
CA ILE A 216 34.75 -8.36 6.13
C ILE A 216 33.37 -8.94 5.88
N ILE A 217 33.25 -9.93 4.99
CA ILE A 217 31.97 -10.55 4.76
C ILE A 217 31.58 -11.41 5.95
N GLU A 218 32.53 -12.11 6.55
CA GLU A 218 32.26 -13.02 7.65
C GLU A 218 32.22 -12.33 9.00
N HIS A 219 32.56 -11.04 9.06
CA HIS A 219 32.57 -10.32 10.32
C HIS A 219 31.20 -10.37 10.98
N LYS A 220 31.19 -10.54 12.30
CA LYS A 220 29.93 -10.56 13.03
C LYS A 220 29.33 -9.18 13.18
N GLU A 221 30.09 -8.14 12.89
CA GLU A 221 29.56 -6.78 12.96
C GLU A 221 28.66 -6.47 11.77
N VAL A 222 28.91 -7.11 10.63
CA VAL A 222 28.12 -6.85 9.44
C VAL A 222 26.73 -7.44 9.63
N ASN A 223 25.70 -6.63 9.36
CA ASN A 223 24.32 -7.07 9.48
C ASN A 223 23.65 -7.33 8.14
N PHE A 224 24.23 -6.85 7.05
CA PHE A 224 23.65 -6.96 5.73
C PHE A 224 24.79 -6.84 4.73
N ILE A 225 24.77 -7.69 3.71
CA ILE A 225 25.75 -7.61 2.63
C ILE A 225 24.99 -7.27 1.36
N ASN A 226 25.34 -6.16 0.75
CA ASN A 226 24.80 -5.75 -0.54
C ASN A 226 25.93 -5.85 -1.55
N PHE A 227 25.87 -6.87 -2.41
CA PHE A 227 26.97 -7.19 -3.31
C PHE A 227 26.45 -7.23 -4.74
N THR A 228 27.14 -6.54 -5.65
CA THR A 228 26.93 -6.71 -7.08
C THR A 228 28.26 -7.06 -7.70
N GLY A 229 28.26 -8.06 -8.55
CA GLY A 229 29.48 -8.51 -9.17
C GLY A 229 29.23 -9.73 -10.02
N SER A 230 30.14 -10.68 -9.96
CA SER A 230 30.07 -11.87 -10.79
C SER A 230 29.38 -13.00 -10.03
N THR A 231 28.73 -13.89 -10.77
CA THR A 231 27.92 -14.93 -10.14
C THR A 231 28.70 -15.88 -9.24
N PRO A 232 29.90 -16.40 -9.61
CA PRO A 232 30.65 -17.23 -8.68
C PRO A 232 30.99 -16.59 -7.34
N ILE A 233 31.47 -15.34 -7.38
CA ILE A 233 31.74 -14.62 -6.14
C ILE A 233 30.45 -14.41 -5.36
N GLY A 234 29.35 -14.18 -6.07
CA GLY A 234 28.07 -14.06 -5.40
C GLY A 234 27.63 -15.33 -4.71
N GLU A 235 27.89 -16.49 -5.31
CA GLU A 235 27.60 -17.76 -4.65
C GLU A 235 28.46 -17.94 -3.40
N ARG A 236 29.73 -17.59 -3.49
CA ARG A 236 30.58 -17.66 -2.32
C ARG A 236 30.06 -16.76 -1.20
N ILE A 237 29.63 -15.55 -1.54
CA ILE A 237 29.06 -14.65 -0.54
C ILE A 237 27.78 -15.22 0.04
N GLY A 238 26.95 -15.82 -0.80
CA GLY A 238 25.72 -16.42 -0.30
C GLY A 238 25.98 -17.50 0.73
N ARG A 239 27.05 -18.28 0.52
CA ARG A 239 27.44 -19.26 1.55
C ARG A 239 28.05 -18.59 2.77
N LEU A 240 28.92 -17.60 2.56
CA LEU A 240 29.68 -17.00 3.66
C LEU A 240 28.82 -16.13 4.55
N ALA A 241 27.68 -15.66 4.07
CA ALA A 241 26.81 -14.82 4.87
C ALA A 241 26.01 -15.60 5.90
N GLY A 242 25.95 -16.90 5.79
CA GLY A 242 25.17 -17.67 6.74
C GLY A 242 23.70 -17.37 6.55
N MET A 243 23.05 -16.97 7.64
CA MET A 243 21.66 -16.57 7.61
C MET A 243 21.48 -15.06 7.72
N ARG A 244 22.56 -14.30 7.63
CA ARG A 244 22.46 -12.85 7.56
C ARG A 244 21.86 -12.44 6.22
N PRO A 245 21.08 -11.35 6.20
CA PRO A 245 20.43 -10.94 4.96
C PRO A 245 21.45 -10.45 3.95
N ILE A 246 21.16 -10.73 2.67
CA ILE A 246 22.04 -10.33 1.57
C ILE A 246 21.19 -9.83 0.43
N MET A 247 21.83 -9.06 -0.45
CA MET A 247 21.24 -8.65 -1.72
C MET A 247 22.34 -8.82 -2.76
N LEU A 248 22.20 -9.83 -3.60
CA LEU A 248 23.19 -10.15 -4.62
C LEU A 248 22.66 -9.75 -5.98
N GLU A 249 23.47 -9.05 -6.75
CA GLU A 249 23.14 -8.65 -8.11
C GLU A 249 24.23 -9.23 -9.01
N LEU A 250 23.99 -10.43 -9.51
CA LEU A 250 25.02 -11.19 -10.21
C LEU A 250 24.89 -11.03 -11.73
N GLY A 251 25.53 -11.93 -12.47
CA GLY A 251 25.60 -11.80 -13.91
C GLY A 251 24.27 -11.95 -14.60
N GLY A 252 24.28 -11.70 -15.89
CA GLY A 252 23.09 -11.81 -16.70
C GLY A 252 23.43 -12.16 -18.13
N LYS A 253 22.50 -12.83 -18.79
CA LYS A 253 22.61 -13.22 -20.18
C LYS A 253 21.35 -12.77 -20.90
N ASP A 254 20.99 -11.50 -20.75
CA ASP A 254 19.69 -11.02 -21.21
C ASP A 254 19.50 -11.31 -22.68
N ALA A 255 18.31 -11.80 -23.02
CA ALA A 255 17.94 -12.17 -24.37
C ALA A 255 17.00 -11.13 -24.97
N ALA A 256 17.15 -10.91 -26.26
CA ALA A 256 16.23 -10.10 -27.04
C ALA A 256 15.46 -11.06 -27.93
N LEU A 257 14.23 -11.38 -27.55
CA LEU A 257 13.39 -12.27 -28.34
C LEU A 257 12.75 -11.45 -29.44
N VAL A 258 13.11 -11.74 -30.69
CA VAL A 258 12.59 -11.02 -31.84
C VAL A 258 11.65 -11.94 -32.60
N LEU A 259 10.39 -11.51 -32.74
CA LEU A 259 9.41 -12.29 -33.46
C LEU A 259 9.23 -11.75 -34.88
N GLU A 260 8.30 -12.33 -35.62
CA GLU A 260 8.13 -11.94 -37.02
C GLU A 260 7.39 -10.62 -37.16
N ASP A 261 6.41 -10.36 -36.29
CA ASP A 261 5.68 -9.10 -36.34
C ASP A 261 6.49 -7.92 -35.85
N ALA A 262 7.68 -8.15 -35.30
CA ALA A 262 8.50 -7.10 -34.72
C ALA A 262 8.86 -6.02 -35.72
N ASP A 263 9.10 -4.81 -35.22
CA ASP A 263 9.59 -3.69 -36.02
C ASP A 263 11.10 -3.80 -35.99
N LEU A 264 11.68 -4.40 -37.05
CA LEU A 264 13.05 -4.86 -36.99
C LEU A 264 14.06 -3.73 -36.89
N GLU A 265 13.74 -2.56 -37.44
CA GLU A 265 14.69 -1.44 -37.35
C GLU A 265 14.84 -0.97 -35.91
N HIS A 266 13.71 -0.78 -35.23
CA HIS A 266 13.71 -0.44 -33.81
C HIS A 266 14.39 -1.53 -33.00
N ALA A 267 14.09 -2.79 -33.31
CA ALA A 267 14.72 -3.90 -32.60
C ALA A 267 16.23 -3.86 -32.77
N ALA A 268 16.72 -3.65 -33.99
CA ALA A 268 18.15 -3.61 -34.22
C ALA A 268 18.82 -2.47 -33.47
N LYS A 269 18.23 -1.28 -33.53
CA LYS A 269 18.81 -0.15 -32.82
C LYS A 269 18.82 -0.37 -31.31
N GLN A 270 17.69 -0.82 -30.74
CA GLN A 270 17.61 -1.09 -29.31
C GLN A 270 18.59 -2.16 -28.90
N ILE A 271 18.70 -3.23 -29.70
CA ILE A 271 19.56 -4.35 -29.34
C ILE A 271 21.01 -3.92 -29.32
N VAL A 272 21.45 -3.15 -30.33
CA VAL A 272 22.85 -2.75 -30.36
C VAL A 272 23.15 -1.74 -29.25
N ALA A 273 22.24 -0.79 -29.01
CA ALA A 273 22.46 0.17 -27.93
C ALA A 273 22.52 -0.52 -26.58
N GLY A 274 21.65 -1.51 -26.36
CA GLY A 274 21.70 -2.26 -25.13
C GLY A 274 22.95 -3.12 -25.01
N ALA A 275 23.33 -3.78 -26.10
CA ALA A 275 24.35 -4.82 -26.04
C ALA A 275 25.75 -4.25 -25.93
N PHE A 276 26.02 -3.15 -26.62
CA PHE A 276 27.40 -2.66 -26.69
C PHE A 276 27.64 -1.42 -25.84
N SER A 277 26.76 -1.12 -24.90
CA SER A 277 26.99 0.00 -23.99
C SER A 277 28.08 -0.39 -23.01
N TYR A 278 29.13 0.44 -22.94
CA TYR A 278 30.29 0.19 -22.10
C TYR A 278 30.97 -1.14 -22.46
N SER A 279 31.07 -1.39 -23.77
CA SER A 279 31.75 -2.57 -24.32
C SER A 279 31.18 -3.88 -23.79
N GLY A 280 29.87 -3.90 -23.60
CA GLY A 280 29.19 -5.11 -23.19
C GLY A 280 29.40 -5.48 -21.75
N GLN A 281 30.07 -4.62 -20.97
CA GLN A 281 30.37 -4.94 -19.57
C GLN A 281 29.30 -4.40 -18.64
N ARG A 282 28.09 -4.88 -18.83
CA ARG A 282 26.99 -4.62 -17.92
C ARG A 282 26.23 -5.92 -17.75
N CYS A 283 25.69 -6.11 -16.56
CA CYS A 283 24.87 -7.28 -16.31
C CYS A 283 23.50 -7.18 -16.94
N THR A 284 23.00 -5.96 -17.15
CA THR A 284 21.68 -5.74 -17.71
C THR A 284 21.72 -5.37 -19.18
N ALA A 285 22.87 -5.51 -19.82
CA ALA A 285 22.97 -5.38 -21.27
C ALA A 285 22.37 -6.59 -21.97
N ILE A 286 21.89 -6.37 -23.19
CA ILE A 286 21.47 -7.48 -24.04
C ILE A 286 22.69 -8.30 -24.41
N LYS A 287 22.59 -9.63 -24.29
CA LYS A 287 23.75 -10.48 -24.47
C LYS A 287 23.52 -11.62 -25.46
N ARG A 288 22.32 -11.75 -26.01
CA ARG A 288 22.03 -12.73 -27.05
C ARG A 288 20.75 -12.32 -27.74
N VAL A 289 20.71 -12.50 -29.05
CA VAL A 289 19.53 -12.20 -29.85
C VAL A 289 18.90 -13.53 -30.24
N ILE A 290 17.68 -13.75 -29.79
CA ILE A 290 16.93 -14.95 -30.14
C ILE A 290 15.85 -14.55 -31.12
N VAL A 291 16.00 -14.95 -32.38
CA VAL A 291 15.19 -14.42 -33.46
C VAL A 291 14.60 -15.59 -34.25
N LEU A 292 13.34 -15.42 -34.66
CA LEU A 292 12.62 -16.38 -35.48
C LEU A 292 13.27 -16.46 -36.86
N GLU A 293 13.09 -17.60 -37.53
CA GLU A 293 13.79 -17.84 -38.79
C GLU A 293 13.35 -16.88 -39.89
N SER A 294 12.06 -16.56 -39.93
CA SER A 294 11.52 -15.79 -41.05
C SER A 294 12.16 -14.41 -41.15
N VAL A 295 12.34 -13.74 -40.01
CA VAL A 295 12.87 -12.38 -40.01
C VAL A 295 14.35 -12.34 -39.62
N ALA A 296 14.99 -13.49 -39.46
CA ALA A 296 16.35 -13.53 -38.93
C ALA A 296 17.36 -12.88 -39.86
N ASP A 297 17.21 -13.05 -41.18
CA ASP A 297 18.18 -12.48 -42.10
C ASP A 297 18.07 -10.96 -42.20
N LYS A 298 16.84 -10.46 -42.30
CA LYS A 298 16.64 -9.02 -42.29
C LYS A 298 17.11 -8.41 -40.98
N LEU A 299 16.80 -9.07 -39.86
CA LEU A 299 17.27 -8.59 -38.56
C LEU A 299 18.78 -8.59 -38.50
N ALA A 300 19.42 -9.64 -39.01
CA ALA A 300 20.87 -9.74 -38.94
C ALA A 300 21.53 -8.66 -39.78
N THR A 301 20.96 -8.35 -40.95
CA THR A 301 21.49 -7.27 -41.77
C THR A 301 21.37 -5.93 -41.05
N LEU A 302 20.19 -5.67 -40.46
CA LEU A 302 19.98 -4.43 -39.72
C LEU A 302 20.91 -4.33 -38.53
N LEU A 303 21.07 -5.44 -37.80
CA LEU A 303 21.95 -5.51 -36.66
C LEU A 303 23.39 -5.26 -37.08
N GLN A 304 23.79 -5.82 -38.22
CA GLN A 304 25.15 -5.63 -38.71
C GLN A 304 25.41 -4.17 -39.04
N GLU A 305 24.46 -3.51 -39.70
CA GLU A 305 24.63 -2.10 -40.00
C GLU A 305 24.73 -1.28 -38.72
N GLU A 306 23.94 -1.63 -37.70
CA GLU A 306 24.00 -0.92 -36.43
C GLU A 306 25.35 -1.13 -35.72
N VAL A 307 25.84 -2.37 -35.72
CA VAL A 307 27.10 -2.66 -35.04
C VAL A 307 28.27 -2.04 -35.76
N SER A 308 28.29 -2.11 -37.09
CA SER A 308 29.40 -1.51 -37.82
C SER A 308 29.16 -0.02 -38.02
N LYS A 309 28.81 0.66 -36.94
CA LYS A 309 28.60 2.10 -36.90
C LYS A 309 29.08 2.58 -35.54
N LEU A 310 29.54 1.64 -34.73
CA LEU A 310 29.99 1.92 -33.37
C LEU A 310 31.44 2.38 -33.40
N THR A 311 31.76 3.38 -32.58
CA THR A 311 33.10 3.92 -32.51
C THR A 311 33.92 3.09 -31.53
N VAL A 312 35.11 2.66 -31.97
CA VAL A 312 36.04 1.90 -31.14
C VAL A 312 37.27 2.77 -30.94
N GLY A 313 37.63 3.02 -29.69
CA GLY A 313 38.76 3.88 -29.40
C GLY A 313 39.04 4.04 -27.92
N ASP A 314 39.44 5.24 -27.52
CA ASP A 314 39.74 5.43 -26.11
C ASP A 314 38.66 6.27 -25.44
N PRO A 315 38.47 6.13 -24.14
CA PRO A 315 37.35 6.77 -23.44
C PRO A 315 37.17 8.26 -23.69
N PHE A 316 38.25 8.96 -24.02
CA PHE A 316 38.21 10.41 -24.14
C PHE A 316 37.86 10.90 -25.54
N ASP A 317 37.79 10.00 -26.53
CA ASP A 317 37.09 10.28 -27.77
C ASP A 317 35.61 9.93 -27.69
N ASN A 318 35.13 9.53 -26.52
CA ASN A 318 33.75 9.12 -26.29
C ASN A 318 33.38 7.95 -27.21
N ALA A 319 34.25 6.97 -27.23
CA ALA A 319 34.01 5.77 -28.02
C ALA A 319 32.93 4.91 -27.36
N ASP A 320 32.13 4.28 -28.18
CA ASP A 320 31.19 3.29 -27.67
C ASP A 320 31.88 2.01 -27.27
N ILE A 321 33.00 1.68 -27.93
CA ILE A 321 33.76 0.48 -27.62
C ILE A 321 35.14 0.86 -27.13
N THR A 322 35.26 1.02 -25.84
CA THR A 322 36.47 1.26 -25.08
C THR A 322 37.03 -0.05 -24.58
N PRO A 323 38.29 -0.09 -24.14
CA PRO A 323 38.88 -1.37 -23.76
C PRO A 323 38.17 -2.03 -22.59
N VAL A 324 38.19 -3.35 -22.58
CA VAL A 324 37.66 -4.08 -21.43
C VAL A 324 38.58 -3.90 -20.24
N ILE A 325 38.08 -4.30 -19.07
CA ILE A 325 38.61 -3.78 -17.82
C ILE A 325 40.06 -4.19 -17.60
N ASP A 326 40.39 -5.44 -17.91
CA ASP A 326 41.74 -5.92 -17.70
C ASP A 326 42.09 -6.90 -18.81
N ASN A 327 43.25 -7.54 -18.68
CA ASN A 327 43.72 -8.46 -19.71
C ASN A 327 43.06 -9.82 -19.61
N ALA A 328 42.74 -10.27 -18.39
CA ALA A 328 42.02 -11.53 -18.23
C ALA A 328 40.64 -11.46 -18.85
N SER A 329 39.97 -10.31 -18.73
CA SER A 329 38.68 -10.12 -19.37
C SER A 329 38.79 -10.24 -20.88
N ALA A 330 39.76 -9.54 -21.48
CA ALA A 330 39.98 -9.61 -22.91
C ALA A 330 40.33 -11.02 -23.36
N ASP A 331 41.11 -11.74 -22.56
CA ASP A 331 41.45 -13.12 -22.91
C ASP A 331 40.22 -14.01 -22.90
N PHE A 332 39.36 -13.85 -21.88
CA PHE A 332 38.14 -14.65 -21.79
C PHE A 332 37.19 -14.36 -22.94
N ILE A 333 37.04 -13.07 -23.30
CA ILE A 333 36.16 -12.74 -24.43
C ILE A 333 36.75 -13.26 -25.73
N TRP A 334 38.08 -13.16 -25.89
CA TRP A 334 38.72 -13.71 -27.07
C TRP A 334 38.55 -15.22 -27.14
N GLY A 335 38.58 -15.89 -25.99
CA GLY A 335 38.32 -17.32 -25.98
C GLY A 335 36.92 -17.66 -26.44
N LEU A 336 35.93 -16.90 -25.98
CA LEU A 336 34.57 -17.12 -26.45
C LEU A 336 34.45 -16.88 -27.95
N ILE A 337 35.08 -15.81 -28.44
CA ILE A 337 35.06 -15.51 -29.87
C ILE A 337 35.72 -16.63 -30.66
N GLU A 338 36.84 -17.14 -30.19
CA GLU A 338 37.52 -18.24 -30.87
C GLU A 338 36.65 -19.49 -30.90
N ASP A 339 36.06 -19.86 -29.75
CA ASP A 339 35.19 -21.02 -29.70
C ASP A 339 34.05 -20.88 -30.70
N ALA A 340 33.48 -19.67 -30.80
CA ALA A 340 32.42 -19.46 -31.78
C ALA A 340 32.94 -19.62 -33.20
N GLN A 341 34.16 -19.13 -33.47
CA GLN A 341 34.73 -19.21 -34.81
C GLN A 341 35.00 -20.65 -35.22
N GLU A 342 35.58 -21.46 -34.33
CA GLU A 342 35.91 -22.83 -34.69
C GLU A 342 34.69 -23.68 -34.97
N LYS A 343 33.55 -23.38 -34.34
CA LYS A 343 32.33 -24.11 -34.60
C LYS A 343 31.52 -23.51 -35.75
N GLU A 344 32.15 -22.66 -36.56
CA GLU A 344 31.57 -22.16 -37.81
C GLU A 344 30.39 -21.23 -37.58
N ALA A 345 30.57 -20.25 -36.70
CA ALA A 345 29.65 -19.15 -36.58
C ALA A 345 30.06 -18.03 -37.52
N GLN A 346 29.06 -17.33 -38.07
CA GLN A 346 29.30 -16.27 -39.04
C GLN A 346 29.58 -14.96 -38.32
N ALA A 347 30.82 -14.53 -38.34
CA ALA A 347 31.18 -13.21 -37.84
C ALA A 347 30.65 -12.17 -38.80
N LEU A 348 29.70 -11.35 -38.34
CA LEU A 348 29.09 -10.33 -39.18
C LEU A 348 29.88 -9.02 -39.18
N THR A 349 30.76 -8.84 -38.22
CA THR A 349 31.60 -7.65 -38.09
C THR A 349 33.03 -8.11 -37.89
N PRO A 350 34.02 -7.24 -38.16
CA PRO A 350 35.42 -7.67 -38.06
C PRO A 350 35.78 -8.10 -36.65
N ILE A 351 36.60 -9.15 -36.58
CA ILE A 351 37.11 -9.66 -35.32
C ILE A 351 38.54 -9.15 -35.14
N LYS A 352 38.70 -8.08 -34.38
CA LYS A 352 39.97 -7.42 -34.17
C LYS A 352 40.28 -7.38 -32.68
N ARG A 353 41.56 -7.28 -32.34
CA ARG A 353 41.99 -7.16 -30.95
C ARG A 353 43.29 -6.37 -30.92
N GLU A 354 43.23 -5.13 -30.44
CA GLU A 354 44.43 -4.33 -30.24
C GLU A 354 44.82 -4.31 -28.78
N GLY A 355 45.16 -5.47 -28.23
CA GLY A 355 45.44 -5.59 -26.81
C GLY A 355 44.17 -5.78 -26.00
N ASN A 356 43.87 -4.82 -25.13
CA ASN A 356 42.62 -4.79 -24.41
C ASN A 356 41.44 -4.36 -25.27
N LEU A 357 41.70 -3.58 -26.32
CA LEU A 357 40.63 -3.05 -27.15
C LEU A 357 40.13 -4.15 -28.07
N LEU A 358 38.90 -4.60 -27.84
CA LEU A 358 38.29 -5.62 -28.67
C LEU A 358 37.38 -4.99 -29.71
N TRP A 359 37.23 -5.67 -30.83
CA TRP A 359 36.22 -5.01 -31.63
C TRP A 359 34.86 -5.68 -31.44
N PRO A 360 33.77 -4.92 -31.58
CA PRO A 360 32.45 -5.52 -31.45
C PRO A 360 32.23 -6.62 -32.47
N VAL A 361 31.88 -7.80 -31.99
CA VAL A 361 31.73 -8.98 -32.84
C VAL A 361 30.26 -9.37 -32.87
N LEU A 362 29.64 -9.22 -34.03
CA LEU A 362 28.31 -9.76 -34.27
C LEU A 362 28.45 -11.17 -34.83
N PHE A 363 27.92 -12.15 -34.10
CA PHE A 363 28.02 -13.55 -34.46
C PHE A 363 26.64 -14.05 -34.86
N ASP A 364 26.52 -14.60 -36.05
CA ASP A 364 25.29 -15.24 -36.48
C ASP A 364 25.49 -16.74 -36.59
N GLN A 365 24.37 -17.45 -36.76
CA GLN A 365 24.34 -18.91 -36.86
C GLN A 365 24.95 -19.54 -35.61
N VAL A 366 24.71 -18.92 -34.48
CA VAL A 366 25.16 -19.40 -33.18
C VAL A 366 24.22 -20.50 -32.72
N THR A 367 24.79 -21.57 -32.18
CA THR A 367 24.05 -22.75 -31.78
C THR A 367 24.28 -22.99 -30.30
N LYS A 368 23.59 -23.99 -29.74
CA LYS A 368 23.71 -24.26 -28.32
C LYS A 368 25.04 -24.89 -27.94
N ASP A 369 25.87 -25.30 -28.91
CA ASP A 369 27.16 -25.91 -28.58
C ASP A 369 28.29 -24.89 -28.52
N MET A 370 28.16 -23.74 -29.15
CA MET A 370 29.12 -22.67 -28.93
C MET A 370 28.91 -22.08 -27.56
N LYS A 371 30.00 -21.89 -26.83
CA LYS A 371 29.89 -21.44 -25.45
C LYS A 371 29.59 -19.95 -25.33
N VAL A 372 29.65 -19.20 -26.43
CA VAL A 372 29.24 -17.79 -26.42
C VAL A 372 27.73 -17.64 -26.39
N ALA A 373 26.99 -18.73 -26.56
CA ALA A 373 25.55 -18.71 -26.45
C ALA A 373 25.07 -18.84 -25.02
N TRP A 374 25.96 -19.14 -24.08
CA TRP A 374 25.54 -19.39 -22.71
C TRP A 374 26.31 -18.53 -21.72
N GLU A 375 27.60 -18.39 -21.93
CA GLU A 375 28.47 -17.74 -20.97
C GLU A 375 28.36 -16.23 -21.13
N GLU A 376 28.39 -15.52 -20.01
CA GLU A 376 28.36 -14.08 -20.05
C GLU A 376 29.75 -13.57 -20.41
N PRO A 377 29.92 -12.93 -21.55
CA PRO A 377 31.28 -12.51 -21.94
C PRO A 377 31.80 -11.34 -21.14
N PHE A 378 30.92 -10.39 -20.81
CA PHE A 378 31.32 -9.08 -20.34
C PHE A 378 32.27 -8.42 -21.33
N GLY A 379 32.00 -8.62 -22.61
CA GLY A 379 32.78 -8.05 -23.68
C GLY A 379 31.93 -7.83 -24.90
N PRO A 380 32.45 -7.08 -25.85
CA PRO A 380 31.61 -6.64 -26.96
C PRO A 380 31.35 -7.72 -28.00
N VAL A 381 30.69 -8.80 -27.62
CA VAL A 381 30.31 -9.84 -28.57
C VAL A 381 28.83 -10.17 -28.34
N LEU A 382 28.07 -10.17 -29.42
CA LEU A 382 26.64 -10.47 -29.39
C LEU A 382 26.32 -11.64 -30.32
N PRO A 383 25.84 -12.76 -29.81
CA PRO A 383 25.43 -13.86 -30.68
C PRO A 383 23.98 -13.79 -31.13
N ILE A 384 23.74 -13.93 -32.43
CA ILE A 384 22.37 -14.10 -32.93
C ILE A 384 22.08 -15.58 -32.99
N ILE A 385 20.95 -15.99 -32.45
CA ILE A 385 20.53 -17.38 -32.41
C ILE A 385 19.23 -17.49 -33.18
N ARG A 386 19.18 -18.42 -34.13
CA ARG A 386 17.98 -18.62 -34.92
C ARG A 386 17.13 -19.74 -34.32
N VAL A 387 15.84 -19.49 -34.22
CA VAL A 387 14.88 -20.46 -33.73
C VAL A 387 13.70 -20.47 -34.69
N ALA A 388 12.93 -21.55 -34.66
CA ALA A 388 11.89 -21.78 -35.66
C ALA A 388 10.50 -21.38 -35.16
N SER A 389 10.30 -21.27 -33.86
CA SER A 389 9.00 -20.98 -33.29
C SER A 389 9.18 -20.14 -32.04
N VAL A 390 8.09 -19.52 -31.60
CA VAL A 390 8.13 -18.75 -30.36
C VAL A 390 8.45 -19.64 -29.18
N GLU A 391 7.88 -20.85 -29.16
CA GLU A 391 8.20 -21.83 -28.13
C GLU A 391 9.69 -22.19 -28.12
N GLU A 392 10.33 -22.28 -29.28
CA GLU A 392 11.77 -22.49 -29.31
C GLU A 392 12.52 -21.33 -28.69
N ALA A 393 12.10 -20.10 -28.97
CA ALA A 393 12.75 -18.93 -28.38
C ALA A 393 12.59 -18.92 -26.88
N ILE A 394 11.40 -19.23 -26.37
CA ILE A 394 11.19 -19.28 -24.93
C ILE A 394 11.99 -20.40 -24.28
N ALA A 395 12.06 -21.56 -24.90
CA ALA A 395 12.86 -22.66 -24.36
C ALA A 395 14.34 -22.28 -24.32
N PHE A 396 14.84 -21.62 -25.36
CA PHE A 396 16.24 -21.23 -25.38
C PHE A 396 16.53 -20.10 -24.39
N ALA A 397 15.62 -19.14 -24.26
CA ALA A 397 15.80 -18.09 -23.26
C ALA A 397 15.80 -18.65 -21.85
N ASN A 398 14.90 -19.60 -21.57
CA ASN A 398 14.84 -20.17 -20.24
C ASN A 398 15.87 -21.26 -20.01
N GLU A 399 16.57 -21.70 -21.05
CA GLU A 399 17.66 -22.65 -20.88
C GLU A 399 18.88 -22.02 -20.22
N SER A 400 18.98 -20.70 -20.23
CA SER A 400 20.07 -20.00 -19.59
C SER A 400 20.00 -20.17 -18.08
N GLU A 401 21.16 -20.09 -17.43
CA GLU A 401 21.22 -20.12 -15.99
C GLU A 401 20.98 -18.76 -15.35
N PHE A 402 20.98 -17.69 -16.14
CA PHE A 402 20.75 -16.34 -15.65
C PHE A 402 19.30 -15.93 -15.88
N GLY A 403 18.82 -15.07 -15.00
CA GLY A 403 17.44 -14.65 -15.02
C GLY A 403 17.24 -13.17 -14.76
N LEU A 404 18.12 -12.32 -15.27
CA LEU A 404 18.03 -10.90 -14.92
C LEU A 404 16.93 -10.18 -15.68
N GLN A 405 17.10 -10.01 -16.99
CA GLN A 405 16.14 -9.27 -17.79
C GLN A 405 16.06 -9.89 -19.18
N SER A 406 15.06 -9.47 -19.94
CA SER A 406 14.91 -9.91 -21.32
C SER A 406 14.08 -8.88 -22.06
N SER A 407 14.23 -8.87 -23.37
CA SER A 407 13.40 -8.04 -24.24
C SER A 407 12.59 -8.93 -25.16
N VAL A 408 11.34 -8.55 -25.38
CA VAL A 408 10.51 -9.16 -26.41
C VAL A 408 10.17 -8.06 -27.39
N PHE A 409 10.63 -8.20 -28.63
CA PHE A 409 10.34 -7.27 -29.70
C PHE A 409 9.23 -7.89 -30.53
N THR A 410 8.05 -7.29 -30.48
CA THR A 410 6.83 -7.88 -31.02
C THR A 410 5.98 -6.71 -31.50
N ASN A 411 4.89 -6.96 -32.22
CA ASN A 411 3.94 -5.90 -32.51
C ASN A 411 2.64 -6.17 -31.75
N ASP A 412 2.42 -7.43 -31.38
CA ASP A 412 1.24 -7.82 -30.64
C ASP A 412 1.58 -7.79 -29.15
N PHE A 413 1.13 -6.74 -28.46
CA PHE A 413 1.46 -6.64 -27.03
C PHE A 413 0.82 -7.75 -26.23
N LYS A 414 -0.30 -8.30 -26.68
CA LYS A 414 -0.88 -9.43 -25.98
C LYS A 414 0.05 -10.64 -26.06
N LYS A 415 0.62 -10.89 -27.23
CA LYS A 415 1.62 -11.93 -27.38
C LYS A 415 2.87 -11.63 -26.57
N ALA A 416 3.30 -10.37 -26.59
CA ALA A 416 4.49 -9.98 -25.83
C ALA A 416 4.28 -10.20 -24.34
N PHE A 417 3.09 -9.86 -23.85
CA PHE A 417 2.72 -10.11 -22.46
C PHE A 417 2.64 -11.59 -22.12
N GLU A 418 2.20 -12.42 -23.05
CA GLU A 418 2.20 -13.86 -22.80
C GLU A 418 3.63 -14.40 -22.69
N ILE A 419 4.49 -14.00 -23.62
CA ILE A 419 5.88 -14.42 -23.58
C ILE A 419 6.55 -13.91 -22.31
N ALA A 420 6.27 -12.66 -21.93
CA ALA A 420 6.84 -12.07 -20.74
C ALA A 420 6.49 -12.88 -19.51
N GLU A 421 5.24 -13.32 -19.41
CA GLU A 421 4.87 -14.18 -18.30
C GLU A 421 5.54 -15.54 -18.39
N LYS A 422 5.95 -15.97 -19.58
CA LYS A 422 6.67 -17.23 -19.70
C LYS A 422 8.17 -17.11 -19.43
N LEU A 423 8.76 -15.94 -19.60
CA LEU A 423 10.20 -15.78 -19.46
C LEU A 423 10.61 -15.77 -18.00
N GLU A 424 11.66 -16.54 -17.68
CA GLU A 424 12.12 -16.71 -16.30
C GLU A 424 13.16 -15.66 -15.99
N VAL A 425 12.72 -14.41 -15.95
CA VAL A 425 13.60 -13.29 -15.65
C VAL A 425 12.92 -12.44 -14.57
N GLY A 426 13.63 -11.42 -14.11
CA GLY A 426 13.04 -10.49 -13.18
C GLY A 426 12.24 -9.44 -13.90
N THR A 427 12.75 -8.95 -15.02
CA THR A 427 12.11 -7.88 -15.77
C THR A 427 12.07 -8.26 -17.23
N VAL A 428 10.94 -8.00 -17.88
CA VAL A 428 10.79 -8.14 -19.32
C VAL A 428 10.51 -6.77 -19.87
N HIS A 429 11.29 -6.36 -20.85
CA HIS A 429 11.04 -5.12 -21.57
C HIS A 429 10.38 -5.45 -22.91
N ILE A 430 9.30 -4.74 -23.21
CA ILE A 430 8.55 -4.99 -24.42
C ILE A 430 8.89 -3.88 -25.41
N ASN A 431 9.53 -4.27 -26.51
CA ASN A 431 9.96 -3.37 -27.59
C ASN A 431 10.96 -2.33 -27.12
N ASN A 432 11.74 -2.65 -26.09
CA ASN A 432 12.86 -1.82 -25.68
C ASN A 432 13.95 -2.74 -25.15
N LYS A 433 15.15 -2.18 -25.05
CA LYS A 433 16.28 -2.88 -24.50
C LYS A 433 16.16 -3.00 -22.99
N THR A 434 16.92 -3.93 -22.43
CA THR A 434 16.97 -4.09 -20.98
C THR A 434 17.80 -2.98 -20.35
N GLN A 435 17.37 -2.52 -19.19
CA GLN A 435 18.11 -1.53 -18.43
C GLN A 435 17.72 -1.65 -16.96
N ARG A 436 18.55 -1.05 -16.11
CA ARG A 436 18.13 -0.85 -14.72
C ARG A 436 17.02 0.19 -14.65
N GLY A 437 16.87 0.97 -15.72
CA GLY A 437 15.70 1.78 -15.93
C GLY A 437 15.70 2.95 -14.99
N PRO A 438 14.55 3.60 -14.86
CA PRO A 438 14.36 4.48 -13.71
C PRO A 438 14.61 3.67 -12.45
N ASP A 439 15.52 4.15 -11.61
CA ASP A 439 15.95 3.37 -10.46
C ASP A 439 14.84 3.15 -9.45
N ASN A 440 13.72 3.86 -9.58
CA ASN A 440 12.57 3.56 -8.75
C ASN A 440 11.87 2.28 -9.17
N PHE A 441 12.16 1.76 -10.36
CA PHE A 441 11.66 0.50 -10.86
C PHE A 441 12.34 -0.66 -10.12
N PRO A 442 11.60 -1.74 -9.86
CA PRO A 442 12.24 -2.92 -9.27
C PRO A 442 13.32 -3.48 -10.19
N PHE A 443 14.47 -3.80 -9.60
CA PHE A 443 15.57 -4.43 -10.32
C PHE A 443 15.95 -5.69 -9.56
N LEU A 444 15.75 -6.84 -10.18
CA LEU A 444 16.01 -8.09 -9.51
C LEU A 444 16.42 -9.13 -10.55
N GLY A 445 17.11 -10.15 -10.08
CA GLY A 445 17.40 -11.32 -10.89
C GLY A 445 16.82 -12.55 -10.24
N VAL A 446 16.67 -13.58 -11.06
CA VAL A 446 16.17 -14.88 -10.65
C VAL A 446 17.27 -15.85 -11.06
N LYS A 447 16.95 -17.10 -11.28
CA LYS A 447 17.70 -18.28 -10.88
C LYS A 447 19.18 -18.06 -10.58
N GLY A 448 19.95 -17.54 -11.51
CA GLY A 448 21.37 -17.44 -11.26
C GLY A 448 21.85 -16.01 -11.16
N SER A 449 20.92 -15.08 -11.27
CA SER A 449 21.26 -13.67 -11.42
C SER A 449 21.14 -12.88 -10.13
N GLY A 450 20.88 -13.51 -9.00
CA GLY A 450 21.03 -12.84 -7.74
C GLY A 450 19.91 -13.17 -6.78
N ALA A 451 19.90 -12.44 -5.68
CA ALA A 451 18.98 -12.61 -4.57
C ALA A 451 18.53 -11.26 -4.09
N GLY A 452 17.23 -11.08 -3.93
CA GLY A 452 16.73 -9.82 -3.44
C GLY A 452 16.25 -8.92 -4.56
N VAL A 453 15.39 -7.97 -4.21
CA VAL A 453 14.86 -7.01 -5.15
C VAL A 453 15.49 -5.66 -4.85
N GLN A 454 16.12 -5.07 -5.86
CA GLN A 454 16.68 -3.75 -5.77
C GLN A 454 15.73 -2.75 -6.41
N GLY A 455 16.21 -1.54 -6.66
CA GLY A 455 15.32 -0.43 -6.91
C GLY A 455 15.25 0.31 -5.60
N ILE A 456 15.07 1.62 -5.63
CA ILE A 456 15.33 2.41 -4.44
C ILE A 456 14.38 2.06 -3.31
N LYS A 457 13.08 1.97 -3.60
CA LYS A 457 12.12 1.60 -2.56
C LYS A 457 12.40 0.21 -2.03
N TYR A 458 12.70 -0.73 -2.93
CA TYR A 458 12.93 -2.12 -2.53
C TYR A 458 14.25 -2.29 -1.81
N SER A 459 15.27 -1.53 -2.19
CA SER A 459 16.54 -1.56 -1.47
C SER A 459 16.39 -0.96 -0.07
N ILE A 460 15.62 0.11 0.07
CA ILE A 460 15.39 0.67 1.39
C ILE A 460 14.67 -0.35 2.27
N GLU A 461 13.64 -0.99 1.72
CA GLU A 461 12.92 -1.98 2.51
C GLU A 461 13.75 -3.20 2.83
N ALA A 462 14.70 -3.56 1.96
CA ALA A 462 15.47 -4.78 2.13
C ALA A 462 16.44 -4.69 3.30
N MET A 463 17.02 -3.52 3.53
CA MET A 463 18.00 -3.32 4.59
C MET A 463 17.36 -2.70 5.82
N THR A 464 16.12 -3.08 6.10
CA THR A 464 15.47 -2.75 7.35
C THR A 464 14.88 -4.02 7.91
N ASN A 465 14.61 -4.00 9.21
CA ASN A 465 13.96 -5.09 9.90
C ASN A 465 12.55 -4.65 10.25
N VAL A 466 11.57 -5.50 9.98
CA VAL A 466 10.22 -5.25 10.48
C VAL A 466 10.25 -5.31 11.99
N LYS A 467 9.73 -4.29 12.64
CA LYS A 467 9.57 -4.26 14.09
C LYS A 467 8.09 -4.03 14.39
N SER A 468 7.44 -5.06 14.92
CA SER A 468 6.05 -4.96 15.27
C SER A 468 5.93 -4.73 16.77
N ILE A 469 5.06 -3.80 17.16
CA ILE A 469 4.73 -3.53 18.55
C ILE A 469 3.25 -3.79 18.70
N VAL A 470 2.89 -4.71 19.59
CA VAL A 470 1.51 -5.17 19.74
C VAL A 470 1.02 -4.79 21.12
N PHE A 471 -0.14 -4.15 21.19
CA PHE A 471 -0.74 -3.78 22.45
C PHE A 471 -2.26 -3.82 22.33
N ASP A 472 -2.91 -3.87 23.48
CA ASP A 472 -4.36 -3.81 23.55
C ASP A 472 -4.84 -2.38 23.40
N VAL A 473 -5.92 -2.20 22.64
CA VAL A 473 -6.53 -0.89 22.44
C VAL A 473 -7.83 -0.75 23.18
N LYS A 474 -8.19 -1.73 24.01
CA LYS A 474 -9.44 -1.69 24.74
C LYS A 474 -9.31 -2.50 26.01
N MET B 1 -0.05 -49.10 15.03
CA MET B 1 0.49 -50.11 14.14
C MET B 1 0.12 -49.75 12.70
N THR B 2 -0.54 -48.60 12.55
CA THR B 2 -0.84 -48.08 11.22
C THR B 2 0.44 -47.79 10.47
N ARG B 3 0.49 -48.19 9.20
CA ARG B 3 1.61 -47.85 8.33
C ARG B 3 1.17 -46.70 7.43
N TYR B 4 1.68 -45.51 7.71
CA TYR B 4 1.33 -44.32 6.96
C TYR B 4 2.20 -44.21 5.72
N GLN B 5 1.68 -43.49 4.72
CA GLN B 5 2.34 -43.44 3.42
C GLN B 5 2.60 -42.00 3.01
N ASN B 6 3.31 -41.83 1.91
CA ASN B 6 3.80 -40.52 1.50
C ASN B 6 3.03 -40.07 0.27
N LEU B 7 2.43 -38.89 0.33
CA LEU B 7 1.76 -38.34 -0.83
C LEU B 7 2.80 -37.88 -1.84
N VAL B 8 2.91 -38.60 -2.95
CA VAL B 8 3.83 -38.28 -4.02
C VAL B 8 3.08 -38.33 -5.34
N ASN B 9 3.09 -37.23 -6.08
CA ASN B 9 2.43 -37.16 -7.38
C ASN B 9 0.98 -37.61 -7.32
N GLY B 10 0.27 -37.24 -6.27
CA GLY B 10 -1.13 -37.58 -6.12
C GLY B 10 -1.37 -38.98 -5.63
N LYS B 11 -0.33 -39.76 -5.34
CA LYS B 11 -0.47 -41.15 -4.93
C LYS B 11 0.20 -41.37 -3.59
N TRP B 12 -0.22 -42.43 -2.92
CA TRP B 12 0.37 -42.80 -1.64
C TRP B 12 1.44 -43.87 -1.84
N LYS B 13 2.57 -43.70 -1.16
CA LYS B 13 3.74 -44.53 -1.37
C LYS B 13 4.40 -44.87 -0.04
N SER B 14 4.80 -46.13 0.09
CA SER B 14 5.75 -46.57 1.10
C SER B 14 7.07 -46.82 0.39
N SER B 15 8.18 -46.77 1.13
CA SER B 15 9.40 -46.90 0.35
C SER B 15 9.93 -48.32 0.29
N GLU B 16 10.68 -48.75 1.31
CA GLU B 16 10.86 -50.15 1.65
C GLU B 16 10.94 -50.23 3.17
N GLN B 17 11.62 -49.25 3.74
CA GLN B 17 11.89 -49.16 5.16
C GLN B 17 10.88 -48.22 5.81
N GLU B 18 10.68 -48.40 7.10
CA GLU B 18 9.71 -47.58 7.81
C GLU B 18 10.33 -47.12 9.13
N ILE B 19 10.19 -45.85 9.42
CA ILE B 19 10.51 -45.35 10.75
C ILE B 19 9.31 -45.57 11.64
N THR B 20 9.50 -46.28 12.74
CA THR B 20 8.46 -46.50 13.72
C THR B 20 8.44 -45.31 14.66
N ILE B 21 7.26 -44.81 14.97
CA ILE B 21 7.11 -43.63 15.81
C ILE B 21 6.39 -44.01 17.09
N TYR B 22 6.89 -43.53 18.21
CA TYR B 22 6.39 -43.92 19.53
C TYR B 22 5.84 -42.71 20.25
N SER B 23 4.85 -42.95 21.07
CA SER B 23 4.29 -41.85 21.82
C SER B 23 5.28 -41.39 22.87
N PRO B 24 5.62 -40.10 22.90
CA PRO B 24 6.42 -39.59 24.03
C PRO B 24 5.67 -39.62 25.35
N ILE B 25 4.38 -39.92 25.35
CA ILE B 25 3.62 -39.96 26.59
C ILE B 25 4.12 -41.10 27.47
N ASN B 26 3.98 -42.34 27.00
CA ASN B 26 4.59 -43.44 27.73
C ASN B 26 5.67 -44.09 26.88
N GLN B 27 5.31 -44.94 25.92
CA GLN B 27 6.15 -45.27 24.77
C GLN B 27 5.28 -45.84 23.66
N GLU B 28 3.97 -45.80 23.84
CA GLU B 28 3.01 -46.52 23.01
C GLU B 28 3.24 -46.29 21.52
N GLU B 29 3.54 -47.37 20.80
CA GLU B 29 3.76 -47.29 19.37
C GLU B 29 2.48 -46.91 18.64
N LEU B 30 2.55 -45.90 17.79
CA LEU B 30 1.35 -45.41 17.11
C LEU B 30 1.38 -45.59 15.61
N GLY B 31 2.50 -45.98 15.04
CA GLY B 31 2.54 -46.23 13.62
C GLY B 31 3.96 -46.20 13.10
N THR B 32 4.06 -46.32 11.78
CA THR B 32 5.33 -46.25 11.08
C THR B 32 5.22 -45.23 9.95
N VAL B 33 6.38 -44.79 9.47
CA VAL B 33 6.46 -43.77 8.43
C VAL B 33 7.49 -44.20 7.41
N PRO B 34 7.25 -44.00 6.11
CA PRO B 34 8.21 -44.47 5.11
C PRO B 34 9.56 -43.78 5.25
N ALA B 35 10.60 -44.58 5.42
CA ALA B 35 11.96 -44.07 5.47
C ALA B 35 12.43 -43.92 4.04
N MET B 36 12.11 -42.78 3.44
CA MET B 36 12.31 -42.53 2.02
C MET B 36 13.79 -42.49 1.72
N THR B 37 14.13 -42.74 0.46
CA THR B 37 15.51 -42.73 0.00
C THR B 37 15.70 -41.55 -0.93
N GLN B 38 16.97 -41.29 -1.30
CA GLN B 38 17.28 -40.12 -2.12
C GLN B 38 16.60 -40.20 -3.48
N THR B 39 16.53 -41.39 -4.06
CA THR B 39 15.90 -41.54 -5.37
C THR B 39 14.43 -41.18 -5.31
N GLU B 40 13.74 -41.62 -4.27
CA GLU B 40 12.30 -41.37 -4.14
C GLU B 40 12.05 -39.88 -3.89
N ALA B 41 12.94 -39.25 -3.13
CA ALA B 41 12.88 -37.82 -2.92
C ALA B 41 13.04 -37.11 -4.27
N ASP B 42 13.91 -37.64 -5.11
CA ASP B 42 14.10 -37.06 -6.43
C ASP B 42 12.85 -37.20 -7.30
N GLU B 43 12.19 -38.35 -7.23
CA GLU B 43 10.95 -38.54 -7.98
C GLU B 43 9.86 -37.60 -7.48
N ALA B 44 9.79 -37.38 -6.16
CA ALA B 44 8.84 -36.41 -5.63
C ALA B 44 9.15 -34.99 -6.10
N MET B 45 10.42 -34.61 -6.12
CA MET B 45 10.80 -33.31 -6.64
C MET B 45 10.42 -33.16 -8.10
N GLN B 46 10.62 -34.23 -8.90
CA GLN B 46 10.27 -34.15 -10.31
C GLN B 46 8.77 -34.11 -10.53
N ALA B 47 8.00 -34.81 -9.70
CA ALA B 47 6.55 -34.70 -9.76
C ALA B 47 6.11 -33.28 -9.48
N ALA B 48 6.72 -32.66 -8.47
CA ALA B 48 6.42 -31.26 -8.18
C ALA B 48 6.80 -30.35 -9.32
N ARG B 49 7.94 -30.60 -9.96
CA ARG B 49 8.33 -29.77 -11.08
C ARG B 49 7.39 -29.91 -12.26
N ALA B 50 6.84 -31.11 -12.48
CA ALA B 50 5.88 -31.31 -13.56
C ALA B 50 4.51 -30.75 -13.26
N ALA B 51 4.09 -30.75 -12.00
CA ALA B 51 2.78 -30.20 -11.62
C ALA B 51 2.76 -28.69 -11.59
N LEU B 52 3.92 -28.05 -11.62
CA LEU B 52 4.00 -26.61 -11.46
C LEU B 52 3.27 -25.84 -12.55
N PRO B 53 3.46 -26.13 -13.86
CA PRO B 53 2.85 -25.26 -14.87
C PRO B 53 1.42 -25.60 -15.20
N ALA B 54 0.64 -26.05 -14.24
CA ALA B 54 -0.79 -26.21 -14.39
C ALA B 54 -1.44 -25.60 -13.17
N TRP B 55 -0.75 -25.76 -12.03
CA TRP B 55 -1.07 -25.04 -10.83
C TRP B 55 -0.84 -23.53 -10.99
N ARG B 56 0.26 -23.14 -11.62
CA ARG B 56 0.49 -21.75 -11.97
C ARG B 56 -0.58 -21.23 -12.93
N ALA B 57 -0.91 -22.03 -13.95
CA ALA B 57 -1.88 -21.62 -14.95
C ALA B 57 -3.28 -21.53 -14.40
N LEU B 58 -3.51 -22.06 -13.22
CA LEU B 58 -4.83 -22.05 -12.61
C LEU B 58 -5.16 -20.64 -12.17
N SER B 59 -6.43 -20.37 -11.92
CA SER B 59 -6.82 -19.09 -11.38
C SER B 59 -6.57 -19.05 -9.89
N ALA B 60 -6.33 -17.86 -9.36
CA ALA B 60 -6.14 -17.71 -7.92
C ALA B 60 -7.35 -18.22 -7.16
N ILE B 61 -8.55 -17.97 -7.68
CA ILE B 61 -9.76 -18.40 -6.98
C ILE B 61 -9.90 -19.92 -7.00
N GLU B 62 -9.40 -20.60 -8.04
CA GLU B 62 -9.48 -22.06 -8.08
C GLU B 62 -8.51 -22.70 -7.09
N ARG B 63 -7.26 -22.24 -7.08
CA ARG B 63 -6.31 -22.68 -6.07
C ARG B 63 -6.84 -22.41 -4.68
N ALA B 64 -7.52 -21.28 -4.48
CA ALA B 64 -8.14 -20.99 -3.21
C ALA B 64 -9.30 -21.91 -2.89
N ALA B 65 -10.04 -22.36 -3.90
CA ALA B 65 -11.11 -23.32 -3.67
C ALA B 65 -10.55 -24.61 -3.11
N TYR B 66 -9.44 -25.07 -3.67
CA TYR B 66 -8.79 -26.25 -3.11
C TYR B 66 -8.39 -26.04 -1.66
N LEU B 67 -7.84 -24.88 -1.32
CA LEU B 67 -7.44 -24.55 0.04
C LEU B 67 -8.62 -24.55 1.00
N HIS B 68 -9.73 -23.95 0.60
CA HIS B 68 -10.93 -23.95 1.44
C HIS B 68 -11.48 -25.35 1.63
N LYS B 69 -11.43 -26.20 0.60
CA LYS B 69 -11.83 -27.58 0.76
C LYS B 69 -10.96 -28.29 1.79
N THR B 70 -9.65 -28.10 1.71
CA THR B 70 -8.75 -28.70 2.71
C THR B 70 -9.09 -28.22 4.10
N ALA B 71 -9.34 -26.93 4.27
CA ALA B 71 -9.67 -26.40 5.59
C ALA B 71 -10.95 -27.01 6.13
N ALA B 72 -11.96 -27.17 5.27
CA ALA B 72 -13.21 -27.79 5.69
C ALA B 72 -13.00 -29.24 6.12
N ILE B 73 -12.24 -30.01 5.35
CA ILE B 73 -11.95 -31.40 5.72
C ILE B 73 -11.21 -31.42 7.05
N LEU B 74 -10.26 -30.50 7.23
CA LEU B 74 -9.48 -30.43 8.46
C LEU B 74 -10.36 -30.21 9.68
N GLU B 75 -11.31 -29.28 9.60
CA GLU B 75 -12.24 -29.13 10.70
C GLU B 75 -13.18 -30.32 10.84
N ARG B 76 -13.44 -31.05 9.75
CA ARG B 76 -14.28 -32.22 9.85
C ARG B 76 -13.66 -33.28 10.76
N ASP B 77 -12.35 -33.50 10.61
CA ASP B 77 -11.64 -34.53 11.37
C ASP B 77 -10.75 -33.94 12.45
N LYS B 78 -11.20 -32.88 13.13
CA LYS B 78 -10.34 -32.22 14.11
C LYS B 78 -10.03 -33.14 15.28
N GLU B 79 -11.01 -33.94 15.71
CA GLU B 79 -10.79 -34.79 16.88
C GLU B 79 -9.94 -36.02 16.57
N LYS B 80 -10.09 -36.64 15.41
CA LYS B 80 -9.23 -37.77 15.05
C LYS B 80 -7.79 -37.31 14.84
N ILE B 81 -7.60 -36.27 14.01
CA ILE B 81 -6.28 -35.71 13.80
C ILE B 81 -5.70 -35.22 15.11
N GLY B 82 -6.53 -34.58 15.93
CA GLY B 82 -6.09 -34.03 17.19
C GLY B 82 -5.64 -35.09 18.17
N THR B 83 -6.37 -36.21 18.25
CA THR B 83 -5.97 -37.28 19.15
C THR B 83 -4.65 -37.89 18.70
N ILE B 84 -4.50 -38.10 17.40
CA ILE B 84 -3.25 -38.65 16.88
C ILE B 84 -2.10 -37.69 17.15
N LEU B 85 -2.34 -36.39 16.97
CA LEU B 85 -1.32 -35.38 17.25
C LEU B 85 -0.96 -35.29 18.72
N ALA B 86 -1.96 -35.35 19.61
CA ALA B 86 -1.71 -35.31 21.04
C ALA B 86 -0.88 -36.48 21.53
N LYS B 87 -1.13 -37.69 21.03
CA LYS B 87 -0.24 -38.79 21.36
C LYS B 87 1.07 -38.73 20.61
N GLU B 88 1.11 -38.08 19.46
CA GLU B 88 2.32 -38.05 18.65
C GLU B 88 3.35 -37.10 19.23
N VAL B 89 2.91 -36.02 19.84
CA VAL B 89 3.82 -34.97 20.29
C VAL B 89 3.58 -34.58 21.74
N ALA B 90 2.69 -35.28 22.44
CA ALA B 90 2.47 -35.19 23.88
C ALA B 90 2.01 -33.81 24.34
N LYS B 91 0.99 -33.26 23.69
CA LYS B 91 0.35 -32.06 24.17
C LYS B 91 -1.10 -32.38 24.51
N GLY B 92 -1.68 -31.55 25.37
CA GLY B 92 -3.03 -31.78 25.82
C GLY B 92 -4.00 -31.93 24.66
N ILE B 93 -5.00 -32.78 24.87
CA ILE B 93 -5.96 -33.10 23.83
C ILE B 93 -6.76 -31.90 23.37
N LYS B 94 -7.16 -31.00 24.27
CA LYS B 94 -7.84 -29.78 23.86
C LYS B 94 -6.92 -28.78 23.17
N ALA B 95 -5.61 -28.88 23.39
CA ALA B 95 -4.64 -28.06 22.70
C ALA B 95 -4.18 -28.67 21.39
N ALA B 96 -4.25 -29.99 21.26
CA ALA B 96 -3.99 -30.64 19.99
C ALA B 96 -5.16 -30.57 19.04
N ILE B 97 -6.39 -30.65 19.54
CA ILE B 97 -7.56 -30.42 18.70
C ILE B 97 -7.64 -28.96 18.30
N GLY B 98 -7.16 -28.08 19.16
CA GLY B 98 -7.23 -26.66 18.93
C GLY B 98 -6.20 -26.14 17.96
N GLU B 99 -5.20 -26.94 17.62
CA GLU B 99 -4.29 -26.50 16.57
C GLU B 99 -4.68 -27.10 15.22
N VAL B 100 -5.72 -27.92 15.19
CA VAL B 100 -6.31 -28.37 13.94
C VAL B 100 -7.36 -27.40 13.42
N VAL B 101 -8.08 -26.67 14.27
CA VAL B 101 -9.05 -25.67 13.81
C VAL B 101 -8.39 -24.31 13.61
N ARG B 102 -7.41 -23.99 14.46
CA ARG B 102 -6.55 -22.85 14.21
C ARG B 102 -5.80 -23.00 12.91
N THR B 103 -5.47 -24.24 12.55
CA THR B 103 -4.81 -24.51 11.28
C THR B 103 -5.77 -24.34 10.12
N ALA B 104 -7.00 -24.82 10.26
CA ALA B 104 -7.98 -24.68 9.19
C ALA B 104 -8.32 -23.22 8.92
N ASP B 105 -8.45 -22.39 9.95
CA ASP B 105 -8.76 -21.00 9.65
C ASP B 105 -7.49 -20.18 9.42
N LEU B 106 -6.33 -20.80 9.55
CA LEU B 106 -5.10 -20.25 8.99
C LEU B 106 -5.09 -20.49 7.49
N ILE B 107 -5.51 -21.69 7.09
CA ILE B 107 -5.60 -22.05 5.68
C ILE B 107 -6.64 -21.24 4.94
N ARG B 108 -7.80 -20.99 5.54
CA ARG B 108 -8.82 -20.13 4.93
C ARG B 108 -8.32 -18.71 4.74
N TYR B 109 -7.72 -18.14 5.77
CA TYR B 109 -7.19 -16.78 5.71
C TYR B 109 -6.09 -16.70 4.68
N ALA B 110 -5.27 -17.74 4.59
CA ALA B 110 -4.19 -17.74 3.61
C ALA B 110 -4.73 -17.71 2.19
N ALA B 111 -5.75 -18.51 1.90
CA ALA B 111 -6.36 -18.49 0.58
C ALA B 111 -6.98 -17.14 0.26
N GLU B 112 -7.79 -16.62 1.18
CA GLU B 112 -8.47 -15.36 0.95
C GLU B 112 -7.48 -14.20 0.86
N GLU B 113 -6.36 -14.31 1.54
CA GLU B 113 -5.32 -13.28 1.46
C GLU B 113 -4.53 -13.38 0.18
N GLY B 114 -4.29 -14.62 -0.29
CA GLY B 114 -3.47 -14.80 -1.46
C GLY B 114 -4.22 -14.51 -2.75
N LEU B 115 -5.55 -14.47 -2.69
CA LEU B 115 -6.23 -14.14 -3.94
C LEU B 115 -6.57 -12.65 -4.05
N ARG B 116 -5.89 -11.79 -3.31
CA ARG B 116 -6.04 -10.36 -3.57
C ARG B 116 -4.68 -9.69 -3.50
N ILE B 117 -3.63 -10.43 -3.81
CA ILE B 117 -2.30 -9.87 -3.91
C ILE B 117 -2.26 -8.94 -5.12
N THR B 118 -2.08 -7.65 -4.89
CA THR B 118 -2.11 -6.68 -5.96
C THR B 118 -0.69 -6.36 -6.41
N GLY B 119 -0.57 -5.94 -7.66
CA GLY B 119 0.68 -5.45 -8.19
C GLY B 119 0.76 -3.94 -8.16
N GLN B 120 1.79 -3.42 -8.81
CA GLN B 120 2.01 -2.00 -8.93
C GLN B 120 2.04 -1.62 -10.39
N ALA B 121 1.69 -0.37 -10.68
CA ALA B 121 1.84 0.22 -11.99
C ALA B 121 2.68 1.47 -11.78
N MET B 122 3.99 1.31 -11.89
CA MET B 122 4.91 2.38 -11.62
C MET B 122 5.26 3.12 -12.91
N GLU B 123 5.33 4.44 -12.82
CA GLU B 123 5.76 5.27 -13.92
C GLU B 123 7.15 5.80 -13.62
N GLY B 124 7.88 6.17 -14.66
CA GLY B 124 9.24 6.63 -14.48
C GLY B 124 9.39 8.14 -14.46
N GLY B 125 8.29 8.86 -14.59
CA GLY B 125 8.34 10.31 -14.69
C GLY B 125 8.71 11.01 -13.41
N GLY B 126 8.44 10.39 -12.27
CA GLY B 126 8.88 10.97 -11.00
C GLY B 126 10.36 10.83 -10.73
N PHE B 127 11.03 9.87 -11.36
CA PHE B 127 12.46 9.69 -11.20
C PHE B 127 13.26 10.49 -12.23
N GLU B 128 12.83 10.48 -13.48
CA GLU B 128 13.46 11.28 -14.52
C GLU B 128 12.44 11.61 -15.58
N ALA B 129 12.70 12.69 -16.30
CA ALA B 129 11.80 13.14 -17.36
C ALA B 129 11.99 12.36 -18.65
N ALA B 130 13.08 11.61 -18.78
CA ALA B 130 13.30 10.78 -19.94
C ALA B 130 12.49 9.49 -19.93
N SER B 131 12.00 9.08 -18.76
CA SER B 131 11.28 7.83 -18.60
C SER B 131 9.81 8.06 -18.27
N LYS B 132 9.30 9.24 -18.58
CA LYS B 132 7.92 9.58 -18.24
C LYS B 132 6.93 8.64 -18.90
N ASN B 133 7.28 8.06 -20.04
CA ASN B 133 6.37 7.20 -20.80
C ASN B 133 6.61 5.73 -20.54
N LYS B 134 7.58 5.37 -19.73
CA LYS B 134 7.79 3.99 -19.34
C LYS B 134 6.88 3.64 -18.18
N LEU B 135 6.16 2.52 -18.31
CA LEU B 135 5.30 2.01 -17.28
C LEU B 135 5.77 0.61 -16.89
N ALA B 136 5.98 0.39 -15.61
CA ALA B 136 6.33 -0.91 -15.09
C ALA B 136 5.08 -1.50 -14.45
N VAL B 137 4.65 -2.64 -14.95
CA VAL B 137 3.56 -3.39 -14.32
C VAL B 137 4.21 -4.47 -13.46
N VAL B 138 4.30 -4.24 -12.17
CA VAL B 138 5.05 -5.10 -11.26
C VAL B 138 4.10 -6.04 -10.57
N ARG B 139 4.25 -7.33 -10.84
CA ARG B 139 3.40 -8.34 -10.23
C ARG B 139 4.28 -9.42 -9.61
N ARG B 140 3.67 -10.40 -8.96
CA ARG B 140 4.41 -11.42 -8.23
C ARG B 140 4.14 -12.77 -8.86
N GLU B 141 5.20 -13.52 -9.11
CA GLU B 141 5.11 -14.85 -9.68
C GLU B 141 5.58 -15.89 -8.67
N PRO B 142 5.04 -17.10 -8.74
CA PRO B 142 5.46 -18.14 -7.80
C PRO B 142 6.95 -18.37 -7.84
N VAL B 143 7.53 -18.64 -6.68
CA VAL B 143 8.97 -18.85 -6.60
C VAL B 143 9.36 -20.16 -7.26
N GLY B 144 8.43 -21.13 -7.32
CA GLY B 144 8.71 -22.42 -7.90
C GLY B 144 8.31 -23.60 -7.04
N ILE B 145 9.28 -24.35 -6.55
CA ILE B 145 9.04 -25.44 -5.61
C ILE B 145 9.42 -24.96 -4.22
N VAL B 146 8.47 -25.02 -3.29
CA VAL B 146 8.71 -24.66 -1.91
C VAL B 146 8.94 -25.92 -1.10
N LEU B 147 10.02 -25.92 -0.35
CA LEU B 147 10.32 -26.96 0.63
C LEU B 147 9.93 -26.44 2.00
N ALA B 148 8.94 -27.07 2.62
CA ALA B 148 8.50 -26.71 3.96
C ALA B 148 8.97 -27.74 4.95
N ILE B 149 9.72 -27.30 5.94
CA ILE B 149 10.15 -28.20 7.02
C ILE B 149 9.46 -27.77 8.30
N ALA B 150 8.63 -28.66 8.85
CA ALA B 150 7.86 -28.37 10.03
C ALA B 150 8.61 -28.83 11.29
N PRO B 151 8.33 -28.21 12.44
CA PRO B 151 8.92 -28.65 13.70
C PRO B 151 7.96 -29.58 14.43
N PHE B 152 8.46 -30.17 15.51
CA PHE B 152 7.60 -31.09 16.25
C PHE B 152 6.56 -30.29 17.00
N ASN B 153 6.90 -29.05 17.34
CA ASN B 153 6.07 -28.18 18.16
C ASN B 153 4.64 -28.11 17.67
N TYR B 154 4.44 -27.63 16.45
CA TYR B 154 3.14 -27.57 15.80
C TYR B 154 3.35 -28.25 14.46
N PRO B 155 3.22 -29.58 14.39
CA PRO B 155 3.43 -30.28 13.13
C PRO B 155 2.38 -30.00 12.08
N VAL B 156 1.26 -29.41 12.45
CA VAL B 156 0.14 -29.17 11.55
C VAL B 156 0.04 -27.68 11.29
N ASN B 157 0.07 -26.89 12.36
CA ASN B 157 -0.06 -25.44 12.27
C ASN B 157 1.16 -24.81 11.62
N LEU B 158 2.36 -25.19 12.08
CA LEU B 158 3.58 -24.60 11.58
C LEU B 158 3.98 -25.26 10.28
N SER B 159 3.19 -26.23 9.85
CA SER B 159 3.30 -26.82 8.53
C SER B 159 2.38 -26.13 7.54
N ALA B 160 1.11 -25.95 7.90
CA ALA B 160 0.16 -25.25 7.05
C ALA B 160 0.56 -23.80 6.86
N SER B 161 1.20 -23.21 7.87
CA SER B 161 1.62 -21.81 7.81
C SER B 161 2.67 -21.59 6.73
N LYS B 162 3.27 -22.68 6.24
CA LYS B 162 4.14 -22.62 5.09
C LYS B 162 3.51 -23.17 3.82
N ILE B 163 2.69 -24.20 3.93
CA ILE B 163 2.04 -24.79 2.76
C ILE B 163 1.02 -23.85 2.14
N ALA B 164 0.04 -23.40 2.92
CA ALA B 164 -1.08 -22.62 2.37
C ALA B 164 -0.63 -21.29 1.77
N PRO B 165 0.22 -20.49 2.47
CA PRO B 165 0.74 -19.28 1.82
C PRO B 165 1.56 -19.56 0.58
N ALA B 166 2.15 -20.74 0.48
CA ALA B 166 2.85 -21.12 -0.75
C ALA B 166 1.86 -21.52 -1.82
N LEU B 167 1.02 -22.51 -1.55
CA LEU B 167 0.10 -23.03 -2.55
C LEU B 167 -0.81 -21.95 -3.11
N ILE B 168 -1.25 -20.99 -2.29
CA ILE B 168 -2.11 -19.94 -2.84
C ILE B 168 -1.34 -19.04 -3.78
N ALA B 169 -0.04 -18.85 -3.53
CA ALA B 169 0.77 -17.99 -4.37
C ALA B 169 1.07 -18.62 -5.71
N GLY B 170 0.66 -19.85 -5.93
CA GLY B 170 0.80 -20.49 -7.22
C GLY B 170 1.92 -21.48 -7.33
N ASN B 171 2.75 -21.63 -6.30
CA ASN B 171 3.87 -22.54 -6.36
C ASN B 171 3.56 -23.80 -5.58
N VAL B 172 4.06 -24.93 -6.08
CA VAL B 172 3.84 -26.22 -5.46
C VAL B 172 4.78 -26.35 -4.27
N VAL B 173 4.44 -27.26 -3.36
CA VAL B 173 5.13 -27.36 -2.08
C VAL B 173 5.49 -28.81 -1.85
N MET B 174 6.68 -29.03 -1.31
CA MET B 174 7.10 -30.31 -0.77
C MET B 174 7.17 -30.16 0.74
N LEU B 175 6.49 -31.03 1.45
CA LEU B 175 6.50 -30.93 2.91
C LEU B 175 7.35 -32.04 3.49
N LYS B 176 8.27 -31.66 4.36
CA LYS B 176 8.99 -32.60 5.21
C LYS B 176 8.46 -32.46 6.63
N PRO B 177 7.64 -33.39 7.09
CA PRO B 177 7.20 -33.35 8.47
C PRO B 177 8.36 -33.59 9.42
N PRO B 178 8.25 -33.15 10.65
CA PRO B 178 9.31 -33.47 11.62
C PRO B 178 9.39 -34.96 11.84
N THR B 179 10.51 -35.46 12.34
CA THR B 179 10.60 -36.88 12.61
C THR B 179 9.56 -37.29 13.66
N GLN B 180 9.44 -36.49 14.70
CA GLN B 180 8.40 -36.66 15.73
C GLN B 180 7.22 -35.74 15.42
N GLY B 181 6.22 -36.28 14.73
CA GLY B 181 5.17 -35.45 14.20
C GLY B 181 5.01 -35.69 12.72
N SER B 182 5.71 -36.70 12.21
CA SER B 182 5.54 -37.11 10.83
C SER B 182 4.13 -37.61 10.59
N ILE B 183 3.55 -38.28 11.57
CA ILE B 183 2.19 -38.80 11.43
C ILE B 183 1.24 -37.65 11.16
N SER B 184 1.43 -36.54 11.87
CA SER B 184 0.56 -35.38 11.71
C SER B 184 0.74 -34.71 10.35
N GLY B 185 1.97 -34.68 9.85
CA GLY B 185 2.18 -34.16 8.51
C GLY B 185 1.50 -35.01 7.45
N LEU B 186 1.54 -36.34 7.62
CA LEU B 186 0.84 -37.21 6.68
C LEU B 186 -0.67 -37.11 6.85
N LEU B 187 -1.13 -36.82 8.06
CA LEU B 187 -2.56 -36.60 8.28
C LEU B 187 -3.03 -35.31 7.62
N LEU B 188 -2.18 -34.30 7.60
CA LEU B 188 -2.50 -33.08 6.87
C LEU B 188 -2.43 -33.30 5.36
N ALA B 189 -1.47 -34.10 4.91
CA ALA B 189 -1.42 -34.50 3.51
C ALA B 189 -2.69 -35.23 3.10
N LYS B 190 -3.25 -36.02 4.02
CA LYS B 190 -4.50 -36.72 3.72
C LYS B 190 -5.61 -35.75 3.40
N ALA B 191 -5.73 -34.69 4.20
CA ALA B 191 -6.74 -33.67 3.94
C ALA B 191 -6.48 -32.94 2.64
N PHE B 192 -5.22 -32.62 2.35
CA PHE B 192 -4.90 -31.93 1.10
C PHE B 192 -5.25 -32.79 -0.11
N GLU B 193 -4.94 -34.09 -0.05
CA GLU B 193 -5.26 -34.97 -1.16
C GLU B 193 -6.76 -35.20 -1.27
N GLU B 194 -7.46 -35.32 -0.14
CA GLU B 194 -8.89 -35.50 -0.16
C GLU B 194 -9.59 -34.31 -0.78
N ALA B 195 -9.10 -33.11 -0.50
CA ALA B 195 -9.69 -31.91 -1.09
C ALA B 195 -9.65 -31.92 -2.60
N GLY B 196 -8.77 -32.70 -3.21
CA GLY B 196 -8.66 -32.77 -4.64
C GLY B 196 -7.46 -32.05 -5.22
N ILE B 197 -6.49 -31.67 -4.39
CA ILE B 197 -5.32 -30.91 -4.82
C ILE B 197 -4.67 -31.67 -5.96
N PRO B 198 -4.33 -31.01 -7.05
CA PRO B 198 -3.85 -31.73 -8.23
C PRO B 198 -2.59 -32.51 -7.96
N ALA B 199 -2.37 -33.57 -8.73
CA ALA B 199 -1.23 -34.46 -8.52
C ALA B 199 0.07 -33.68 -8.65
N GLY B 200 0.96 -33.84 -7.68
CA GLY B 200 2.26 -33.23 -7.73
C GLY B 200 2.34 -31.85 -7.12
N VAL B 201 1.19 -31.27 -6.80
CA VAL B 201 1.11 -29.93 -6.25
C VAL B 201 1.54 -29.92 -4.78
N PHE B 202 1.17 -30.96 -4.04
CA PHE B 202 1.54 -31.09 -2.64
C PHE B 202 2.09 -32.49 -2.42
N ASN B 203 3.38 -32.58 -2.18
CA ASN B 203 4.06 -33.84 -1.92
C ASN B 203 4.51 -33.89 -0.47
N THR B 204 4.94 -35.07 -0.04
CA THR B 204 5.43 -35.23 1.32
C THR B 204 6.66 -36.13 1.29
N ILE B 205 7.63 -35.76 2.13
CA ILE B 205 8.90 -36.47 2.25
C ILE B 205 9.06 -36.89 3.69
N THR B 206 9.43 -38.14 3.90
CA THR B 206 9.73 -38.63 5.23
C THR B 206 11.07 -39.36 5.18
N GLY B 207 11.59 -39.70 6.34
CA GLY B 207 12.83 -40.44 6.37
C GLY B 207 13.83 -39.95 7.39
N ARG B 208 15.11 -40.17 7.12
CA ARG B 208 16.17 -39.87 8.05
C ARG B 208 16.95 -38.66 7.55
N GLY B 209 17.24 -37.73 8.44
CA GLY B 209 18.07 -36.61 8.07
C GLY B 209 19.43 -37.01 7.53
N SER B 210 20.03 -38.04 8.12
CA SER B 210 21.29 -38.58 7.62
C SER B 210 21.19 -39.07 6.19
N GLU B 211 20.00 -39.49 5.75
CA GLU B 211 19.81 -39.91 4.37
C GLU B 211 19.28 -38.81 3.47
N ILE B 212 18.11 -38.24 3.78
CA ILE B 212 17.43 -37.36 2.84
C ILE B 212 17.30 -35.95 3.40
N GLY B 213 18.04 -35.63 4.47
CA GLY B 213 17.85 -34.36 5.14
C GLY B 213 18.53 -33.21 4.44
N ASP B 214 19.84 -33.30 4.25
CA ASP B 214 20.53 -32.31 3.44
C ASP B 214 20.26 -32.52 1.96
N TYR B 215 19.85 -33.74 1.58
CA TYR B 215 19.63 -34.05 0.18
C TYR B 215 18.50 -33.21 -0.40
N ILE B 216 17.44 -32.98 0.38
CA ILE B 216 16.31 -32.22 -0.14
C ILE B 216 16.58 -30.73 -0.09
N ILE B 217 17.34 -30.28 0.91
CA ILE B 217 17.71 -28.87 0.99
C ILE B 217 18.64 -28.48 -0.13
N GLU B 218 19.55 -29.36 -0.53
CA GLU B 218 20.53 -29.06 -1.57
C GLU B 218 20.01 -29.36 -2.97
N HIS B 219 18.84 -29.98 -3.10
CA HIS B 219 18.27 -30.30 -4.39
C HIS B 219 18.11 -29.05 -5.25
N LYS B 220 18.41 -29.17 -6.54
CA LYS B 220 18.31 -28.04 -7.44
C LYS B 220 16.88 -27.72 -7.85
N GLU B 221 15.95 -28.67 -7.71
CA GLU B 221 14.54 -28.37 -7.92
C GLU B 221 13.98 -27.43 -6.88
N VAL B 222 14.48 -27.48 -5.65
CA VAL B 222 13.95 -26.63 -4.59
C VAL B 222 14.28 -25.18 -4.88
N ASN B 223 13.28 -24.32 -4.80
CA ASN B 223 13.44 -22.91 -5.08
C ASN B 223 13.30 -22.04 -3.85
N PHE B 224 12.90 -22.62 -2.72
CA PHE B 224 12.63 -21.88 -1.50
C PHE B 224 12.58 -22.89 -0.38
N ILE B 225 13.27 -22.58 0.71
CA ILE B 225 13.25 -23.42 1.90
C ILE B 225 12.58 -22.63 3.01
N ASN B 226 11.50 -23.18 3.55
CA ASN B 226 10.75 -22.58 4.65
C ASN B 226 10.94 -23.53 5.83
N PHE B 227 11.80 -23.15 6.76
CA PHE B 227 12.19 -24.01 7.87
C PHE B 227 11.93 -23.33 9.21
N THR B 228 11.30 -24.07 10.13
CA THR B 228 11.18 -23.62 11.52
C THR B 228 11.69 -24.75 12.41
N GLY B 229 12.78 -24.48 13.10
CA GLY B 229 13.40 -25.46 13.96
C GLY B 229 14.29 -24.81 14.99
N SER B 230 15.49 -25.36 15.19
CA SER B 230 16.42 -24.81 16.16
C SER B 230 17.51 -24.04 15.43
N THR B 231 18.15 -23.12 16.17
CA THR B 231 19.17 -22.25 15.59
C THR B 231 20.35 -23.01 14.98
N PRO B 232 20.86 -24.11 15.56
CA PRO B 232 21.91 -24.88 14.87
C PRO B 232 21.52 -25.36 13.47
N ILE B 233 20.41 -26.11 13.38
CA ILE B 233 19.98 -26.61 12.09
C ILE B 233 19.63 -25.47 11.14
N GLY B 234 19.07 -24.38 11.65
CA GLY B 234 18.87 -23.20 10.83
C GLY B 234 20.14 -22.58 10.31
N GLU B 235 21.21 -22.58 11.10
CA GLU B 235 22.51 -22.14 10.62
C GLU B 235 23.01 -23.03 9.50
N ARG B 236 22.82 -24.34 9.64
CA ARG B 236 23.21 -25.25 8.56
C ARG B 236 22.41 -24.98 7.29
N ILE B 237 21.11 -24.75 7.44
CA ILE B 237 20.24 -24.56 6.29
C ILE B 237 20.57 -23.26 5.57
N GLY B 238 20.80 -22.19 6.33
CA GLY B 238 21.14 -20.92 5.72
C GLY B 238 22.39 -20.98 4.88
N ARG B 239 23.29 -21.92 5.18
CA ARG B 239 24.50 -22.16 4.41
C ARG B 239 24.28 -23.10 3.24
N LEU B 240 23.60 -24.22 3.45
CA LEU B 240 23.31 -25.17 2.38
C LEU B 240 22.35 -24.62 1.34
N ALA B 241 21.64 -23.53 1.63
CA ALA B 241 20.72 -22.95 0.67
C ALA B 241 21.45 -22.31 -0.50
N GLY B 242 22.61 -21.72 -0.24
CA GLY B 242 23.27 -20.94 -1.26
C GLY B 242 22.71 -19.55 -1.30
N MET B 243 22.25 -19.11 -2.48
CA MET B 243 21.52 -17.88 -2.61
C MET B 243 20.03 -18.10 -2.87
N ARG B 244 19.57 -19.34 -2.74
CA ARG B 244 18.14 -19.62 -2.82
C ARG B 244 17.43 -18.95 -1.66
N PRO B 245 16.26 -18.35 -1.87
CA PRO B 245 15.56 -17.70 -0.77
C PRO B 245 15.15 -18.69 0.30
N ILE B 246 15.23 -18.25 1.56
CA ILE B 246 14.89 -19.07 2.70
C ILE B 246 14.04 -18.26 3.66
N MET B 247 13.24 -18.96 4.44
CA MET B 247 12.59 -18.40 5.60
C MET B 247 12.97 -19.29 6.78
N LEU B 248 13.57 -18.70 7.80
CA LEU B 248 14.01 -19.45 8.97
C LEU B 248 13.32 -18.89 10.20
N GLU B 249 12.64 -19.76 10.93
CA GLU B 249 12.02 -19.40 12.21
C GLU B 249 12.72 -20.25 13.26
N LEU B 250 13.80 -19.71 13.82
CA LEU B 250 14.64 -20.46 14.75
C LEU B 250 14.24 -20.21 16.19
N GLY B 251 15.11 -20.52 17.11
CA GLY B 251 14.77 -20.48 18.51
C GLY B 251 14.62 -19.09 19.07
N GLY B 252 14.11 -19.01 20.28
CA GLY B 252 13.92 -17.74 20.94
C GLY B 252 14.19 -17.86 22.42
N LYS B 253 14.43 -16.71 23.04
CA LYS B 253 14.61 -16.57 24.47
C LYS B 253 13.81 -15.38 24.98
N ASP B 254 12.54 -15.32 24.60
CA ASP B 254 11.71 -14.14 24.84
C ASP B 254 11.74 -13.69 26.29
N ALA B 255 12.02 -12.42 26.51
CA ALA B 255 12.10 -11.83 27.83
C ALA B 255 10.82 -11.07 28.14
N ALA B 256 10.38 -11.19 29.39
CA ALA B 256 9.32 -10.35 29.94
C ALA B 256 9.99 -9.32 30.82
N LEU B 257 10.07 -8.08 30.32
CA LEU B 257 10.64 -6.98 31.09
C LEU B 257 9.55 -6.43 31.99
N VAL B 258 9.72 -6.58 33.30
CA VAL B 258 8.75 -6.07 34.27
C VAL B 258 9.36 -4.89 35.00
N LEU B 259 8.69 -3.74 34.94
CA LEU B 259 9.13 -2.53 35.62
C LEU B 259 8.25 -2.27 36.83
N GLU B 260 8.58 -1.21 37.57
CA GLU B 260 7.95 -1.00 38.87
C GLU B 260 6.51 -0.52 38.76
N ASP B 261 6.20 0.26 37.72
CA ASP B 261 4.84 0.75 37.54
C ASP B 261 3.90 -0.34 37.06
N ALA B 262 4.45 -1.50 36.69
CA ALA B 262 3.66 -2.56 36.07
C ALA B 262 2.61 -3.09 37.01
N ASP B 263 1.48 -3.49 36.43
CA ASP B 263 0.47 -4.29 37.12
C ASP B 263 1.06 -5.68 37.30
N LEU B 264 1.47 -5.99 38.53
CA LEU B 264 2.24 -7.21 38.75
C LEU B 264 1.38 -8.46 38.66
N GLU B 265 0.10 -8.36 39.02
CA GLU B 265 -0.76 -9.54 38.98
C GLU B 265 -1.01 -9.97 37.53
N HIS B 266 -1.32 -9.00 36.68
CA HIS B 266 -1.49 -9.25 35.26
C HIS B 266 -0.19 -9.79 34.64
N ALA B 267 0.94 -9.17 35.01
CA ALA B 267 2.22 -9.61 34.49
C ALA B 267 2.51 -11.04 34.91
N ALA B 268 2.25 -11.37 36.17
CA ALA B 268 2.51 -12.70 36.70
C ALA B 268 1.67 -13.75 35.99
N LYS B 269 0.41 -13.44 35.76
CA LYS B 269 -0.48 -14.35 35.03
C LYS B 269 -0.09 -14.52 33.58
N GLN B 270 0.17 -13.41 32.88
CA GLN B 270 0.58 -13.46 31.49
C GLN B 270 1.87 -14.22 31.31
N ILE B 271 2.84 -13.99 32.22
CA ILE B 271 4.15 -14.59 32.07
C ILE B 271 4.07 -16.10 32.18
N VAL B 272 3.30 -16.61 33.14
CA VAL B 272 3.19 -18.06 33.31
C VAL B 272 2.38 -18.67 32.16
N ALA B 273 1.28 -18.01 31.76
CA ALA B 273 0.52 -18.50 30.63
C ALA B 273 1.38 -18.58 29.36
N GLY B 274 2.24 -17.60 29.14
CA GLY B 274 3.10 -17.62 27.99
C GLY B 274 4.29 -18.55 28.10
N ALA B 275 4.79 -18.74 29.31
CA ALA B 275 6.03 -19.47 29.53
C ALA B 275 5.80 -20.97 29.56
N PHE B 276 4.71 -21.43 30.15
CA PHE B 276 4.54 -22.85 30.37
C PHE B 276 3.52 -23.50 29.45
N SER B 277 3.07 -22.77 28.43
CA SER B 277 2.17 -23.38 27.46
C SER B 277 2.92 -24.44 26.67
N TYR B 278 2.40 -25.67 26.67
CA TYR B 278 3.02 -26.80 26.01
C TYR B 278 4.38 -27.10 26.62
N SER B 279 4.45 -27.11 27.94
CA SER B 279 5.68 -27.40 28.70
C SER B 279 6.85 -26.54 28.27
N GLY B 280 6.59 -25.28 27.95
CA GLY B 280 7.63 -24.36 27.59
C GLY B 280 8.28 -24.62 26.25
N GLN B 281 7.71 -25.53 25.45
CA GLN B 281 8.30 -25.92 24.18
C GLN B 281 7.72 -25.11 23.03
N ARG B 282 7.90 -23.80 23.08
CA ARG B 282 7.53 -22.92 21.98
C ARG B 282 8.68 -21.95 21.80
N CYS B 283 8.92 -21.54 20.56
CA CYS B 283 9.92 -20.54 20.28
C CYS B 283 9.51 -19.17 20.78
N THR B 284 8.21 -18.87 20.82
CA THR B 284 7.72 -17.55 21.12
C THR B 284 7.25 -17.45 22.57
N ALA B 285 7.52 -18.47 23.37
CA ALA B 285 7.20 -18.49 24.79
C ALA B 285 8.10 -17.56 25.56
N ILE B 286 7.61 -17.08 26.71
CA ILE B 286 8.45 -16.34 27.65
C ILE B 286 9.45 -17.29 28.28
N LYS B 287 10.73 -16.94 28.20
CA LYS B 287 11.77 -17.80 28.74
C LYS B 287 12.71 -17.03 29.66
N ARG B 288 12.32 -15.83 30.07
CA ARG B 288 13.16 -14.96 30.87
C ARG B 288 12.31 -13.87 31.49
N VAL B 289 12.29 -13.77 32.81
CA VAL B 289 11.62 -12.66 33.48
C VAL B 289 12.71 -11.71 33.96
N ILE B 290 12.76 -10.52 33.38
CA ILE B 290 13.73 -9.52 33.74
C ILE B 290 12.98 -8.41 34.49
N VAL B 291 13.18 -8.35 35.80
CA VAL B 291 12.36 -7.51 36.66
C VAL B 291 13.25 -6.61 37.49
N LEU B 292 12.82 -5.36 37.64
CA LEU B 292 13.50 -4.40 38.50
C LEU B 292 13.41 -4.83 39.95
N GLU B 293 14.45 -4.51 40.73
CA GLU B 293 14.55 -5.07 42.09
C GLU B 293 13.48 -4.54 43.02
N SER B 294 12.92 -3.36 42.74
CA SER B 294 11.91 -2.80 43.63
C SER B 294 10.67 -3.68 43.70
N VAL B 295 10.23 -4.22 42.56
CA VAL B 295 9.01 -5.02 42.50
C VAL B 295 9.31 -6.50 42.33
N ALA B 296 10.60 -6.87 42.38
CA ALA B 296 10.99 -8.24 42.03
C ALA B 296 10.45 -9.26 43.02
N ASP B 297 10.43 -8.93 44.31
CA ASP B 297 9.96 -9.90 45.31
C ASP B 297 8.45 -10.14 45.22
N LYS B 298 7.67 -9.07 45.09
CA LYS B 298 6.24 -9.21 44.90
C LYS B 298 5.95 -9.99 43.61
N LEU B 299 6.65 -9.65 42.54
CA LEU B 299 6.48 -10.37 41.28
C LEU B 299 6.82 -11.83 41.44
N ALA B 300 7.90 -12.14 42.16
CA ALA B 300 8.35 -13.50 42.33
C ALA B 300 7.33 -14.32 43.11
N THR B 301 6.72 -13.73 44.14
CA THR B 301 5.69 -14.44 44.88
C THR B 301 4.47 -14.71 44.02
N LEU B 302 4.02 -13.69 43.28
CA LEU B 302 2.87 -13.87 42.39
C LEU B 302 3.15 -14.92 41.32
N LEU B 303 4.36 -14.87 40.75
CA LEU B 303 4.77 -15.85 39.76
C LEU B 303 4.81 -17.24 40.34
N GLN B 304 5.31 -17.36 41.59
CA GLN B 304 5.41 -18.66 42.22
C GLN B 304 4.05 -19.28 42.43
N GLU B 305 3.07 -18.51 42.90
CA GLU B 305 1.74 -19.09 43.09
C GLU B 305 1.09 -19.41 41.75
N GLU B 306 1.31 -18.56 40.74
CA GLU B 306 0.84 -18.84 39.39
C GLU B 306 1.37 -20.17 38.87
N VAL B 307 2.68 -20.41 39.04
CA VAL B 307 3.28 -21.64 38.57
C VAL B 307 2.82 -22.82 39.39
N SER B 308 2.63 -22.61 40.70
CA SER B 308 2.21 -23.70 41.57
C SER B 308 0.80 -24.15 41.26
N LYS B 309 -0.03 -23.26 40.73
CA LYS B 309 -1.37 -23.75 40.42
C LYS B 309 -1.46 -24.45 39.05
N LEU B 310 -0.34 -24.73 38.38
CA LEU B 310 -0.31 -25.48 37.15
C LEU B 310 -0.46 -26.97 37.44
N THR B 311 -1.01 -27.71 36.47
CA THR B 311 -1.23 -29.14 36.61
C THR B 311 -0.19 -29.88 35.77
N VAL B 312 0.47 -30.85 36.37
CA VAL B 312 1.48 -31.65 35.67
C VAL B 312 0.99 -33.08 35.58
N GLY B 313 0.96 -33.63 34.38
CA GLY B 313 0.45 -34.97 34.18
C GLY B 313 0.43 -35.42 32.74
N ASP B 314 -0.67 -36.04 32.34
CA ASP B 314 -0.90 -36.70 31.08
C ASP B 314 -1.58 -35.77 30.08
N PRO B 315 -1.24 -35.86 28.79
CA PRO B 315 -1.89 -35.01 27.79
C PRO B 315 -3.40 -35.19 27.69
N PHE B 316 -3.90 -36.40 27.91
CA PHE B 316 -5.33 -36.64 27.80
C PHE B 316 -6.09 -36.29 29.07
N ASP B 317 -5.40 -35.98 30.16
CA ASP B 317 -6.00 -35.28 31.28
C ASP B 317 -5.94 -33.77 31.10
N ASN B 318 -5.41 -33.31 29.97
CA ASN B 318 -5.21 -31.88 29.67
C ASN B 318 -4.32 -31.23 30.71
N ALA B 319 -3.20 -31.87 30.99
CA ALA B 319 -2.21 -31.28 31.86
C ALA B 319 -1.58 -30.07 31.18
N ASP B 320 -1.36 -29.02 31.96
CA ASP B 320 -0.63 -27.87 31.46
C ASP B 320 0.82 -28.25 31.18
N ILE B 321 1.38 -29.11 32.02
CA ILE B 321 2.77 -29.57 31.87
C ILE B 321 2.71 -31.05 31.49
N THR B 322 2.70 -31.31 30.20
CA THR B 322 2.82 -32.63 29.61
C THR B 322 4.29 -32.94 29.39
N PRO B 323 4.68 -34.19 29.18
CA PRO B 323 6.10 -34.51 29.04
C PRO B 323 6.73 -33.87 27.80
N VAL B 324 8.00 -33.60 27.91
CA VAL B 324 8.76 -33.04 26.81
C VAL B 324 8.96 -34.11 25.75
N ILE B 325 9.41 -33.70 24.57
CA ILE B 325 9.26 -34.49 23.36
C ILE B 325 10.05 -35.80 23.40
N ASP B 326 11.25 -35.77 23.96
CA ASP B 326 12.08 -36.96 23.98
C ASP B 326 12.97 -36.90 25.20
N ASN B 327 13.80 -37.93 25.38
CA ASN B 327 14.71 -38.02 26.52
C ASN B 327 15.90 -37.10 26.42
N ALA B 328 16.39 -36.82 25.21
CA ALA B 328 17.50 -35.89 25.05
C ALA B 328 17.12 -34.50 25.50
N SER B 329 15.90 -34.08 25.21
CA SER B 329 15.40 -32.80 25.67
C SER B 329 15.31 -32.74 27.18
N ALA B 330 14.78 -33.79 27.81
CA ALA B 330 14.71 -33.83 29.26
C ALA B 330 16.09 -33.84 29.89
N ASP B 331 17.05 -34.53 29.29
CA ASP B 331 18.43 -34.51 29.78
C ASP B 331 19.03 -33.11 29.70
N PHE B 332 18.86 -32.42 28.57
CA PHE B 332 19.35 -31.06 28.41
C PHE B 332 18.68 -30.08 29.36
N ILE B 333 17.36 -30.17 29.52
CA ILE B 333 16.66 -29.28 30.44
C ILE B 333 17.09 -29.54 31.87
N TRP B 334 17.26 -30.82 32.23
CA TRP B 334 17.74 -31.15 33.56
C TRP B 334 19.16 -30.68 33.78
N GLY B 335 20.00 -30.68 32.75
CA GLY B 335 21.31 -30.07 32.86
C GLY B 335 21.25 -28.59 33.13
N LEU B 336 20.32 -27.89 32.47
CA LEU B 336 20.14 -26.47 32.76
C LEU B 336 19.69 -26.24 34.20
N ILE B 337 18.74 -27.05 34.68
CA ILE B 337 18.26 -26.94 36.05
C ILE B 337 19.38 -27.23 37.04
N GLU B 338 20.15 -28.28 36.76
CA GLU B 338 21.35 -28.60 37.52
C GLU B 338 22.27 -27.39 37.64
N ASP B 339 22.76 -26.90 36.50
CA ASP B 339 23.69 -25.78 36.51
C ASP B 339 23.11 -24.63 37.30
N ALA B 340 21.81 -24.39 37.18
CA ALA B 340 21.20 -23.30 37.93
C ALA B 340 21.31 -23.52 39.43
N GLN B 341 21.01 -24.74 39.91
CA GLN B 341 20.97 -24.92 41.36
C GLN B 341 22.35 -25.13 41.96
N GLU B 342 23.33 -25.63 41.20
CA GLU B 342 24.71 -25.59 41.69
C GLU B 342 25.21 -24.16 41.89
N LYS B 343 24.83 -23.24 41.02
CA LYS B 343 25.26 -21.85 41.18
C LYS B 343 24.33 -21.04 42.06
N GLU B 344 23.54 -21.71 42.91
CA GLU B 344 22.83 -21.08 44.02
C GLU B 344 21.64 -20.24 43.54
N ALA B 345 20.98 -20.70 42.49
CA ALA B 345 19.70 -20.13 42.12
C ALA B 345 18.64 -20.67 43.07
N GLN B 346 17.61 -19.89 43.32
CA GLN B 346 16.61 -20.24 44.31
C GLN B 346 15.40 -20.82 43.59
N ALA B 347 15.20 -22.12 43.72
CA ALA B 347 14.04 -22.77 43.15
C ALA B 347 12.80 -22.36 43.92
N LEU B 348 11.84 -21.74 43.22
CA LEU B 348 10.60 -21.32 43.83
C LEU B 348 9.50 -22.36 43.71
N THR B 349 9.66 -23.34 42.82
CA THR B 349 8.73 -24.45 42.69
C THR B 349 9.54 -25.74 42.71
N PRO B 350 8.92 -26.86 43.09
CA PRO B 350 9.69 -28.11 43.22
C PRO B 350 10.27 -28.55 41.89
N ILE B 351 11.48 -29.10 41.94
CA ILE B 351 12.06 -29.72 40.76
C ILE B 351 11.86 -31.23 40.85
N LYS B 352 11.25 -31.81 39.83
CA LYS B 352 10.96 -33.23 39.79
C LYS B 352 11.35 -33.78 38.43
N ARG B 353 11.26 -35.10 38.29
CA ARG B 353 11.52 -35.75 37.02
C ARG B 353 10.92 -37.14 37.05
N GLU B 354 10.15 -37.48 36.03
CA GLU B 354 9.58 -38.81 35.86
C GLU B 354 9.94 -39.35 34.49
N GLY B 355 11.23 -39.30 34.19
CA GLY B 355 11.76 -39.68 32.90
C GLY B 355 11.73 -38.54 31.91
N ASN B 356 10.57 -38.33 31.28
CA ASN B 356 10.37 -37.26 30.32
C ASN B 356 9.57 -36.10 30.89
N LEU B 357 8.75 -36.37 31.90
CA LEU B 357 7.89 -35.35 32.46
C LEU B 357 8.62 -34.65 33.60
N LEU B 358 8.81 -33.34 33.45
CA LEU B 358 9.52 -32.55 34.46
C LEU B 358 8.48 -31.72 35.18
N TRP B 359 8.80 -31.15 36.34
CA TRP B 359 7.86 -30.26 36.94
C TRP B 359 8.33 -28.85 36.65
N PRO B 360 7.40 -27.90 36.43
CA PRO B 360 7.79 -26.53 36.13
C PRO B 360 8.66 -25.92 37.21
N VAL B 361 9.80 -25.38 36.82
CA VAL B 361 10.76 -24.82 37.76
C VAL B 361 10.74 -23.30 37.62
N LEU B 362 10.37 -22.61 38.70
CA LEU B 362 10.57 -21.18 38.81
C LEU B 362 11.89 -20.93 39.53
N PHE B 363 12.84 -20.35 38.83
CA PHE B 363 14.16 -20.06 39.38
C PHE B 363 14.25 -18.57 39.65
N ASP B 364 14.65 -18.21 40.86
CA ASP B 364 14.93 -16.82 41.17
C ASP B 364 16.43 -16.65 41.41
N GLN B 365 16.84 -15.40 41.53
CA GLN B 365 18.25 -15.04 41.73
C GLN B 365 19.13 -15.60 40.62
N VAL B 366 18.63 -15.55 39.39
CA VAL B 366 19.37 -16.04 38.24
C VAL B 366 20.32 -14.95 37.75
N THR B 367 21.57 -15.31 37.54
CA THR B 367 22.61 -14.37 37.14
C THR B 367 23.07 -14.72 35.73
N LYS B 368 23.97 -13.90 35.20
CA LYS B 368 24.47 -14.10 33.85
C LYS B 368 25.44 -15.26 33.79
N ASP B 369 25.67 -15.94 34.90
CA ASP B 369 26.60 -17.05 34.95
C ASP B 369 25.94 -18.41 34.82
N MET B 370 24.67 -18.55 35.20
CA MET B 370 23.95 -19.79 35.01
C MET B 370 23.50 -19.92 33.56
N LYS B 371 23.49 -21.16 33.07
CA LYS B 371 23.18 -21.38 31.67
C LYS B 371 21.71 -21.18 31.37
N VAL B 372 20.84 -21.33 32.36
CA VAL B 372 19.42 -21.13 32.19
C VAL B 372 19.09 -19.67 31.86
N ALA B 373 20.03 -18.77 32.08
CA ALA B 373 19.84 -17.37 31.74
C ALA B 373 20.04 -17.08 30.27
N TRP B 374 20.67 -17.98 29.52
CA TRP B 374 21.00 -17.73 28.14
C TRP B 374 20.54 -18.80 27.17
N GLU B 375 20.53 -20.08 27.57
CA GLU B 375 20.18 -21.14 26.66
C GLU B 375 18.67 -21.30 26.57
N GLU B 376 18.19 -21.65 25.40
CA GLU B 376 16.78 -21.94 25.25
C GLU B 376 16.53 -23.36 25.69
N PRO B 377 15.82 -23.56 26.80
CA PRO B 377 15.65 -24.93 27.32
C PRO B 377 14.67 -25.75 26.53
N PHE B 378 13.62 -25.14 25.99
CA PHE B 378 12.50 -25.85 25.41
C PHE B 378 11.91 -26.83 26.43
N GLY B 379 11.84 -26.39 27.68
CA GLY B 379 11.25 -27.16 28.73
C GLY B 379 10.75 -26.24 29.82
N PRO B 380 10.01 -26.78 30.76
CA PRO B 380 9.31 -25.92 31.73
C PRO B 380 10.23 -25.32 32.78
N VAL B 381 11.13 -24.44 32.37
CA VAL B 381 12.02 -23.73 33.30
C VAL B 381 11.90 -22.24 33.00
N LEU B 382 11.56 -21.46 34.03
CA LEU B 382 11.52 -20.02 33.87
C LEU B 382 12.46 -19.36 34.87
N PRO B 383 13.52 -18.71 34.42
CA PRO B 383 14.40 -17.98 35.33
C PRO B 383 13.96 -16.54 35.58
N ILE B 384 13.91 -16.12 36.83
CA ILE B 384 13.68 -14.72 37.15
C ILE B 384 15.03 -14.03 37.35
N ILE B 385 15.22 -12.90 36.68
CA ILE B 385 16.46 -12.15 36.72
C ILE B 385 16.17 -10.76 37.25
N ARG B 386 16.93 -10.33 38.25
CA ARG B 386 16.74 -9.03 38.88
C ARG B 386 17.76 -8.04 38.34
N VAL B 387 17.30 -6.84 38.01
CA VAL B 387 18.15 -5.77 37.52
C VAL B 387 17.83 -4.51 38.31
N ALA B 388 18.75 -3.56 38.29
CA ALA B 388 18.62 -2.37 39.12
C ALA B 388 18.00 -1.19 38.41
N SER B 389 18.01 -1.17 37.07
CA SER B 389 17.45 -0.08 36.31
C SER B 389 16.77 -0.63 35.07
N VAL B 390 16.05 0.24 34.37
CA VAL B 390 15.49 -0.13 33.07
C VAL B 390 16.61 -0.32 32.05
N GLU B 391 17.66 0.50 32.12
CA GLU B 391 18.81 0.31 31.24
C GLU B 391 19.47 -1.04 31.42
N GLU B 392 19.57 -1.50 32.68
CA GLU B 392 20.09 -2.84 32.92
C GLU B 392 19.19 -3.92 32.34
N ALA B 393 17.88 -3.74 32.42
CA ALA B 393 16.96 -4.69 31.82
C ALA B 393 17.13 -4.73 30.31
N ILE B 394 17.26 -3.57 29.67
CA ILE B 394 17.44 -3.56 28.22
C ILE B 394 18.77 -4.18 27.85
N ALA B 395 19.82 -3.93 28.64
CA ALA B 395 21.11 -4.54 28.37
C ALA B 395 21.04 -6.05 28.47
N PHE B 396 20.37 -6.56 29.50
CA PHE B 396 20.23 -8.00 29.67
C PHE B 396 19.40 -8.60 28.53
N ALA B 397 18.32 -7.94 28.14
CA ALA B 397 17.49 -8.43 27.06
C ALA B 397 18.26 -8.50 25.75
N ASN B 398 19.04 -7.47 25.45
CA ASN B 398 19.80 -7.45 24.22
C ASN B 398 21.08 -8.27 24.28
N GLU B 399 21.48 -8.72 25.47
CA GLU B 399 22.65 -9.58 25.58
C GLU B 399 22.42 -10.95 24.95
N SER B 400 21.16 -11.37 24.83
CA SER B 400 20.84 -12.67 24.28
C SER B 400 21.21 -12.74 22.81
N GLU B 401 21.49 -13.94 22.33
CA GLU B 401 21.80 -14.19 20.94
C GLU B 401 20.55 -14.38 20.10
N PHE B 402 19.37 -14.24 20.71
CA PHE B 402 18.09 -14.43 20.07
C PHE B 402 17.35 -13.10 20.02
N GLY B 403 16.52 -12.94 19.00
CA GLY B 403 15.81 -11.71 18.81
C GLY B 403 14.37 -11.86 18.36
N LEU B 404 13.65 -12.84 18.88
CA LEU B 404 12.33 -13.16 18.32
C LEU B 404 11.24 -12.26 18.86
N GLN B 405 10.95 -12.35 20.15
CA GLN B 405 9.87 -11.56 20.73
C GLN B 405 10.23 -11.19 22.15
N SER B 406 9.52 -10.21 22.69
CA SER B 406 9.76 -9.74 24.05
C SER B 406 8.51 -9.07 24.57
N SER B 407 8.32 -9.15 25.88
CA SER B 407 7.20 -8.51 26.55
C SER B 407 7.74 -7.42 27.46
N VAL B 408 7.08 -6.27 27.45
CA VAL B 408 7.37 -5.19 28.38
C VAL B 408 6.12 -4.96 29.20
N PHE B 409 6.21 -5.16 30.51
CA PHE B 409 5.08 -4.94 31.40
C PHE B 409 5.31 -3.62 32.14
N THR B 410 4.43 -2.66 31.89
CA THR B 410 4.57 -1.30 32.36
C THR B 410 3.18 -0.78 32.65
N ASN B 411 3.12 0.44 33.15
CA ASN B 411 1.89 1.22 33.17
C ASN B 411 2.01 2.50 32.38
N ASP B 412 3.23 2.97 32.13
CA ASP B 412 3.49 4.10 31.24
C ASP B 412 3.72 3.56 29.84
N PHE B 413 2.80 3.86 28.92
CA PHE B 413 2.94 3.32 27.57
C PHE B 413 4.02 4.05 26.79
N LYS B 414 4.28 5.31 27.11
CA LYS B 414 5.39 5.99 26.46
C LYS B 414 6.72 5.34 26.84
N LYS B 415 6.87 4.96 28.11
CA LYS B 415 8.04 4.20 28.51
C LYS B 415 8.10 2.85 27.81
N ALA B 416 6.97 2.16 27.72
CA ALA B 416 6.95 0.85 27.10
C ALA B 416 7.32 0.92 25.63
N PHE B 417 6.83 1.94 24.93
CA PHE B 417 7.24 2.20 23.57
C PHE B 417 8.71 2.54 23.45
N GLU B 418 9.25 3.34 24.36
CA GLU B 418 10.69 3.61 24.35
C GLU B 418 11.50 2.32 24.44
N ILE B 419 11.18 1.50 25.43
CA ILE B 419 11.89 0.24 25.64
C ILE B 419 11.71 -0.66 24.43
N ALA B 420 10.50 -0.73 23.89
CA ALA B 420 10.23 -1.57 22.73
C ALA B 420 11.07 -1.17 21.54
N GLU B 421 11.22 0.13 21.29
CA GLU B 421 12.11 0.58 20.24
C GLU B 421 13.57 0.28 20.55
N LYS B 422 13.95 0.22 21.83
CA LYS B 422 15.31 -0.17 22.17
C LYS B 422 15.56 -1.67 22.08
N LEU B 423 14.53 -2.50 22.22
CA LEU B 423 14.70 -3.94 22.28
C LEU B 423 15.07 -4.49 20.91
N GLU B 424 16.00 -5.44 20.88
CA GLU B 424 16.45 -6.03 19.62
C GLU B 424 15.69 -7.32 19.33
N VAL B 425 14.39 -7.18 19.14
CA VAL B 425 13.53 -8.31 18.86
C VAL B 425 12.73 -8.00 17.61
N GLY B 426 11.95 -8.97 17.14
CA GLY B 426 11.09 -8.74 16.00
C GLY B 426 9.76 -8.16 16.41
N THR B 427 9.21 -8.63 17.53
CA THR B 427 7.93 -8.18 18.05
C THR B 427 8.09 -7.86 19.52
N VAL B 428 7.46 -6.78 19.97
CA VAL B 428 7.37 -6.45 21.38
C VAL B 428 5.90 -6.39 21.75
N HIS B 429 5.54 -7.10 22.80
CA HIS B 429 4.19 -7.10 23.33
C HIS B 429 4.20 -6.21 24.56
N ILE B 430 3.31 -5.23 24.59
CA ILE B 430 3.20 -4.34 25.74
C ILE B 430 2.08 -4.84 26.63
N ASN B 431 2.42 -5.26 27.84
CA ASN B 431 1.48 -5.74 28.85
C ASN B 431 0.79 -7.03 28.45
N ASN B 432 1.41 -7.82 27.59
CA ASN B 432 0.89 -9.13 27.24
C ASN B 432 2.07 -10.05 26.97
N LYS B 433 1.81 -11.34 27.05
CA LYS B 433 2.77 -12.37 26.72
C LYS B 433 3.12 -12.31 25.24
N THR B 434 4.30 -12.80 24.91
CA THR B 434 4.68 -12.97 23.52
C THR B 434 3.90 -14.13 22.93
N GLN B 435 3.55 -14.01 21.65
CA GLN B 435 2.84 -15.05 20.94
C GLN B 435 2.93 -14.78 19.45
N ARG B 436 2.75 -15.83 18.65
CA ARG B 436 2.68 -15.64 17.20
C ARG B 436 1.48 -14.80 16.83
N GLY B 437 0.50 -14.71 17.72
CA GLY B 437 -0.57 -13.74 17.63
C GLY B 437 -1.52 -14.15 16.56
N PRO B 438 -2.47 -13.30 16.24
CA PRO B 438 -3.24 -13.50 15.02
C PRO B 438 -2.27 -13.63 13.86
N ASP B 439 -2.40 -14.68 13.07
CA ASP B 439 -1.36 -15.03 12.12
C ASP B 439 -1.28 -14.02 10.99
N ASN B 440 -2.24 -13.10 10.92
CA ASN B 440 -2.11 -11.99 9.98
C ASN B 440 -1.03 -11.01 10.41
N PHE B 441 -0.64 -11.01 11.68
CA PHE B 441 0.41 -10.16 12.23
C PHE B 441 1.77 -10.61 11.72
N PRO B 442 2.70 -9.69 11.55
CA PRO B 442 4.07 -10.09 11.17
C PRO B 442 4.74 -10.87 12.29
N PHE B 443 5.42 -11.94 11.91
CA PHE B 443 6.15 -12.78 12.85
C PHE B 443 7.55 -12.98 12.32
N LEU B 444 8.54 -12.63 13.13
CA LEU B 444 9.91 -12.70 12.70
C LEU B 444 10.82 -12.65 13.92
N GLY B 445 12.04 -13.10 13.75
CA GLY B 445 13.08 -12.91 14.72
C GLY B 445 14.19 -12.10 14.10
N VAL B 446 14.74 -11.15 14.86
CA VAL B 446 15.83 -10.34 14.34
C VAL B 446 17.02 -10.50 15.26
N LYS B 447 17.76 -11.58 15.04
CA LYS B 447 19.06 -11.88 15.61
C LYS B 447 19.44 -13.21 14.99
N GLY B 448 20.23 -14.00 15.69
CA GLY B 448 20.29 -15.40 15.34
C GLY B 448 19.01 -16.16 15.63
N SER B 449 17.88 -15.46 15.75
CA SER B 449 16.60 -16.10 15.98
C SER B 449 15.79 -16.33 14.70
N GLY B 450 16.31 -15.98 13.54
CA GLY B 450 15.61 -16.30 12.31
C GLY B 450 15.99 -15.37 11.17
N ALA B 451 15.43 -15.69 10.01
CA ALA B 451 15.63 -14.91 8.80
C ALA B 451 14.32 -14.90 8.03
N GLY B 452 13.87 -13.73 7.62
CA GLY B 452 12.61 -13.61 6.91
C GLY B 452 11.50 -13.15 7.83
N VAL B 453 10.41 -12.68 7.22
CA VAL B 453 9.23 -12.23 7.94
C VAL B 453 8.08 -13.17 7.59
N GLN B 454 7.51 -13.80 8.59
CA GLN B 454 6.36 -14.65 8.44
C GLN B 454 5.10 -13.87 8.83
N GLY B 455 4.00 -14.57 9.01
CA GLY B 455 2.70 -13.91 8.99
C GLY B 455 2.15 -14.22 7.62
N ILE B 456 0.83 -14.35 7.53
CA ILE B 456 0.25 -14.93 6.33
C ILE B 456 0.57 -14.10 5.10
N LYS B 457 0.32 -12.80 5.17
CA LYS B 457 0.63 -11.94 4.04
C LYS B 457 2.11 -11.89 3.74
N TYR B 458 2.94 -11.82 4.77
CA TYR B 458 4.38 -11.72 4.59
C TYR B 458 4.99 -12.99 4.04
N SER B 459 4.47 -14.15 4.45
CA SER B 459 4.95 -15.40 3.90
C SER B 459 4.42 -15.64 2.48
N ILE B 460 3.20 -15.18 2.17
CA ILE B 460 2.75 -15.24 0.79
C ILE B 460 3.66 -14.43 -0.11
N GLU B 461 4.02 -13.22 0.31
CA GLU B 461 4.93 -12.43 -0.51
C GLU B 461 6.37 -12.90 -0.48
N ALA B 462 6.77 -13.66 0.53
CA ALA B 462 8.15 -14.16 0.58
C ALA B 462 8.40 -15.22 -0.48
N MET B 463 7.47 -16.14 -0.64
CA MET B 463 7.63 -17.23 -1.59
C MET B 463 7.02 -16.88 -2.94
N THR B 464 7.38 -15.69 -3.42
CA THR B 464 7.09 -15.26 -4.77
C THR B 464 8.26 -14.45 -5.27
N ASN B 465 8.39 -14.36 -6.58
CA ASN B 465 9.35 -13.48 -7.23
C ASN B 465 8.61 -12.28 -7.80
N VAL B 466 9.18 -11.10 -7.65
CA VAL B 466 8.70 -9.94 -8.39
C VAL B 466 9.02 -10.15 -9.87
N LYS B 467 8.02 -9.96 -10.72
CA LYS B 467 8.26 -9.88 -12.15
C LYS B 467 7.73 -8.55 -12.65
N SER B 468 8.64 -7.69 -13.10
CA SER B 468 8.29 -6.41 -13.68
C SER B 468 8.21 -6.54 -15.19
N ILE B 469 7.10 -6.08 -15.77
CA ILE B 469 6.97 -5.98 -17.22
C ILE B 469 6.92 -4.50 -17.55
N VAL B 470 7.91 -4.03 -18.29
CA VAL B 470 8.07 -2.61 -18.58
C VAL B 470 7.82 -2.39 -20.07
N PHE B 471 6.96 -1.43 -20.38
CA PHE B 471 6.68 -1.07 -21.75
C PHE B 471 6.44 0.43 -21.83
N ASP B 472 6.47 0.95 -23.05
CA ASP B 472 6.20 2.35 -23.33
C ASP B 472 4.72 2.54 -23.57
N VAL B 473 4.18 3.63 -23.04
CA VAL B 473 2.81 4.03 -23.31
C VAL B 473 2.75 5.22 -24.26
N LYS B 474 3.67 6.17 -24.11
CA LYS B 474 3.90 7.34 -24.97
C LYS B 474 2.68 8.24 -25.17
N MET C 1 1.24 53.35 -1.28
CA MET C 1 -0.02 52.84 -1.83
C MET C 1 0.26 51.76 -2.87
N THR C 2 0.57 50.55 -2.40
CA THR C 2 0.91 49.45 -3.30
C THR C 2 -0.34 48.92 -3.96
N ARG C 3 -0.29 48.80 -5.29
CA ARG C 3 -1.41 48.26 -6.08
C ARG C 3 -1.06 46.85 -6.50
N TYR C 4 -1.46 45.88 -5.70
CA TYR C 4 -1.17 44.50 -6.03
C TYR C 4 -2.02 44.04 -7.20
N GLN C 5 -1.50 43.08 -7.96
CA GLN C 5 -2.17 42.62 -9.16
C GLN C 5 -2.56 41.16 -9.08
N ASN C 6 -3.15 40.63 -10.14
CA ASN C 6 -3.63 39.26 -10.16
C ASN C 6 -2.86 38.48 -11.22
N LEU C 7 -2.38 37.30 -10.86
CA LEU C 7 -1.68 36.46 -11.81
C LEU C 7 -2.71 35.73 -12.66
N VAL C 8 -2.76 36.06 -13.94
CA VAL C 8 -3.67 35.42 -14.89
C VAL C 8 -2.90 35.12 -16.15
N ASN C 9 -2.89 33.85 -16.57
CA ASN C 9 -2.21 33.44 -17.79
C ASN C 9 -0.75 33.87 -17.78
N GLY C 10 -0.14 33.90 -16.61
CA GLY C 10 1.25 34.28 -16.45
C GLY C 10 1.46 35.75 -16.31
N LYS C 11 0.60 36.55 -16.92
CA LYS C 11 0.72 37.99 -16.84
C LYS C 11 0.06 38.50 -15.57
N TRP C 12 0.44 39.72 -15.18
CA TRP C 12 -0.13 40.38 -14.02
C TRP C 12 -1.22 41.33 -14.51
N LYS C 13 -2.39 41.26 -13.86
CA LYS C 13 -3.54 42.02 -14.30
C LYS C 13 -4.19 42.71 -13.11
N SER C 14 -4.66 43.92 -13.33
CA SER C 14 -5.47 44.64 -12.36
C SER C 14 -6.85 44.86 -12.94
N SER C 15 -7.78 45.28 -12.07
CA SER C 15 -9.15 45.54 -12.46
C SER C 15 -9.45 47.02 -12.33
N GLU C 16 -10.60 47.44 -12.87
CA GLU C 16 -11.04 48.81 -12.68
C GLU C 16 -11.32 49.09 -11.22
N GLN C 17 -12.12 48.25 -10.58
CA GLN C 17 -12.40 48.38 -9.16
C GLN C 17 -11.29 47.74 -8.34
N GLU C 18 -11.20 48.14 -7.08
CA GLU C 18 -10.11 47.70 -6.22
C GLU C 18 -10.62 47.59 -4.80
N ILE C 19 -10.22 46.55 -4.09
CA ILE C 19 -10.50 46.44 -2.67
C ILE C 19 -9.30 46.97 -1.90
N THR C 20 -9.56 47.81 -0.89
CA THR C 20 -8.50 48.36 -0.05
C THR C 20 -8.37 47.50 1.20
N ILE C 21 -7.13 47.23 1.60
CA ILE C 21 -6.82 46.35 2.71
C ILE C 21 -6.24 47.17 3.85
N TYR C 22 -6.86 47.10 5.01
CA TYR C 22 -6.41 47.82 6.19
C TYR C 22 -5.96 46.84 7.26
N SER C 23 -4.91 47.21 7.97
CA SER C 23 -4.40 46.34 9.02
C SER C 23 -5.46 46.16 10.10
N PRO C 24 -5.65 44.95 10.61
CA PRO C 24 -6.42 44.79 11.86
C PRO C 24 -5.66 45.22 13.11
N ILE C 25 -4.45 45.75 12.97
CA ILE C 25 -3.70 46.30 14.09
C ILE C 25 -4.03 47.76 14.31
N ASN C 26 -3.88 48.59 13.27
CA ASN C 26 -4.12 50.02 13.38
C ASN C 26 -4.80 50.63 12.17
N GLN C 27 -5.29 49.82 11.22
CA GLN C 27 -6.07 50.22 10.07
C GLN C 27 -5.29 50.98 9.01
N GLU C 28 -3.97 50.80 8.94
CA GLU C 28 -3.21 51.47 7.89
C GLU C 28 -3.50 50.82 6.55
N GLU C 29 -3.51 51.60 5.48
CA GLU C 29 -3.71 51.05 4.16
C GLU C 29 -2.50 50.19 3.78
N LEU C 30 -2.69 48.87 3.74
CA LEU C 30 -1.62 47.98 3.32
C LEU C 30 -1.44 48.02 1.81
N GLY C 31 -2.43 48.45 1.10
CA GLY C 31 -2.43 48.40 -0.34
C GLY C 31 -3.82 48.09 -0.83
N THR C 32 -3.91 47.75 -2.10
CA THR C 32 -5.19 47.44 -2.72
C THR C 32 -5.04 46.19 -3.59
N VAL C 33 -6.12 45.44 -3.72
CA VAL C 33 -6.11 44.24 -4.56
C VAL C 33 -7.22 44.39 -5.60
N PRO C 34 -7.08 43.82 -6.78
CA PRO C 34 -8.13 43.95 -7.80
C PRO C 34 -9.47 43.39 -7.36
N ALA C 35 -10.55 44.06 -7.74
CA ALA C 35 -11.90 43.52 -7.55
C ALA C 35 -12.35 43.02 -8.91
N MET C 36 -12.00 41.79 -9.23
CA MET C 36 -12.29 41.24 -10.53
C MET C 36 -13.80 41.12 -10.74
N THR C 37 -14.20 41.15 -11.99
CA THR C 37 -15.59 40.95 -12.36
C THR C 37 -15.78 39.51 -12.80
N GLN C 38 -17.04 39.13 -13.03
CA GLN C 38 -17.34 37.76 -13.43
C GLN C 38 -16.69 37.43 -14.78
N THR C 39 -16.60 38.41 -15.68
CA THR C 39 -15.95 38.15 -16.96
C THR C 39 -14.46 37.91 -16.78
N GLU C 40 -13.82 38.63 -15.85
CA GLU C 40 -12.40 38.43 -15.60
C GLU C 40 -12.14 37.08 -14.95
N ALA C 41 -13.03 36.68 -14.04
CA ALA C 41 -12.97 35.34 -13.50
C ALA C 41 -13.09 34.30 -14.61
N ASP C 42 -13.95 34.57 -15.58
CA ASP C 42 -14.15 33.64 -16.68
C ASP C 42 -12.88 33.52 -17.51
N GLU C 43 -12.22 34.64 -17.79
CA GLU C 43 -10.97 34.60 -18.54
C GLU C 43 -9.87 33.87 -17.78
N ALA C 44 -9.81 34.04 -16.46
CA ALA C 44 -8.85 33.27 -15.67
C ALA C 44 -9.13 31.76 -15.76
N MET C 45 -10.40 31.36 -15.68
CA MET C 45 -10.73 29.95 -15.89
C MET C 45 -10.39 29.44 -17.28
N GLN C 46 -10.59 30.24 -18.32
CA GLN C 46 -10.19 29.81 -19.66
C GLN C 46 -8.69 29.67 -19.82
N ALA C 47 -7.93 30.58 -19.21
CA ALA C 47 -6.48 30.42 -19.20
C ALA C 47 -6.09 29.12 -18.51
N ALA C 48 -6.76 28.81 -17.39
CA ALA C 48 -6.51 27.56 -16.69
C ALA C 48 -6.80 26.36 -17.56
N ARG C 49 -7.94 26.38 -18.25
CA ARG C 49 -8.33 25.25 -19.08
C ARG C 49 -7.38 25.05 -20.25
N ALA C 50 -6.87 26.14 -20.83
CA ALA C 50 -5.88 26.03 -21.89
C ALA C 50 -4.51 25.60 -21.40
N ALA C 51 -4.16 25.90 -20.16
CA ALA C 51 -2.87 25.48 -19.62
C ALA C 51 -2.87 24.05 -19.09
N LEU C 52 -4.04 23.49 -18.76
CA LEU C 52 -4.09 22.14 -18.22
C LEU C 52 -3.39 21.06 -19.04
N PRO C 53 -3.60 20.94 -20.37
CA PRO C 53 -3.07 19.75 -21.06
C PRO C 53 -1.54 19.70 -21.16
N ALA C 54 -0.91 20.86 -21.24
CA ALA C 54 0.54 20.91 -21.34
C ALA C 54 1.16 20.76 -19.97
N TRP C 55 0.39 21.09 -18.93
CA TRP C 55 0.85 20.86 -17.57
C TRP C 55 0.81 19.38 -17.22
N ARG C 56 -0.25 18.67 -17.56
CA ARG C 56 -0.22 17.24 -17.29
C ARG C 56 0.52 16.44 -18.35
N ALA C 57 0.91 17.04 -19.46
CA ALA C 57 1.82 16.40 -20.40
C ALA C 57 3.26 16.46 -19.93
N LEU C 58 3.53 17.25 -18.88
CA LEU C 58 4.83 17.37 -18.26
C LEU C 58 5.03 16.18 -17.32
N SER C 59 6.29 15.76 -17.16
CA SER C 59 6.58 14.68 -16.25
C SER C 59 6.50 15.18 -14.81
N ALA C 60 6.23 14.27 -13.88
CA ALA C 60 6.07 14.62 -12.49
C ALA C 60 7.29 15.34 -11.94
N ILE C 61 8.48 14.88 -12.30
CA ILE C 61 9.72 15.48 -11.82
C ILE C 61 9.83 16.93 -12.31
N GLU C 62 9.32 17.19 -13.51
CA GLU C 62 9.41 18.53 -14.07
C GLU C 62 8.50 19.51 -13.35
N ARG C 63 7.34 19.05 -12.88
CA ARG C 63 6.46 19.90 -12.08
C ARG C 63 6.99 20.08 -10.66
N ALA C 64 7.54 19.01 -10.10
CA ALA C 64 8.19 19.12 -8.79
C ALA C 64 9.35 20.09 -8.84
N ALA C 65 10.02 20.22 -9.98
CA ALA C 65 11.11 21.19 -10.11
C ALA C 65 10.58 22.61 -9.91
N TYR C 66 9.46 22.93 -10.52
CA TYR C 66 8.83 24.23 -10.30
C TYR C 66 8.43 24.41 -8.85
N LEU C 67 7.88 23.36 -8.23
CA LEU C 67 7.48 23.49 -6.83
C LEU C 67 8.66 23.76 -5.92
N HIS C 68 9.78 23.06 -6.13
CA HIS C 68 10.99 23.29 -5.35
C HIS C 68 11.52 24.70 -5.57
N LYS C 69 11.47 25.17 -6.83
CA LYS C 69 11.90 26.53 -7.12
C LYS C 69 11.06 27.55 -6.36
N THR C 70 9.74 27.35 -6.36
CA THR C 70 8.84 28.25 -5.64
C THR C 70 9.12 28.24 -4.16
N ALA C 71 9.35 27.06 -3.58
CA ALA C 71 9.67 26.98 -2.16
C ALA C 71 10.98 27.69 -1.82
N ALA C 72 12.02 27.54 -2.64
CA ALA C 72 13.27 28.26 -2.40
C ALA C 72 13.07 29.77 -2.48
N ILE C 73 12.39 30.25 -3.52
CA ILE C 73 12.12 31.69 -3.64
C ILE C 73 11.30 32.19 -2.45
N LEU C 74 10.32 31.41 -2.02
CA LEU C 74 9.44 31.80 -0.94
C LEU C 74 10.15 31.89 0.40
N GLU C 75 11.05 30.94 0.66
CA GLU C 75 11.91 31.01 1.82
C GLU C 75 12.91 32.15 1.74
N ARG C 76 13.31 32.53 0.53
CA ARG C 76 14.18 33.68 0.35
C ARG C 76 13.53 34.96 0.88
N ASP C 77 12.25 35.16 0.57
CA ASP C 77 11.53 36.36 0.98
C ASP C 77 10.72 36.11 2.25
N LYS C 78 11.23 35.26 3.14
CA LYS C 78 10.54 34.92 4.37
C LYS C 78 10.23 36.16 5.22
N GLU C 79 11.19 37.08 5.32
CA GLU C 79 10.98 38.27 6.15
C GLU C 79 10.05 39.27 5.48
N LYS C 80 10.23 39.50 4.18
CA LYS C 80 9.37 40.42 3.46
C LYS C 80 7.93 39.93 3.44
N ILE C 81 7.73 38.66 3.09
CA ILE C 81 6.38 38.10 3.08
C ILE C 81 5.82 38.05 4.50
N GLY C 82 6.67 37.71 5.47
CA GLY C 82 6.24 37.59 6.84
C GLY C 82 5.74 38.87 7.46
N THR C 83 6.40 40.00 7.19
CA THR C 83 5.94 41.28 7.71
C THR C 83 4.58 41.68 7.14
N ILE C 84 4.40 41.50 5.83
CA ILE C 84 3.13 41.85 5.19
C ILE C 84 2.00 40.97 5.72
N LEU C 85 2.24 39.67 5.81
CA LEU C 85 1.20 38.79 6.34
C LEU C 85 1.02 38.95 7.84
N ALA C 86 2.02 39.48 8.55
CA ALA C 86 1.86 39.83 9.95
C ALA C 86 0.93 41.00 10.14
N LYS C 87 1.12 42.07 9.40
CA LYS C 87 0.26 43.22 9.58
C LYS C 87 -1.01 43.14 8.75
N GLU C 88 -1.19 42.07 7.96
CA GLU C 88 -2.42 41.90 7.22
C GLU C 88 -3.46 41.10 7.99
N VAL C 89 -3.05 40.19 8.86
CA VAL C 89 -3.99 39.39 9.62
C VAL C 89 -3.66 39.47 11.09
N ALA C 90 -2.79 40.42 11.46
CA ALA C 90 -2.44 40.70 12.84
C ALA C 90 -1.88 39.46 13.53
N LYS C 91 -0.94 38.82 12.85
CA LYS C 91 -0.25 37.65 13.36
C LYS C 91 1.15 38.05 13.82
N GLY C 92 1.59 37.47 14.94
CA GLY C 92 2.88 37.80 15.50
C GLY C 92 4.00 37.60 14.51
N ILE C 93 4.92 38.56 14.42
CA ILE C 93 5.87 38.54 13.31
C ILE C 93 6.75 37.30 13.33
N LYS C 94 7.11 36.79 14.51
CA LYS C 94 7.84 35.52 14.59
C LYS C 94 6.94 34.33 14.27
N ALA C 95 5.63 34.52 14.24
CA ALA C 95 4.71 33.46 13.84
C ALA C 95 4.38 33.62 12.37
N ALA C 96 4.39 34.86 11.87
CA ALA C 96 4.21 35.09 10.45
C ALA C 96 5.43 34.71 9.62
N ILE C 97 6.64 34.82 10.15
CA ILE C 97 7.80 34.28 9.46
C ILE C 97 7.77 32.76 9.48
N GLY C 98 7.37 32.18 10.62
CA GLY C 98 7.20 30.77 10.74
C GLY C 98 6.18 30.19 9.82
N GLU C 99 5.10 30.91 9.56
CA GLU C 99 4.11 30.46 8.59
C GLU C 99 4.71 30.31 7.19
N VAL C 100 5.52 31.28 6.77
CA VAL C 100 6.18 31.19 5.48
C VAL C 100 7.20 30.06 5.41
N VAL C 101 8.00 29.86 6.47
CA VAL C 101 8.97 28.77 6.39
C VAL C 101 8.28 27.40 6.41
N ARG C 102 7.20 27.27 7.20
CA ARG C 102 6.44 26.04 7.15
C ARG C 102 5.71 25.87 5.82
N THR C 103 5.34 26.97 5.16
CA THR C 103 4.78 26.89 3.82
C THR C 103 5.81 26.33 2.84
N ALA C 104 7.04 26.81 2.93
CA ALA C 104 8.09 26.33 2.05
C ALA C 104 8.32 24.85 2.27
N ASP C 105 8.34 24.43 3.53
CA ASP C 105 8.51 23.02 3.85
C ASP C 105 7.35 22.17 3.33
N LEU C 106 6.13 22.69 3.42
CA LEU C 106 4.99 21.96 2.86
C LEU C 106 5.09 21.81 1.35
N ILE C 107 5.51 22.85 0.64
CA ILE C 107 5.64 22.74 -0.81
C ILE C 107 6.72 21.75 -1.19
N ARG C 108 7.85 21.75 -0.47
CA ARG C 108 8.88 20.75 -0.70
C ARG C 108 8.33 19.33 -0.51
N TYR C 109 7.69 19.08 0.62
CA TYR C 109 7.18 17.75 0.90
C TYR C 109 6.12 17.34 -0.10
N ALA C 110 5.27 18.28 -0.53
CA ALA C 110 4.23 17.94 -1.49
C ALA C 110 4.82 17.56 -2.84
N ALA C 111 5.83 18.29 -3.29
CA ALA C 111 6.51 17.92 -4.52
C ALA C 111 7.08 16.51 -4.43
N GLU C 112 7.82 16.23 -3.36
CA GLU C 112 8.46 14.93 -3.28
C GLU C 112 7.50 13.79 -2.99
N GLU C 113 6.31 14.08 -2.45
CA GLU C 113 5.31 13.05 -2.24
C GLU C 113 4.45 12.81 -3.47
N GLY C 114 4.19 13.84 -4.26
CA GLY C 114 3.51 13.66 -5.52
C GLY C 114 4.37 13.10 -6.62
N LEU C 115 5.67 13.04 -6.41
CA LEU C 115 6.55 12.29 -7.30
C LEU C 115 6.33 10.79 -7.23
N ARG C 116 5.84 10.26 -6.12
CA ARG C 116 5.87 8.83 -5.85
C ARG C 116 4.48 8.22 -5.77
N ILE C 117 3.52 8.76 -6.50
CA ILE C 117 2.19 8.19 -6.53
C ILE C 117 2.21 7.02 -7.51
N THR C 118 2.10 5.81 -6.99
CA THR C 118 2.14 4.61 -7.80
C THR C 118 0.75 4.03 -7.95
N GLY C 119 0.48 3.46 -9.11
CA GLY C 119 -0.80 2.86 -9.39
C GLY C 119 -0.87 1.42 -8.94
N GLN C 120 -1.92 0.76 -9.38
CA GLN C 120 -2.14 -0.65 -9.09
C GLN C 120 -2.14 -1.44 -10.39
N ALA C 121 -1.92 -2.74 -10.26
CA ALA C 121 -2.09 -3.68 -11.36
C ALA C 121 -2.88 -4.86 -10.82
N MET C 122 -4.20 -4.82 -10.98
CA MET C 122 -5.07 -5.88 -10.51
C MET C 122 -5.25 -6.93 -11.59
N GLU C 123 -5.67 -8.13 -11.17
CA GLU C 123 -5.56 -9.27 -12.06
C GLU C 123 -6.86 -9.99 -12.36
N GLY C 124 -7.98 -9.57 -11.81
CA GLY C 124 -9.23 -10.18 -12.23
C GLY C 124 -9.46 -11.58 -11.73
N GLY C 125 -8.52 -12.49 -11.97
CA GLY C 125 -8.58 -13.80 -11.36
C GLY C 125 -8.34 -13.68 -9.87
N GLY C 126 -8.96 -14.54 -9.10
CA GLY C 126 -9.09 -14.32 -7.68
C GLY C 126 -10.42 -13.74 -7.28
N PHE C 127 -11.08 -13.04 -8.20
CA PHE C 127 -12.51 -12.77 -8.08
C PHE C 127 -13.35 -13.68 -8.95
N GLU C 128 -12.88 -13.97 -10.16
CA GLU C 128 -13.54 -14.91 -11.07
C GLU C 128 -12.47 -15.68 -11.81
N ALA C 129 -12.71 -16.96 -12.07
CA ALA C 129 -11.84 -17.70 -12.96
C ALA C 129 -12.01 -17.29 -14.41
N ALA C 130 -13.15 -16.69 -14.77
CA ALA C 130 -13.35 -16.18 -16.11
C ALA C 130 -12.53 -14.93 -16.38
N SER C 131 -12.49 -14.02 -15.39
CA SER C 131 -11.79 -12.75 -15.56
C SER C 131 -10.30 -12.89 -15.30
N LYS C 132 -9.87 -14.08 -14.93
CA LYS C 132 -8.45 -14.40 -14.94
C LYS C 132 -7.89 -14.05 -16.30
N ASN C 133 -6.71 -13.42 -16.31
CA ASN C 133 -5.96 -12.93 -17.47
C ASN C 133 -6.55 -11.66 -18.05
N LYS C 134 -7.41 -11.00 -17.29
CA LYS C 134 -7.72 -9.58 -17.48
C LYS C 134 -6.88 -8.78 -16.50
N LEU C 135 -6.17 -7.77 -16.99
CA LEU C 135 -5.30 -6.94 -16.17
C LEU C 135 -5.81 -5.52 -16.18
N ALA C 136 -6.14 -4.99 -15.00
CA ALA C 136 -6.49 -3.59 -14.84
C ALA C 136 -5.27 -2.84 -14.34
N VAL C 137 -4.83 -1.85 -15.10
CA VAL C 137 -3.73 -0.98 -14.71
C VAL C 137 -4.40 0.30 -14.21
N VAL C 138 -4.44 0.47 -12.90
CA VAL C 138 -5.16 1.55 -12.24
C VAL C 138 -4.16 2.63 -11.89
N ARG C 139 -4.37 3.83 -12.41
CA ARG C 139 -3.50 4.95 -12.12
C ARG C 139 -4.36 6.17 -11.84
N ARG C 140 -3.75 7.30 -11.55
CA ARG C 140 -4.49 8.49 -11.18
C ARG C 140 -4.18 9.61 -12.14
N GLU C 141 -5.20 10.36 -12.50
CA GLU C 141 -5.08 11.52 -13.37
C GLU C 141 -5.67 12.74 -12.69
N PRO C 142 -5.17 13.92 -13.00
CA PRO C 142 -5.70 15.14 -12.37
C PRO C 142 -7.19 15.34 -12.66
N VAL C 143 -7.91 15.87 -11.67
CA VAL C 143 -9.33 16.15 -11.87
C VAL C 143 -9.51 17.28 -12.87
N GLY C 144 -8.55 18.18 -12.95
CA GLY C 144 -8.64 19.28 -13.90
C GLY C 144 -8.24 20.61 -13.33
N ILE C 145 -9.19 21.54 -13.27
CA ILE C 145 -8.96 22.83 -12.64
C ILE C 145 -9.36 22.72 -11.17
N VAL C 146 -8.42 22.95 -10.27
CA VAL C 146 -8.67 22.94 -8.85
C VAL C 146 -8.83 24.39 -8.40
N LEU C 147 -9.95 24.69 -7.77
CA LEU C 147 -10.17 26.00 -7.19
C LEU C 147 -9.88 25.90 -5.70
N ALA C 148 -8.91 26.68 -5.26
CA ALA C 148 -8.53 26.72 -3.85
C ALA C 148 -9.02 28.03 -3.25
N ILE C 149 -9.68 27.94 -2.10
CA ILE C 149 -10.13 29.10 -1.35
C ILE C 149 -9.47 29.05 0.02
N ALA C 150 -8.55 29.96 0.27
CA ALA C 150 -7.75 30.04 1.47
C ALA C 150 -8.50 30.74 2.59
N PRO C 151 -8.17 30.45 3.85
CA PRO C 151 -8.76 31.19 4.96
C PRO C 151 -7.91 32.38 5.35
N PHE C 152 -8.42 33.24 6.23
CA PHE C 152 -7.63 34.39 6.64
C PHE C 152 -6.53 34.01 7.63
N ASN C 153 -6.77 33.00 8.48
CA ASN C 153 -5.86 32.76 9.59
C ASN C 153 -4.50 32.31 9.08
N TYR C 154 -4.47 31.51 8.03
CA TYR C 154 -3.24 31.11 7.37
C TYR C 154 -3.40 31.37 5.88
N PRO C 155 -3.26 32.64 5.45
CA PRO C 155 -3.42 32.94 4.02
C PRO C 155 -2.35 32.30 3.16
N VAL C 156 -1.21 31.95 3.72
CA VAL C 156 -0.09 31.44 2.95
C VAL C 156 0.09 29.94 3.12
N ASN C 157 -0.02 29.42 4.34
CA ASN C 157 0.14 28.00 4.56
C ASN C 157 -1.06 27.21 4.07
N LEU C 158 -2.26 27.66 4.36
CA LEU C 158 -3.46 26.91 4.05
C LEU C 158 -3.97 27.18 2.65
N SER C 159 -3.32 28.08 1.92
CA SER C 159 -3.50 28.16 0.48
C SER C 159 -2.48 27.30 -0.26
N ALA C 160 -1.24 27.25 0.24
CA ALA C 160 -0.25 26.36 -0.34
C ALA C 160 -0.60 24.90 -0.12
N SER C 161 -1.20 24.57 1.01
CA SER C 161 -1.59 23.20 1.28
C SER C 161 -2.69 22.71 0.35
N LYS C 162 -3.32 23.61 -0.40
CA LYS C 162 -4.22 23.28 -1.49
C LYS C 162 -3.55 23.37 -2.85
N ILE C 163 -2.69 24.37 -3.05
CA ILE C 163 -2.08 24.58 -4.35
C ILE C 163 -1.05 23.51 -4.65
N ALA C 164 -0.03 23.37 -3.81
CA ALA C 164 1.07 22.46 -4.11
C ALA C 164 0.63 21.02 -4.28
N PRO C 165 -0.21 20.44 -3.41
CA PRO C 165 -0.69 19.07 -3.66
C PRO C 165 -1.47 18.94 -4.95
N ALA C 166 -2.21 19.97 -5.35
CA ALA C 166 -2.92 19.91 -6.62
C ALA C 166 -1.98 20.06 -7.79
N LEU C 167 -1.03 20.99 -7.69
CA LEU C 167 -0.13 21.25 -8.80
C LEU C 167 0.76 20.05 -9.10
N ILE C 168 1.24 19.36 -8.06
CA ILE C 168 2.11 18.21 -8.32
C ILE C 168 1.33 17.09 -8.99
N ALA C 169 0.05 16.95 -8.68
CA ALA C 169 -0.77 15.90 -9.26
C ALA C 169 -1.07 16.10 -10.73
N GLY C 170 -0.77 17.28 -11.28
CA GLY C 170 -1.04 17.57 -12.67
C GLY C 170 -2.13 18.57 -12.92
N ASN C 171 -2.85 18.98 -11.87
CA ASN C 171 -3.92 19.94 -12.00
C ASN C 171 -3.38 21.34 -12.16
N VAL C 172 -4.17 22.21 -12.74
CA VAL C 172 -3.92 23.64 -12.65
C VAL C 172 -4.75 24.15 -11.50
N VAL C 173 -4.30 25.24 -10.89
CA VAL C 173 -4.90 25.75 -9.65
C VAL C 173 -5.37 27.17 -9.91
N MET C 174 -6.56 27.48 -9.42
CA MET C 174 -7.08 28.83 -9.46
C MET C 174 -7.25 29.23 -8.00
N LEU C 175 -6.38 30.10 -7.51
CA LEU C 175 -6.40 30.47 -6.10
C LEU C 175 -7.38 31.59 -5.85
N LYS C 176 -8.15 31.47 -4.78
CA LYS C 176 -9.02 32.52 -4.27
C LYS C 176 -8.52 32.89 -2.89
N PRO C 177 -7.63 33.87 -2.76
CA PRO C 177 -7.17 34.29 -1.45
C PRO C 177 -8.27 34.98 -0.68
N PRO C 178 -8.20 34.99 0.65
CA PRO C 178 -9.31 35.55 1.42
C PRO C 178 -9.42 37.05 1.27
N THR C 179 -10.39 37.67 1.94
CA THR C 179 -10.49 39.12 1.92
C THR C 179 -9.38 39.74 2.76
N GLN C 180 -9.32 39.41 4.04
CA GLN C 180 -8.16 39.74 4.88
C GLN C 180 -7.13 38.66 4.62
N GLY C 181 -6.11 39.00 3.84
CA GLY C 181 -5.10 38.02 3.50
C GLY C 181 -4.93 37.90 2.00
N SER C 182 -5.67 38.69 1.24
CA SER C 182 -5.51 38.68 -0.21
C SER C 182 -4.11 39.09 -0.62
N ILE C 183 -3.50 40.04 0.07
CA ILE C 183 -2.17 40.47 -0.32
C ILE C 183 -1.17 39.33 -0.14
N SER C 184 -1.34 38.53 0.92
CA SER C 184 -0.44 37.39 1.11
C SER C 184 -0.68 36.32 0.04
N GLY C 185 -1.90 36.20 -0.46
CA GLY C 185 -2.16 35.30 -1.57
C GLY C 185 -1.42 35.71 -2.82
N LEU C 186 -1.40 37.00 -3.12
CA LEU C 186 -0.62 37.50 -4.25
C LEU C 186 0.88 37.49 -3.99
N LEU C 187 1.30 37.56 -2.73
CA LEU C 187 2.71 37.37 -2.41
C LEU C 187 3.13 35.93 -2.62
N LEU C 188 2.21 34.98 -2.39
CA LEU C 188 2.47 33.60 -2.74
C LEU C 188 2.43 33.37 -4.25
N ALA C 189 1.54 34.05 -4.94
CA ALA C 189 1.52 33.99 -6.41
C ALA C 189 2.77 34.60 -7.02
N LYS C 190 3.36 35.61 -6.37
CA LYS C 190 4.62 36.16 -6.83
C LYS C 190 5.69 35.10 -6.93
N ALA C 191 5.79 34.24 -5.90
CA ALA C 191 6.79 33.18 -5.90
C ALA C 191 6.54 32.19 -7.02
N PHE C 192 5.29 31.79 -7.23
CA PHE C 192 4.97 30.85 -8.29
C PHE C 192 5.31 31.41 -9.66
N GLU C 193 4.99 32.69 -9.88
CA GLU C 193 5.33 33.32 -11.15
C GLU C 193 6.84 33.43 -11.33
N GLU C 194 7.56 33.83 -10.28
CA GLU C 194 9.00 33.98 -10.37
C GLU C 194 9.66 32.65 -10.67
N ALA C 195 9.15 31.57 -10.08
CA ALA C 195 9.72 30.25 -10.30
C ALA C 195 9.22 29.63 -11.59
N GLY C 196 9.19 30.43 -12.66
CA GLY C 196 8.87 29.97 -13.99
C GLY C 196 7.65 29.09 -14.21
N ILE C 197 6.67 29.09 -13.31
CA ILE C 197 5.50 28.23 -13.50
C ILE C 197 4.83 28.65 -14.81
N PRO C 198 4.44 27.71 -15.65
CA PRO C 198 3.91 28.07 -16.97
C PRO C 198 2.62 28.84 -16.86
N ALA C 199 2.32 29.58 -17.91
CA ALA C 199 1.14 30.44 -17.93
C ALA C 199 -0.12 29.61 -17.75
N GLY C 200 -1.00 30.10 -16.89
CA GLY C 200 -2.31 29.50 -16.73
C GLY C 200 -2.31 28.32 -15.79
N VAL C 201 -1.12 27.83 -15.45
CA VAL C 201 -1.01 26.71 -14.52
C VAL C 201 -1.40 27.16 -13.12
N PHE C 202 -1.03 28.37 -12.75
CA PHE C 202 -1.45 28.98 -11.49
C PHE C 202 -2.02 30.36 -11.76
N ASN C 203 -3.25 30.60 -11.30
CA ASN C 203 -3.93 31.87 -11.47
C ASN C 203 -4.50 32.29 -10.14
N THR C 204 -4.69 33.59 -9.95
CA THR C 204 -5.24 34.13 -8.72
C THR C 204 -6.50 34.93 -9.02
N ILE C 205 -7.44 34.88 -8.08
CA ILE C 205 -8.71 35.58 -8.20
C ILE C 205 -8.93 36.40 -6.94
N THR C 206 -9.05 37.71 -7.09
CA THR C 206 -9.43 38.56 -5.97
C THR C 206 -10.63 39.40 -6.36
N GLY C 207 -11.55 39.54 -5.41
CA GLY C 207 -12.72 40.38 -5.64
C GLY C 207 -13.71 40.17 -4.53
N ARG C 208 -14.74 41.01 -4.55
CA ARG C 208 -15.80 40.96 -3.55
C ARG C 208 -16.56 39.64 -3.69
N GLY C 209 -16.92 39.06 -2.55
CA GLY C 209 -17.58 37.77 -2.55
C GLY C 209 -19.02 37.79 -2.99
N SER C 210 -19.62 38.96 -3.10
CA SER C 210 -20.97 39.08 -3.63
C SER C 210 -21.00 39.23 -5.14
N GLU C 211 -19.85 39.41 -5.78
CA GLU C 211 -19.78 39.52 -7.23
C GLU C 211 -19.31 38.24 -7.90
N ILE C 212 -18.19 37.66 -7.43
CA ILE C 212 -17.63 36.48 -8.06
C ILE C 212 -17.53 35.30 -7.09
N GLY C 213 -17.95 35.48 -5.84
CA GLY C 213 -17.80 34.44 -4.85
C GLY C 213 -18.54 33.16 -5.22
N ASP C 214 -19.79 33.28 -5.64
CA ASP C 214 -20.53 32.13 -6.13
C ASP C 214 -20.30 31.86 -7.60
N TYR C 215 -19.90 32.88 -8.35
CA TYR C 215 -19.65 32.71 -9.77
C TYR C 215 -18.47 31.79 -10.02
N ILE C 216 -17.46 31.83 -9.15
CA ILE C 216 -16.31 30.96 -9.35
C ILE C 216 -16.58 29.56 -8.80
N ILE C 217 -17.37 29.45 -7.74
CA ILE C 217 -17.69 28.13 -7.21
C ILE C 217 -18.58 27.36 -8.16
N GLU C 218 -19.55 28.04 -8.79
CA GLU C 218 -20.50 27.37 -9.67
C GLU C 218 -19.98 27.20 -11.08
N HIS C 219 -18.85 27.81 -11.44
CA HIS C 219 -18.35 27.77 -12.80
C HIS C 219 -18.19 26.34 -13.26
N LYS C 220 -18.46 26.09 -14.53
CA LYS C 220 -18.39 24.73 -15.05
C LYS C 220 -16.96 24.30 -15.30
N GLU C 221 -16.04 25.25 -15.45
CA GLU C 221 -14.65 24.89 -15.67
C GLU C 221 -14.00 24.36 -14.41
N VAL C 222 -14.55 24.70 -13.25
CA VAL C 222 -14.00 24.23 -11.99
C VAL C 222 -14.32 22.75 -11.84
N ASN C 223 -13.30 21.96 -11.55
CA ASN C 223 -13.44 20.53 -11.40
C ASN C 223 -13.28 20.05 -9.96
N PHE C 224 -12.69 20.87 -9.11
CA PHE C 224 -12.49 20.56 -7.70
C PHE C 224 -12.50 21.86 -6.92
N ILE C 225 -13.25 21.90 -5.83
CA ILE C 225 -13.23 23.03 -4.91
C ILE C 225 -12.56 22.57 -3.63
N ASN C 226 -11.45 23.21 -3.30
CA ASN C 226 -10.75 22.98 -2.05
C ASN C 226 -10.92 24.22 -1.19
N PHE C 227 -11.75 24.13 -0.16
CA PHE C 227 -12.19 25.29 0.60
C PHE C 227 -11.85 25.13 2.07
N THR C 228 -11.24 26.14 2.66
CA THR C 228 -11.07 26.23 4.10
C THR C 228 -11.76 27.50 4.59
N GLY C 229 -12.59 27.35 5.63
CA GLY C 229 -13.32 28.48 6.13
C GLY C 229 -14.33 28.09 7.19
N SER C 230 -15.40 28.85 7.30
CA SER C 230 -16.40 28.63 8.33
C SER C 230 -17.44 27.61 7.87
N THR C 231 -18.09 26.99 8.84
CA THR C 231 -19.09 25.95 8.55
C THR C 231 -20.30 26.46 7.77
N PRO C 232 -20.86 27.65 8.04
CA PRO C 232 -21.95 28.14 7.17
C PRO C 232 -21.56 28.26 5.71
N ILE C 233 -20.42 28.89 5.45
CA ILE C 233 -19.97 29.06 4.07
C ILE C 233 -19.64 27.72 3.44
N GLY C 234 -19.06 26.80 4.23
CA GLY C 234 -18.79 25.47 3.72
C GLY C 234 -20.03 24.68 3.39
N GLU C 235 -21.07 24.79 4.23
CA GLU C 235 -22.33 24.12 3.93
C GLU C 235 -22.98 24.71 2.69
N ARG C 236 -22.78 26.00 2.43
CA ARG C 236 -23.28 26.59 1.19
C ARG C 236 -22.50 26.05 -0.01
N ILE C 237 -21.17 25.98 0.10
CA ILE C 237 -20.33 25.47 -0.99
C ILE C 237 -20.71 24.03 -1.31
N GLY C 238 -21.01 23.24 -0.28
CA GLY C 238 -21.35 21.86 -0.47
C GLY C 238 -22.51 21.66 -1.41
N ARG C 239 -23.55 22.49 -1.28
CA ARG C 239 -24.67 22.43 -2.22
C ARG C 239 -24.32 23.08 -3.56
N LEU C 240 -23.55 24.17 -3.55
CA LEU C 240 -23.28 24.88 -4.79
C LEU C 240 -22.34 24.11 -5.70
N ALA C 241 -21.70 23.05 -5.19
CA ALA C 241 -20.74 22.32 -6.00
C ALA C 241 -21.41 21.23 -6.82
N GLY C 242 -22.60 20.81 -6.41
CA GLY C 242 -23.28 19.74 -7.14
C GLY C 242 -22.68 18.41 -6.79
N MET C 243 -22.33 17.63 -7.79
CA MET C 243 -21.60 16.39 -7.59
C MET C 243 -20.13 16.53 -7.95
N ARG C 244 -19.64 17.75 -8.08
CA ARG C 244 -18.23 17.96 -8.27
C ARG C 244 -17.49 17.68 -6.97
N PRO C 245 -16.32 17.05 -7.02
CA PRO C 245 -15.61 16.73 -5.78
C PRO C 245 -15.15 17.97 -5.03
N ILE C 246 -15.28 17.92 -3.71
CA ILE C 246 -14.96 19.05 -2.86
C ILE C 246 -14.09 18.58 -1.71
N MET C 247 -13.30 19.51 -1.19
CA MET C 247 -12.61 19.36 0.07
C MET C 247 -13.01 20.54 0.92
N LEU C 248 -13.65 20.29 2.05
CA LEU C 248 -14.07 21.34 2.96
C LEU C 248 -13.35 21.14 4.28
N GLU C 249 -12.76 22.19 4.80
CA GLU C 249 -12.11 22.18 6.10
C GLU C 249 -12.72 23.29 6.91
N LEU C 250 -13.78 22.99 7.65
CA LEU C 250 -14.57 23.97 8.37
C LEU C 250 -14.07 24.05 9.82
N GLY C 251 -14.86 24.65 10.70
CA GLY C 251 -14.41 24.94 12.04
C GLY C 251 -14.38 23.73 12.95
N GLY C 252 -14.06 23.99 14.20
CA GLY C 252 -14.10 22.93 15.19
C GLY C 252 -14.00 23.42 16.62
N LYS C 253 -14.81 22.87 17.51
CA LYS C 253 -14.66 23.07 18.94
C LYS C 253 -13.88 21.87 19.48
N ASP C 254 -12.56 21.91 19.31
CA ASP C 254 -11.72 20.81 19.77
C ASP C 254 -11.72 20.75 21.29
N ALA C 255 -12.08 19.58 21.81
CA ALA C 255 -12.15 19.35 23.24
C ALA C 255 -10.81 18.87 23.78
N ALA C 256 -10.51 19.27 25.00
CA ALA C 256 -9.36 18.75 25.73
C ALA C 256 -9.92 17.97 26.92
N LEU C 257 -10.08 16.67 26.75
CA LEU C 257 -10.58 15.81 27.81
C LEU C 257 -9.47 15.50 28.80
N VAL C 258 -9.66 15.89 30.06
CA VAL C 258 -8.66 15.67 31.10
C VAL C 258 -9.25 14.74 32.14
N LEU C 259 -8.56 13.65 32.42
CA LEU C 259 -9.01 12.65 33.38
C LEU C 259 -8.29 12.84 34.71
N GLU C 260 -8.66 12.02 35.69
CA GLU C 260 -8.10 12.16 37.02
C GLU C 260 -6.64 11.73 37.06
N ASP C 261 -6.31 10.68 36.34
CA ASP C 261 -4.94 10.18 36.26
C ASP C 261 -4.25 10.84 35.09
N ALA C 262 -3.93 12.13 35.25
CA ALA C 262 -3.33 12.89 34.16
C ALA C 262 -2.35 13.90 34.70
N ASP C 263 -1.21 14.06 34.02
CA ASP C 263 -0.24 15.06 34.43
C ASP C 263 -0.82 16.44 34.18
N LEU C 264 -1.31 17.09 35.23
CA LEU C 264 -2.09 18.32 35.08
C LEU C 264 -1.23 19.48 34.62
N GLU C 265 0.05 19.51 34.99
CA GLU C 265 0.90 20.61 34.57
C GLU C 265 1.17 20.56 33.08
N HIS C 266 1.52 19.37 32.58
CA HIS C 266 1.69 19.18 31.14
C HIS C 266 0.40 19.46 30.40
N ALA C 267 -0.72 18.97 30.91
CA ALA C 267 -2.01 19.19 30.27
C ALA C 267 -2.33 20.67 30.22
N ALA C 268 -2.09 21.40 31.31
CA ALA C 268 -2.40 22.83 31.34
C ALA C 268 -1.54 23.60 30.35
N LYS C 269 -0.25 23.30 30.34
CA LYS C 269 0.64 23.99 29.40
C LYS C 269 0.23 23.71 27.96
N GLN C 270 -0.06 22.44 27.64
CA GLN C 270 -0.48 22.09 26.29
C GLN C 270 -1.81 22.71 25.92
N ILE C 271 -2.77 22.70 26.85
CA ILE C 271 -4.09 23.25 26.57
C ILE C 271 -4.02 24.73 26.30
N VAL C 272 -3.24 25.47 27.07
CA VAL C 272 -3.16 26.91 26.82
C VAL C 272 -2.37 27.21 25.56
N ALA C 273 -1.24 26.52 25.33
CA ALA C 273 -0.51 26.73 24.09
C ALA C 273 -1.36 26.43 22.86
N GLY C 274 -2.20 25.40 22.92
CA GLY C 274 -3.09 25.11 21.82
C GLY C 274 -4.22 26.10 21.68
N ALA C 275 -4.87 26.42 22.80
CA ALA C 275 -6.06 27.24 22.79
C ALA C 275 -5.79 28.68 22.38
N PHE C 276 -4.68 29.25 22.81
CA PHE C 276 -4.46 30.67 22.61
C PHE C 276 -3.39 30.99 21.58
N SER C 277 -2.98 30.03 20.76
CA SER C 277 -2.09 30.34 19.66
C SER C 277 -2.86 31.10 18.59
N TYR C 278 -2.28 32.21 18.14
CA TYR C 278 -2.96 33.17 17.28
C TYR C 278 -4.26 33.68 17.91
N SER C 279 -4.27 33.79 19.25
CA SER C 279 -5.38 34.32 20.02
C SER C 279 -6.70 33.61 19.71
N GLY C 280 -6.64 32.28 19.58
CA GLY C 280 -7.82 31.46 19.40
C GLY C 280 -8.36 31.38 17.99
N GLN C 281 -7.74 32.04 17.02
CA GLN C 281 -8.27 32.06 15.65
C GLN C 281 -7.68 30.92 14.83
N ARG C 282 -7.93 29.71 15.32
CA ARG C 282 -7.45 28.49 14.69
C ARG C 282 -8.58 27.48 14.73
N CYS C 283 -8.78 26.79 13.61
CA CYS C 283 -9.75 25.70 13.59
C CYS C 283 -9.32 24.55 14.48
N THR C 284 -8.03 24.23 14.46
CA THR C 284 -7.46 23.18 15.31
C THR C 284 -6.80 23.80 16.54
N ALA C 285 -7.62 24.41 17.37
CA ALA C 285 -7.21 24.90 18.66
C ALA C 285 -8.09 24.26 19.71
N ILE C 286 -7.53 24.08 20.91
CA ILE C 286 -8.33 23.62 22.05
C ILE C 286 -9.37 24.71 22.32
N LYS C 287 -10.64 24.40 22.09
CA LYS C 287 -11.68 25.39 22.20
C LYS C 287 -12.62 25.15 23.37
N ARG C 288 -12.36 24.12 24.16
CA ARG C 288 -13.13 23.82 25.35
C ARG C 288 -12.39 22.77 26.18
N VAL C 289 -12.44 22.90 27.50
CA VAL C 289 -11.78 21.96 28.39
C VAL C 289 -12.85 21.15 29.10
N ILE C 290 -12.79 19.84 28.98
CA ILE C 290 -13.71 18.97 29.69
C ILE C 290 -12.93 18.15 30.70
N VAL C 291 -12.95 18.57 31.95
CA VAL C 291 -12.13 17.97 33.00
C VAL C 291 -13.03 17.25 33.99
N LEU C 292 -12.52 16.18 34.58
CA LEU C 292 -13.22 15.47 35.63
C LEU C 292 -13.19 16.29 36.91
N GLU C 293 -14.26 16.20 37.70
CA GLU C 293 -14.47 17.06 38.85
C GLU C 293 -13.34 16.98 39.88
N SER C 294 -12.73 15.81 40.03
CA SER C 294 -11.72 15.63 41.06
C SER C 294 -10.48 16.47 40.79
N VAL C 295 -10.03 16.54 39.54
CA VAL C 295 -8.85 17.31 39.18
C VAL C 295 -9.20 18.65 38.58
N ALA C 296 -10.48 19.01 38.58
CA ALA C 296 -10.92 20.23 37.92
C ALA C 296 -10.34 21.47 38.57
N ASP C 297 -10.19 21.47 39.89
CA ASP C 297 -9.70 22.66 40.58
C ASP C 297 -8.19 22.85 40.38
N LYS C 298 -7.42 21.78 40.50
CA LYS C 298 -5.99 21.87 40.21
C LYS C 298 -5.76 22.30 38.78
N LEU C 299 -6.51 21.70 37.84
CA LEU C 299 -6.35 22.07 36.44
C LEU C 299 -6.77 23.51 36.20
N ALA C 300 -7.83 23.98 36.87
CA ALA C 300 -8.25 25.37 36.71
C ALA C 300 -7.17 26.32 37.19
N THR C 301 -6.55 26.02 38.32
CA THR C 301 -5.48 26.87 38.83
C THR C 301 -4.29 26.90 37.87
N LEU C 302 -3.85 25.71 37.43
CA LEU C 302 -2.69 25.63 36.54
C LEU C 302 -2.98 26.31 35.21
N LEU C 303 -4.19 26.10 34.68
CA LEU C 303 -4.61 26.76 33.45
C LEU C 303 -4.61 28.26 33.62
N GLN C 304 -5.04 28.73 34.80
CA GLN C 304 -5.08 30.17 35.05
C GLN C 304 -3.69 30.76 35.08
N GLU C 305 -2.74 30.09 35.72
CA GLU C 305 -1.36 30.59 35.69
C GLU C 305 -0.83 30.65 34.26
N GLU C 306 -1.08 29.58 33.49
CA GLU C 306 -0.62 29.53 32.11
C GLU C 306 -1.23 30.67 31.28
N VAL C 307 -2.51 30.96 31.48
CA VAL C 307 -3.16 32.06 30.77
C VAL C 307 -2.60 33.39 31.24
N SER C 308 -2.26 33.51 32.53
CA SER C 308 -1.73 34.77 33.03
C SER C 308 -0.34 35.06 32.48
N LYS C 309 0.41 34.02 32.11
CA LYS C 309 1.71 34.29 31.49
C LYS C 309 1.61 34.73 30.04
N LEU C 310 0.43 35.01 29.51
CA LEU C 310 0.26 35.33 28.10
C LEU C 310 0.47 36.83 27.88
N THR C 311 1.17 37.20 26.81
CA THR C 311 1.42 38.60 26.51
C THR C 311 0.42 39.09 25.49
N VAL C 312 -0.38 40.09 25.86
CA VAL C 312 -1.35 40.69 24.97
C VAL C 312 -0.80 42.01 24.43
N GLY C 313 -0.89 42.19 23.12
CA GLY C 313 -0.39 43.43 22.55
C GLY C 313 -0.29 43.33 21.04
N ASP C 314 0.79 43.91 20.51
CA ASP C 314 1.05 44.14 19.11
C ASP C 314 1.75 42.95 18.48
N PRO C 315 1.43 42.61 17.23
CA PRO C 315 2.10 41.48 16.58
C PRO C 315 3.61 41.63 16.51
N PHE C 316 4.11 42.85 16.29
CA PHE C 316 5.54 43.04 16.11
C PHE C 316 6.30 43.02 17.43
N ASP C 317 5.59 43.02 18.55
CA ASP C 317 6.19 42.71 19.85
C ASP C 317 6.13 41.22 20.15
N ASN C 318 5.62 40.42 19.21
CA ASN C 318 5.51 38.97 19.35
C ASN C 318 4.64 38.60 20.54
N ALA C 319 3.49 39.25 20.66
CA ALA C 319 2.56 38.97 21.70
C ALA C 319 1.94 37.58 21.45
N ASP C 320 1.47 36.94 22.51
CA ASP C 320 0.69 35.72 22.36
C ASP C 320 -0.73 36.06 21.93
N ILE C 321 -1.28 37.16 22.41
CA ILE C 321 -2.63 37.59 22.07
C ILE C 321 -2.60 38.89 21.29
N THR C 322 -2.58 38.77 19.97
CA THR C 322 -2.76 39.91 19.10
C THR C 322 -4.24 40.14 18.89
N PRO C 323 -4.64 41.29 18.37
CA PRO C 323 -6.07 41.55 18.15
C PRO C 323 -6.68 40.62 17.12
N VAL C 324 -7.97 40.38 17.28
CA VAL C 324 -8.69 39.51 16.35
C VAL C 324 -8.83 40.22 15.00
N ILE C 325 -9.26 39.47 13.99
CA ILE C 325 -9.14 39.89 12.60
C ILE C 325 -10.04 41.07 12.26
N ASP C 326 -11.24 41.14 12.83
CA ASP C 326 -12.23 42.15 12.45
C ASP C 326 -12.93 42.64 13.70
N ASN C 327 -13.73 43.69 13.53
CA ASN C 327 -14.57 44.18 14.62
C ASN C 327 -15.79 43.31 14.84
N ALA C 328 -16.37 42.77 13.77
CA ALA C 328 -17.47 41.84 13.92
C ALA C 328 -17.03 40.60 14.66
N SER C 329 -15.80 40.15 14.40
CA SER C 329 -15.25 39.00 15.12
C SER C 329 -15.14 39.30 16.61
N ALA C 330 -14.62 40.47 16.95
CA ALA C 330 -14.50 40.85 18.36
C ALA C 330 -15.87 41.02 19.01
N ASP C 331 -16.84 41.54 18.26
CA ASP C 331 -18.19 41.68 18.82
C ASP C 331 -18.81 40.32 19.09
N PHE C 332 -18.59 39.35 18.18
CA PHE C 332 -19.07 38.00 18.41
C PHE C 332 -18.40 37.34 19.61
N ILE C 333 -17.09 37.51 19.76
CA ILE C 333 -16.41 36.96 20.94
C ILE C 333 -16.94 37.62 22.21
N TRP C 334 -17.12 38.94 22.18
CA TRP C 334 -17.62 39.67 23.34
C TRP C 334 -19.03 39.24 23.68
N GLY C 335 -19.85 38.94 22.67
CA GLY C 335 -21.17 38.41 22.94
C GLY C 335 -21.12 37.06 23.62
N LEU C 336 -20.22 36.18 23.20
CA LEU C 336 -20.05 34.91 23.90
C LEU C 336 -19.62 35.13 25.35
N ILE C 337 -18.68 36.06 25.57
CA ILE C 337 -18.21 36.35 26.93
C ILE C 337 -19.36 36.89 27.79
N GLU C 338 -20.15 37.79 27.22
CA GLU C 338 -21.31 38.35 27.93
C GLU C 338 -22.31 37.27 28.28
N ASP C 339 -22.67 36.43 27.31
CA ASP C 339 -23.60 35.34 27.56
C ASP C 339 -23.09 34.45 28.68
N ALA C 340 -21.78 34.26 28.76
CA ALA C 340 -21.22 33.38 29.79
C ALA C 340 -21.24 34.05 31.17
N GLN C 341 -20.90 35.34 31.24
CA GLN C 341 -20.84 36.00 32.54
C GLN C 341 -22.22 36.35 33.07
N GLU C 342 -23.21 36.54 32.19
CA GLU C 342 -24.59 36.70 32.60
C GLU C 342 -25.24 35.39 32.98
N LYS C 343 -24.48 34.30 33.02
CA LYS C 343 -25.00 33.02 33.44
C LYS C 343 -24.15 32.43 34.57
N GLU C 344 -23.38 33.27 35.27
CA GLU C 344 -22.56 32.86 36.41
C GLU C 344 -21.47 31.88 36.05
N ALA C 345 -20.66 32.22 35.05
CA ALA C 345 -19.44 31.49 34.76
C ALA C 345 -18.28 32.23 35.42
N GLN C 346 -17.38 31.48 36.03
CA GLN C 346 -16.30 32.05 36.81
C GLN C 346 -15.17 32.44 35.88
N ALA C 347 -15.13 33.71 35.49
CA ALA C 347 -14.02 34.24 34.71
C ALA C 347 -12.77 34.30 35.56
N LEU C 348 -11.77 33.48 35.23
CA LEU C 348 -10.58 33.38 36.05
C LEU C 348 -9.49 34.34 35.60
N THR C 349 -9.71 35.05 34.51
CA THR C 349 -8.77 36.05 34.01
C THR C 349 -9.53 37.34 33.73
N PRO C 350 -8.83 38.47 33.70
CA PRO C 350 -9.52 39.76 33.62
C PRO C 350 -10.12 40.09 32.26
N ILE C 351 -11.39 39.69 32.06
CA ILE C 351 -12.15 40.12 30.89
C ILE C 351 -11.93 41.59 30.62
N LYS C 352 -11.41 41.91 29.43
CA LYS C 352 -11.01 43.27 29.13
C LYS C 352 -10.88 43.50 27.63
N ARG C 353 -11.68 44.40 27.08
CA ARG C 353 -11.65 44.70 25.66
C ARG C 353 -10.93 46.03 25.40
N GLU C 354 -10.19 46.10 24.30
CA GLU C 354 -9.56 47.34 23.88
C GLU C 354 -9.70 47.53 22.37
N GLY C 355 -10.91 47.43 21.86
CA GLY C 355 -11.14 47.52 20.44
C GLY C 355 -11.17 46.15 19.82
N ASN C 356 -10.30 45.92 18.83
CA ASN C 356 -10.08 44.55 18.36
C ASN C 356 -9.36 43.72 19.41
N LEU C 357 -8.44 44.34 20.14
CA LEU C 357 -7.61 43.60 21.07
C LEU C 357 -8.43 43.11 22.25
N LEU C 358 -8.73 41.82 22.25
CA LEU C 358 -9.44 41.19 23.34
C LEU C 358 -8.44 40.53 24.27
N TRP C 359 -8.95 39.90 25.31
CA TRP C 359 -8.05 39.41 26.34
C TRP C 359 -8.29 37.91 26.57
N PRO C 360 -7.28 37.18 26.98
CA PRO C 360 -7.40 35.72 27.08
C PRO C 360 -8.37 35.28 28.14
N VAL C 361 -9.67 35.30 27.88
CA VAL C 361 -10.63 34.98 28.92
C VAL C 361 -10.65 33.48 29.18
N LEU C 362 -10.42 33.09 30.42
CA LEU C 362 -10.52 31.71 30.86
C LEU C 362 -11.75 31.59 31.76
N PHE C 363 -12.73 30.81 31.32
CA PHE C 363 -13.98 30.67 32.04
C PHE C 363 -14.03 29.34 32.77
N ASP C 364 -14.76 29.32 33.88
CA ASP C 364 -14.96 28.10 34.64
C ASP C 364 -16.44 27.99 34.97
N GLN C 365 -16.84 26.81 35.41
CA GLN C 365 -18.25 26.49 35.66
C GLN C 365 -19.10 26.77 34.45
N VAL C 366 -18.59 26.43 33.27
CA VAL C 366 -19.35 26.59 32.03
C VAL C 366 -20.30 25.42 31.89
N THR C 367 -21.56 25.71 31.61
CA THR C 367 -22.60 24.71 31.48
C THR C 367 -23.03 24.63 30.01
N LYS C 368 -24.00 23.75 29.75
CA LYS C 368 -24.47 23.57 28.39
C LYS C 368 -25.37 24.72 27.92
N ASP C 369 -25.93 25.51 28.83
CA ASP C 369 -26.83 26.59 28.40
C ASP C 369 -26.08 27.83 27.95
N MET C 370 -24.82 28.00 28.35
CA MET C 370 -24.02 29.09 27.83
C MET C 370 -23.62 28.79 26.40
N LYS C 371 -23.73 29.79 25.53
CA LYS C 371 -23.35 29.58 24.14
C LYS C 371 -21.87 29.80 23.89
N VAL C 372 -21.03 29.26 24.76
CA VAL C 372 -19.58 29.36 24.63
C VAL C 372 -19.06 27.94 24.72
N ALA C 373 -19.90 27.04 25.23
CA ALA C 373 -19.61 25.62 25.23
C ALA C 373 -19.75 24.99 23.86
N TRP C 374 -20.50 25.61 22.97
CA TRP C 374 -20.84 25.06 21.67
C TRP C 374 -20.34 25.91 20.52
N GLU C 375 -20.53 27.22 20.57
CA GLU C 375 -20.16 28.07 19.46
C GLU C 375 -18.64 28.18 19.37
N GLU C 376 -18.11 28.04 18.18
CA GLU C 376 -16.69 28.27 17.99
C GLU C 376 -16.43 29.77 18.00
N PRO C 377 -15.66 30.28 18.95
CA PRO C 377 -15.44 31.73 19.00
C PRO C 377 -14.58 32.23 17.85
N PHE C 378 -13.43 31.59 17.63
CA PHE C 378 -12.31 32.16 16.90
C PHE C 378 -11.76 33.39 17.62
N GLY C 379 -11.70 33.33 18.95
CA GLY C 379 -11.15 34.39 19.75
C GLY C 379 -10.58 33.84 21.04
N PRO C 380 -10.07 34.72 21.89
CA PRO C 380 -9.29 34.32 23.06
C PRO C 380 -10.12 33.88 24.27
N VAL C 381 -11.00 32.92 24.07
CA VAL C 381 -11.88 32.45 25.14
C VAL C 381 -11.77 30.95 25.27
N LEU C 382 -11.53 30.47 26.49
CA LEU C 382 -11.45 29.04 26.79
C LEU C 382 -12.45 28.68 27.87
N PRO C 383 -13.46 27.88 27.56
CA PRO C 383 -14.38 27.41 28.60
C PRO C 383 -13.90 26.16 29.30
N ILE C 384 -13.96 26.13 30.63
CA ILE C 384 -13.73 24.90 31.37
C ILE C 384 -15.10 24.32 31.74
N ILE C 385 -15.34 23.08 31.33
CA ILE C 385 -16.58 22.38 31.61
C ILE C 385 -16.26 21.18 32.47
N ARG C 386 -16.90 21.09 33.63
CA ARG C 386 -16.66 20.00 34.57
C ARG C 386 -17.70 18.91 34.36
N VAL C 387 -17.24 17.67 34.34
CA VAL C 387 -18.11 16.51 34.22
C VAL C 387 -17.76 15.55 35.35
N ALA C 388 -18.68 14.63 35.63
CA ALA C 388 -18.53 13.72 36.76
C ALA C 388 -17.91 12.40 36.37
N SER C 389 -17.84 12.10 35.07
CA SER C 389 -17.44 10.79 34.61
C SER C 389 -16.74 10.93 33.27
N VAL C 390 -15.99 9.89 32.90
CA VAL C 390 -15.41 9.81 31.56
C VAL C 390 -16.51 9.67 30.52
N GLU C 391 -17.57 8.95 30.84
CA GLU C 391 -18.72 8.86 29.95
C GLU C 391 -19.39 10.21 29.77
N GLU C 392 -19.51 10.99 30.83
CA GLU C 392 -20.07 12.34 30.71
C GLU C 392 -19.21 13.21 29.82
N ALA C 393 -17.89 13.12 29.96
CA ALA C 393 -16.96 13.83 29.10
C ALA C 393 -17.07 13.42 27.65
N ILE C 394 -17.19 12.12 27.37
CA ILE C 394 -17.31 11.68 25.99
C ILE C 394 -18.64 12.15 25.39
N ALA C 395 -19.72 12.07 26.17
CA ALA C 395 -21.00 12.55 25.68
C ALA C 395 -20.99 14.04 25.41
N PHE C 396 -20.35 14.82 26.29
CA PHE C 396 -20.24 16.25 26.06
C PHE C 396 -19.39 16.55 24.83
N ALA C 397 -18.29 15.84 24.65
CA ALA C 397 -17.45 16.05 23.48
C ALA C 397 -18.21 15.72 22.20
N ASN C 398 -18.96 14.63 22.19
CA ASN C 398 -19.68 14.19 21.01
C ASN C 398 -21.00 14.91 20.81
N GLU C 399 -21.42 15.75 21.75
CA GLU C 399 -22.56 16.61 21.57
C GLU C 399 -22.29 17.78 20.63
N SER C 400 -21.03 18.06 20.33
CA SER C 400 -20.68 19.17 19.46
C SER C 400 -21.16 18.90 18.04
N GLU C 401 -21.34 19.98 17.29
CA GLU C 401 -21.64 19.88 15.86
C GLU C 401 -20.38 19.79 15.04
N PHE C 402 -19.22 19.79 15.67
CA PHE C 402 -17.94 19.72 15.00
C PHE C 402 -17.26 18.41 15.36
N GLY C 403 -16.41 17.94 14.46
CA GLY C 403 -15.68 16.71 14.69
C GLY C 403 -14.25 16.75 14.19
N LEU C 404 -13.56 17.87 14.35
CA LEU C 404 -12.25 17.99 13.74
C LEU C 404 -11.16 17.24 14.50
N GLN C 405 -10.86 17.69 15.72
CA GLN C 405 -9.79 17.10 16.51
C GLN C 405 -10.19 17.16 17.98
N SER C 406 -9.45 16.42 18.79
CA SER C 406 -9.70 16.37 20.22
C SER C 406 -8.43 15.87 20.89
N SER C 407 -8.29 16.19 22.17
CA SER C 407 -7.15 15.77 22.97
C SER C 407 -7.68 14.94 24.13
N VAL C 408 -6.95 13.91 24.51
CA VAL C 408 -7.24 13.15 25.70
C VAL C 408 -5.98 13.14 26.54
N PHE C 409 -6.04 13.79 27.70
CA PHE C 409 -4.92 13.83 28.62
C PHE C 409 -5.20 12.84 29.73
N THR C 410 -4.30 11.87 29.90
CA THR C 410 -4.41 10.88 30.96
C THR C 410 -3.02 10.30 31.20
N ASN C 411 -2.95 9.21 31.95
CA ASN C 411 -1.74 8.40 32.02
C ASN C 411 -1.95 6.96 31.58
N ASP C 412 -3.19 6.49 31.47
CA ASP C 412 -3.50 5.16 30.99
C ASP C 412 -3.75 5.22 29.49
N PHE C 413 -2.73 4.89 28.70
CA PHE C 413 -2.85 4.96 27.25
C PHE C 413 -3.88 4.00 26.69
N LYS C 414 -4.11 2.86 27.35
CA LYS C 414 -5.20 2.00 26.92
C LYS C 414 -6.55 2.67 27.11
N LYS C 415 -6.72 3.38 28.23
CA LYS C 415 -7.91 4.20 28.43
C LYS C 415 -8.01 5.29 27.38
N ALA C 416 -6.90 5.96 27.09
CA ALA C 416 -6.92 7.03 26.09
C ALA C 416 -7.26 6.49 24.72
N PHE C 417 -6.76 5.30 24.39
CA PHE C 417 -7.08 4.69 23.10
C PHE C 417 -8.56 4.32 23.03
N GLU C 418 -9.12 3.82 24.12
CA GLU C 418 -10.55 3.53 24.16
C GLU C 418 -11.37 4.81 23.95
N ILE C 419 -11.01 5.88 24.67
CA ILE C 419 -11.72 7.15 24.53
C ILE C 419 -11.57 7.69 23.11
N ALA C 420 -10.37 7.62 22.57
CA ALA C 420 -10.11 8.08 21.20
C ALA C 420 -10.97 7.32 20.20
N GLU C 421 -11.15 6.02 20.42
CA GLU C 421 -12.11 5.28 19.62
C GLU C 421 -13.52 5.82 19.77
N LYS C 422 -13.94 6.22 20.97
CA LYS C 422 -15.29 6.71 21.17
C LYS C 422 -15.53 8.13 20.66
N LEU C 423 -14.49 8.94 20.51
CA LEU C 423 -14.65 10.36 20.19
C LEU C 423 -14.96 10.51 18.71
N GLU C 424 -16.05 11.22 18.40
CA GLU C 424 -16.45 11.40 17.01
C GLU C 424 -15.71 12.56 16.37
N VAL C 425 -14.39 12.45 16.28
CA VAL C 425 -13.55 13.46 15.67
C VAL C 425 -12.73 12.81 14.57
N GLY C 426 -12.00 13.62 13.84
CA GLY C 426 -11.08 13.11 12.84
C GLY C 426 -9.77 12.62 13.44
N THR C 427 -9.15 13.44 14.28
CA THR C 427 -7.89 13.10 14.92
C THR C 427 -8.01 13.26 16.43
N VAL C 428 -7.45 12.31 17.16
CA VAL C 428 -7.30 12.40 18.61
C VAL C 428 -5.83 12.48 18.92
N HIS C 429 -5.45 13.44 19.75
CA HIS C 429 -4.10 13.55 20.26
C HIS C 429 -4.11 13.07 21.70
N ILE C 430 -3.24 12.13 22.02
CA ILE C 430 -3.15 11.59 23.37
C ILE C 430 -2.04 12.34 24.09
N ASN C 431 -2.41 13.03 25.17
CA ASN C 431 -1.49 13.78 26.02
C ASN C 431 -0.78 14.89 25.26
N ASN C 432 -1.40 15.41 24.22
CA ASN C 432 -0.88 16.58 23.54
C ASN C 432 -2.06 17.40 23.07
N LYS C 433 -1.78 18.67 22.81
CA LYS C 433 -2.74 19.55 22.20
C LYS C 433 -3.04 19.11 20.77
N THR C 434 -4.19 19.54 20.27
CA THR C 434 -4.54 19.28 18.89
C THR C 434 -3.76 20.19 17.96
N GLN C 435 -3.40 19.66 16.80
CA GLN C 435 -2.75 20.47 15.78
C GLN C 435 -2.96 19.84 14.43
N ARG C 436 -2.79 20.65 13.39
CA ARG C 436 -2.73 20.12 12.04
C ARG C 436 -1.48 19.25 11.87
N GLY C 437 -0.47 19.51 12.70
CA GLY C 437 0.56 18.54 12.98
C GLY C 437 1.60 18.46 11.90
N PRO C 438 2.37 17.39 11.90
CA PRO C 438 3.17 17.07 10.71
C PRO C 438 2.24 17.01 9.53
N ASP C 439 2.47 17.84 8.52
CA ASP C 439 1.49 17.91 7.45
C ASP C 439 1.46 16.68 6.58
N ASN C 440 2.30 15.68 6.85
CA ASN C 440 2.11 14.37 6.26
C ASN C 440 1.02 13.57 6.93
N PHE C 441 0.68 13.88 8.16
CA PHE C 441 -0.38 13.22 8.89
C PHE C 441 -1.73 13.53 8.26
N PRO C 442 -2.68 12.60 8.32
CA PRO C 442 -4.03 12.92 7.87
C PRO C 442 -4.65 14.03 8.71
N PHE C 443 -5.39 14.91 8.05
CA PHE C 443 -6.09 16.00 8.70
C PHE C 443 -7.51 16.04 8.15
N LEU C 444 -8.48 15.79 9.01
CA LEU C 444 -9.86 15.73 8.54
C LEU C 444 -10.78 16.06 9.68
N GLY C 445 -11.99 16.50 9.32
CA GLY C 445 -13.04 16.69 10.29
C GLY C 445 -14.24 15.87 9.89
N VAL C 446 -15.07 15.53 10.85
CA VAL C 446 -16.33 14.85 10.57
C VAL C 446 -17.45 15.71 11.15
N LYS C 447 -18.70 15.30 10.94
CA LYS C 447 -19.85 15.78 11.71
C LYS C 447 -20.19 17.22 11.35
N GLY C 448 -19.41 17.92 10.54
CA GLY C 448 -19.60 19.35 10.39
C GLY C 448 -18.32 20.14 10.38
N SER C 449 -17.19 19.52 10.64
CA SER C 449 -15.92 20.18 10.48
C SER C 449 -15.35 20.04 9.08
N GLY C 450 -15.99 19.30 8.21
CA GLY C 450 -15.62 19.34 6.81
C GLY C 450 -15.89 18.02 6.12
N ALA C 451 -15.41 17.95 4.88
CA ALA C 451 -15.59 16.81 4.00
C ALA C 451 -14.27 16.50 3.33
N GLY C 452 -13.84 15.25 3.39
CA GLY C 452 -12.58 14.84 2.80
C GLY C 452 -11.48 14.74 3.83
N VAL C 453 -10.34 14.24 3.36
CA VAL C 453 -9.16 14.04 4.19
C VAL C 453 -8.03 14.85 3.59
N GLN C 454 -7.48 15.76 4.37
CA GLN C 454 -6.31 16.50 3.97
C GLN C 454 -5.06 15.86 4.57
N GLY C 455 -3.95 16.55 4.52
CA GLY C 455 -2.64 15.94 4.62
C GLY C 455 -2.14 15.64 3.23
N ILE C 456 -0.84 15.79 3.04
CA ILE C 456 -0.27 15.93 1.72
C ILE C 456 -0.59 14.75 0.82
N LYS C 457 -0.36 13.53 1.29
CA LYS C 457 -0.69 12.36 0.46
C LYS C 457 -2.18 12.30 0.16
N TYR C 458 -3.01 12.53 1.17
CA TYR C 458 -4.46 12.51 0.99
C TYR C 458 -4.94 13.65 0.13
N SER C 459 -4.30 14.82 0.24
CA SER C 459 -4.63 15.94 -0.63
C SER C 459 -4.30 15.63 -2.09
N ILE C 460 -3.15 15.02 -2.34
CA ILE C 460 -2.79 14.66 -3.71
C ILE C 460 -3.76 13.63 -4.25
N GLU C 461 -4.12 12.63 -3.43
CA GLU C 461 -5.06 11.62 -3.88
C GLU C 461 -6.44 12.18 -4.16
N ALA C 462 -6.92 13.10 -3.33
CA ALA C 462 -8.29 13.59 -3.43
C ALA C 462 -8.56 14.39 -4.69
N MET C 463 -7.56 15.10 -5.20
CA MET C 463 -7.71 15.91 -6.41
C MET C 463 -7.18 15.19 -7.64
N THR C 464 -7.33 13.88 -7.68
CA THR C 464 -7.02 13.07 -8.84
C THR C 464 -8.23 12.19 -9.14
N ASN C 465 -8.29 11.71 -10.37
CA ASN C 465 -9.27 10.73 -10.77
C ASN C 465 -8.59 9.40 -11.03
N VAL C 466 -9.18 8.33 -10.50
CA VAL C 466 -8.73 6.99 -10.85
C VAL C 466 -9.01 6.76 -12.33
N LYS C 467 -8.02 6.25 -13.04
CA LYS C 467 -8.16 5.90 -14.45
C LYS C 467 -7.72 4.45 -14.63
N SER C 468 -8.69 3.56 -14.78
CA SER C 468 -8.42 2.15 -15.02
C SER C 468 -8.28 1.89 -16.51
N ILE C 469 -7.33 1.04 -16.86
CA ILE C 469 -7.15 0.56 -18.22
C ILE C 469 -7.10 -0.96 -18.14
N VAL C 470 -8.07 -1.63 -18.73
CA VAL C 470 -8.20 -3.08 -18.65
C VAL C 470 -7.91 -3.68 -20.01
N PHE C 471 -7.07 -4.71 -20.04
CA PHE C 471 -6.77 -5.42 -21.27
C PHE C 471 -6.54 -6.88 -20.94
N ASP C 472 -6.02 -7.60 -21.93
CA ASP C 472 -5.77 -9.04 -21.82
C ASP C 472 -4.28 -9.34 -21.84
N MET D 1 -51.18 -13.17 -4.91
CA MET D 1 -51.05 -11.77 -4.55
C MET D 1 -50.23 -11.64 -3.27
N THR D 2 -48.92 -11.86 -3.40
CA THR D 2 -48.03 -11.82 -2.24
C THR D 2 -47.90 -10.39 -1.73
N ARG D 3 -47.94 -10.24 -0.42
CA ARG D 3 -47.83 -8.95 0.25
C ARG D 3 -46.47 -8.91 0.95
N TYR D 4 -45.46 -8.45 0.22
CA TYR D 4 -44.13 -8.40 0.78
C TYR D 4 -44.04 -7.26 1.79
N GLN D 5 -43.16 -7.42 2.76
CA GLN D 5 -43.05 -6.43 3.82
C GLN D 5 -41.66 -5.82 3.86
N ASN D 6 -41.42 -4.96 4.84
CA ASN D 6 -40.15 -4.24 4.97
C ASN D 6 -39.42 -4.72 6.20
N LEU D 7 -38.13 -4.99 6.05
CA LEU D 7 -37.27 -5.29 7.18
C LEU D 7 -36.97 -4.00 7.93
N VAL D 8 -37.48 -3.90 9.15
CA VAL D 8 -37.26 -2.73 9.99
C VAL D 8 -36.98 -3.19 11.40
N ASN D 9 -35.79 -2.91 11.90
CA ASN D 9 -35.39 -3.32 13.25
C ASN D 9 -35.50 -4.83 13.45
N GLY D 10 -35.24 -5.58 12.39
CA GLY D 10 -35.27 -7.03 12.47
C GLY D 10 -36.63 -7.64 12.34
N LYS D 11 -37.68 -6.84 12.27
CA LYS D 11 -39.05 -7.33 12.20
C LYS D 11 -39.60 -7.01 10.83
N TRP D 12 -40.36 -7.94 10.27
CA TRP D 12 -41.10 -7.66 9.05
C TRP D 12 -42.36 -6.88 9.37
N LYS D 13 -42.51 -5.74 8.72
CA LYS D 13 -43.67 -4.90 9.00
C LYS D 13 -44.21 -4.35 7.68
N SER D 14 -45.49 -4.05 7.69
CA SER D 14 -46.21 -3.57 6.52
C SER D 14 -46.69 -2.14 6.77
N SER D 15 -47.28 -1.56 5.74
CA SER D 15 -47.82 -0.21 5.82
C SER D 15 -49.30 -0.24 5.51
N GLU D 16 -49.99 0.87 5.81
CA GLU D 16 -51.41 0.96 5.49
C GLU D 16 -51.64 0.90 3.98
N GLN D 17 -50.91 1.72 3.23
CA GLN D 17 -50.95 1.67 1.78
C GLN D 17 -49.94 0.66 1.27
N GLU D 18 -50.09 0.25 0.02
CA GLU D 18 -49.10 -0.59 -0.64
C GLU D 18 -49.09 -0.30 -2.13
N ILE D 19 -47.94 -0.51 -2.74
CA ILE D 19 -47.74 -0.32 -4.17
C ILE D 19 -47.81 -1.67 -4.85
N THR D 20 -48.56 -1.74 -5.95
CA THR D 20 -48.67 -2.96 -6.74
C THR D 20 -47.61 -2.96 -7.83
N ILE D 21 -46.99 -4.11 -8.05
CA ILE D 21 -45.90 -4.27 -9.01
C ILE D 21 -46.38 -5.18 -10.14
N TYR D 22 -46.31 -4.68 -11.36
CA TYR D 22 -46.78 -5.38 -12.53
C TYR D 22 -45.58 -5.79 -13.39
N SER D 23 -45.68 -6.95 -14.02
CA SER D 23 -44.62 -7.43 -14.88
C SER D 23 -44.47 -6.51 -16.08
N PRO D 24 -43.23 -6.12 -16.44
CA PRO D 24 -43.02 -5.45 -17.72
C PRO D 24 -43.20 -6.36 -18.91
N ILE D 25 -43.37 -7.66 -18.70
CA ILE D 25 -43.59 -8.61 -19.78
C ILE D 25 -45.06 -8.58 -20.18
N ASN D 26 -45.96 -8.85 -19.23
CA ASN D 26 -47.38 -8.98 -19.54
C ASN D 26 -48.29 -8.45 -18.44
N GLN D 27 -47.79 -7.57 -17.57
CA GLN D 27 -48.58 -6.88 -16.56
C GLN D 27 -49.21 -7.81 -15.52
N GLU D 28 -48.70 -9.02 -15.41
CA GLU D 28 -49.09 -9.95 -14.36
C GLU D 28 -48.81 -9.35 -12.99
N GLU D 29 -49.75 -9.49 -12.07
CA GLU D 29 -49.53 -8.96 -10.72
C GLU D 29 -48.49 -9.78 -9.99
N LEU D 30 -47.33 -9.20 -9.71
CA LEU D 30 -46.30 -9.92 -8.98
C LEU D 30 -46.49 -9.85 -7.47
N GLY D 31 -47.16 -8.83 -7.00
CA GLY D 31 -47.35 -8.65 -5.59
C GLY D 31 -47.36 -7.18 -5.24
N THR D 32 -47.32 -6.90 -3.95
CA THR D 32 -47.35 -5.54 -3.46
C THR D 32 -46.20 -5.31 -2.50
N VAL D 33 -45.69 -4.08 -2.47
CA VAL D 33 -44.69 -3.69 -1.47
C VAL D 33 -45.31 -2.58 -0.63
N PRO D 34 -44.96 -2.45 0.64
CA PRO D 34 -45.54 -1.38 1.46
C PRO D 34 -45.19 -0.02 0.91
N ALA D 35 -46.12 0.92 1.06
CA ALA D 35 -45.86 2.31 0.72
C ALA D 35 -45.62 3.05 2.03
N MET D 36 -44.37 3.08 2.45
CA MET D 36 -44.00 3.67 3.72
C MET D 36 -44.28 5.17 3.73
N THR D 37 -44.56 5.69 4.91
CA THR D 37 -44.71 7.11 5.12
C THR D 37 -43.46 7.65 5.78
N GLN D 38 -43.39 8.98 5.91
CA GLN D 38 -42.19 9.62 6.43
C GLN D 38 -41.89 9.18 7.85
N THR D 39 -42.93 8.99 8.66
CA THR D 39 -42.71 8.54 10.04
C THR D 39 -42.18 7.11 10.09
N GLU D 40 -42.59 6.28 9.14
CA GLU D 40 -42.07 4.91 9.07
C GLU D 40 -40.59 4.90 8.71
N ALA D 41 -40.21 5.73 7.74
CA ALA D 41 -38.82 5.86 7.34
C ALA D 41 -38.01 6.40 8.51
N ASP D 42 -38.61 7.33 9.26
CA ASP D 42 -37.94 7.90 10.41
C ASP D 42 -37.65 6.83 11.47
N GLU D 43 -38.63 5.97 11.74
CA GLU D 43 -38.40 4.93 12.73
C GLU D 43 -37.44 3.85 12.24
N ALA D 44 -37.39 3.59 10.93
CA ALA D 44 -36.34 2.72 10.40
C ALA D 44 -34.95 3.32 10.59
N MET D 45 -34.79 4.63 10.34
CA MET D 45 -33.53 5.30 10.64
C MET D 45 -33.16 5.25 12.12
N GLN D 46 -34.13 5.42 13.01
CA GLN D 46 -33.79 5.33 14.43
C GLN D 46 -33.48 3.91 14.88
N ALA D 47 -34.04 2.89 14.21
CA ALA D 47 -33.59 1.53 14.45
C ALA D 47 -32.15 1.33 14.02
N ALA D 48 -31.80 1.90 12.86
CA ALA D 48 -30.45 1.82 12.36
C ALA D 48 -29.46 2.48 13.32
N ARG D 49 -29.81 3.65 13.82
CA ARG D 49 -28.93 4.37 14.72
C ARG D 49 -28.70 3.60 16.01
N ALA D 50 -29.74 2.98 16.54
CA ALA D 50 -29.60 2.15 17.73
C ALA D 50 -28.80 0.89 17.49
N ALA D 51 -28.91 0.27 16.32
CA ALA D 51 -28.14 -0.92 16.01
C ALA D 51 -26.68 -0.64 15.65
N LEU D 52 -26.35 0.60 15.28
CA LEU D 52 -24.98 0.89 14.85
C LEU D 52 -23.92 0.56 15.89
N PRO D 53 -24.04 0.97 17.18
CA PRO D 53 -22.94 0.74 18.12
C PRO D 53 -22.52 -0.71 18.26
N ALA D 54 -23.47 -1.60 18.50
CA ALA D 54 -23.14 -3.01 18.69
C ALA D 54 -22.65 -3.65 17.40
N TRP D 55 -23.08 -3.14 16.26
CA TRP D 55 -22.59 -3.66 14.99
C TRP D 55 -21.13 -3.31 14.79
N ARG D 56 -20.76 -2.04 14.99
CA ARG D 56 -19.37 -1.70 14.80
C ARG D 56 -18.50 -2.06 16.00
N ALA D 57 -19.10 -2.52 17.10
CA ALA D 57 -18.36 -3.08 18.21
C ALA D 57 -18.07 -4.56 18.01
N LEU D 58 -18.59 -5.16 16.96
CA LEU D 58 -18.31 -6.54 16.61
C LEU D 58 -16.95 -6.61 15.95
N SER D 59 -16.32 -7.77 16.02
CA SER D 59 -15.11 -7.99 15.25
C SER D 59 -15.46 -8.15 13.77
N ALA D 60 -14.48 -7.88 12.91
CA ALA D 60 -14.71 -7.95 11.48
C ALA D 60 -15.07 -9.36 11.03
N ILE D 61 -14.44 -10.37 11.63
CA ILE D 61 -14.69 -11.75 11.23
C ILE D 61 -16.12 -12.15 11.54
N GLU D 62 -16.72 -11.56 12.57
CA GLU D 62 -18.12 -11.83 12.91
C GLU D 62 -19.10 -11.25 11.89
N ARG D 63 -18.91 -9.99 11.53
CA ARG D 63 -19.70 -9.37 10.47
C ARG D 63 -19.54 -10.11 9.15
N ALA D 64 -18.32 -10.52 8.82
CA ALA D 64 -18.09 -11.33 7.65
C ALA D 64 -18.78 -12.69 7.73
N ALA D 65 -18.87 -13.28 8.91
CA ALA D 65 -19.61 -14.54 9.05
C ALA D 65 -21.08 -14.35 8.71
N TYR D 66 -21.66 -13.25 9.18
CA TYR D 66 -23.02 -12.93 8.75
C TYR D 66 -23.12 -12.77 7.24
N LEU D 67 -22.17 -12.07 6.64
CA LEU D 67 -22.18 -11.86 5.18
C LEU D 67 -22.06 -13.17 4.40
N HIS D 68 -21.17 -14.06 4.80
CA HIS D 68 -21.03 -15.36 4.18
C HIS D 68 -22.28 -16.21 4.30
N LYS D 69 -22.94 -16.17 5.47
CA LYS D 69 -24.21 -16.86 5.62
C LYS D 69 -25.26 -16.31 4.68
N THR D 70 -25.30 -14.98 4.52
CA THR D 70 -26.22 -14.37 3.58
C THR D 70 -25.96 -14.84 2.16
N ALA D 71 -24.68 -14.87 1.75
CA ALA D 71 -24.35 -15.31 0.39
C ALA D 71 -24.74 -16.75 0.16
N ALA D 72 -24.54 -17.61 1.17
CA ALA D 72 -24.95 -19.01 1.04
C ALA D 72 -26.46 -19.14 0.88
N ILE D 73 -27.22 -18.41 1.69
CA ILE D 73 -28.68 -18.46 1.54
C ILE D 73 -29.09 -17.94 0.18
N LEU D 74 -28.47 -16.86 -0.28
CA LEU D 74 -28.81 -16.25 -1.55
C LEU D 74 -28.56 -17.21 -2.71
N GLU D 75 -27.45 -17.93 -2.68
CA GLU D 75 -27.18 -18.95 -3.66
C GLU D 75 -28.14 -20.14 -3.54
N ARG D 76 -28.62 -20.42 -2.32
CA ARG D 76 -29.57 -21.52 -2.15
C ARG D 76 -30.88 -21.26 -2.88
N ASP D 77 -31.39 -20.04 -2.79
CA ASP D 77 -32.65 -19.66 -3.40
C ASP D 77 -32.46 -18.93 -4.73
N LYS D 78 -31.46 -19.30 -5.51
CA LYS D 78 -31.13 -18.55 -6.71
C LYS D 78 -32.21 -18.67 -7.77
N GLU D 79 -32.95 -19.79 -7.79
CA GLU D 79 -34.00 -19.96 -8.78
C GLU D 79 -35.29 -19.26 -8.34
N LYS D 80 -35.65 -19.35 -7.07
CA LYS D 80 -36.78 -18.58 -6.55
C LYS D 80 -36.56 -17.09 -6.77
N ILE D 81 -35.39 -16.57 -6.35
CA ILE D 81 -35.11 -15.15 -6.52
C ILE D 81 -35.00 -14.80 -7.98
N GLY D 82 -34.35 -15.66 -8.77
CA GLY D 82 -34.15 -15.41 -10.18
C GLY D 82 -35.42 -15.29 -10.98
N THR D 83 -36.39 -16.18 -10.75
CA THR D 83 -37.66 -16.10 -11.46
C THR D 83 -38.40 -14.79 -11.16
N ILE D 84 -38.50 -14.43 -9.88
CA ILE D 84 -39.20 -13.21 -9.51
C ILE D 84 -38.51 -11.99 -10.08
N LEU D 85 -37.17 -11.96 -10.06
CA LEU D 85 -36.45 -10.86 -10.66
C LEU D 85 -36.66 -10.81 -12.17
N ALA D 86 -36.67 -11.99 -12.80
CA ALA D 86 -36.84 -12.08 -14.25
C ALA D 86 -38.20 -11.58 -14.70
N LYS D 87 -39.23 -11.77 -13.89
CA LYS D 87 -40.52 -11.22 -14.24
C LYS D 87 -40.71 -9.80 -13.74
N GLU D 88 -39.97 -9.37 -12.73
CA GLU D 88 -40.10 -8.02 -12.21
C GLU D 88 -39.44 -6.98 -13.09
N VAL D 89 -38.28 -7.28 -13.67
CA VAL D 89 -37.64 -6.34 -14.59
C VAL D 89 -37.45 -6.91 -15.98
N ALA D 90 -38.07 -8.05 -16.28
CA ALA D 90 -38.15 -8.59 -17.63
C ALA D 90 -36.77 -8.83 -18.24
N LYS D 91 -35.91 -9.52 -17.50
CA LYS D 91 -34.60 -9.89 -18.02
C LYS D 91 -34.53 -11.39 -18.15
N GLY D 92 -33.72 -11.85 -19.10
CA GLY D 92 -33.58 -13.26 -19.41
C GLY D 92 -33.48 -14.13 -18.17
N ILE D 93 -34.09 -15.31 -18.21
CA ILE D 93 -34.19 -16.10 -17.00
C ILE D 93 -32.81 -16.57 -16.54
N LYS D 94 -31.93 -16.97 -17.46
CA LYS D 94 -30.56 -17.28 -17.06
C LYS D 94 -29.80 -16.04 -16.65
N ALA D 95 -30.07 -14.91 -17.31
CA ALA D 95 -29.48 -13.66 -16.89
C ALA D 95 -29.90 -13.26 -15.49
N ALA D 96 -31.14 -13.58 -15.10
CA ALA D 96 -31.61 -13.31 -13.76
C ALA D 96 -31.14 -14.30 -12.71
N ILE D 97 -30.98 -15.57 -13.08
CA ILE D 97 -30.33 -16.52 -12.17
C ILE D 97 -28.85 -16.18 -12.04
N GLY D 98 -28.26 -15.68 -13.13
CA GLY D 98 -26.87 -15.26 -13.11
C GLY D 98 -26.62 -14.07 -12.23
N GLU D 99 -27.57 -13.14 -12.15
CA GLU D 99 -27.39 -11.99 -11.28
C GLU D 99 -27.35 -12.38 -9.81
N VAL D 100 -28.18 -13.34 -9.39
CA VAL D 100 -28.16 -13.79 -8.00
C VAL D 100 -26.83 -14.47 -7.68
N VAL D 101 -26.31 -15.26 -8.60
CA VAL D 101 -25.05 -15.96 -8.37
C VAL D 101 -23.89 -14.96 -8.32
N ARG D 102 -23.85 -14.01 -9.24
CA ARG D 102 -22.83 -12.98 -9.21
C ARG D 102 -22.96 -12.12 -7.96
N THR D 103 -24.18 -11.92 -7.49
CA THR D 103 -24.43 -11.22 -6.24
C THR D 103 -23.84 -11.93 -5.05
N ALA D 104 -24.12 -13.21 -4.89
CA ALA D 104 -23.49 -13.98 -3.83
C ALA D 104 -21.97 -13.98 -3.91
N ASP D 105 -21.38 -14.09 -5.11
CA ASP D 105 -19.94 -14.01 -5.23
C ASP D 105 -19.42 -12.64 -4.80
N LEU D 106 -20.15 -11.58 -5.16
CA LEU D 106 -19.73 -10.24 -4.78
C LEU D 106 -19.70 -10.03 -3.29
N ILE D 107 -20.71 -10.51 -2.56
CA ILE D 107 -20.73 -10.27 -1.13
C ILE D 107 -19.81 -11.21 -0.38
N ARG D 108 -19.53 -12.40 -0.92
CA ARG D 108 -18.43 -13.19 -0.37
C ARG D 108 -17.09 -12.48 -0.50
N TYR D 109 -16.79 -11.95 -1.69
CA TYR D 109 -15.56 -11.19 -1.88
C TYR D 109 -15.51 -9.94 -1.02
N ALA D 110 -16.62 -9.23 -0.84
CA ALA D 110 -16.65 -8.04 0.00
C ALA D 110 -16.42 -8.38 1.46
N ALA D 111 -17.04 -9.46 1.95
CA ALA D 111 -16.76 -9.92 3.29
C ALA D 111 -15.29 -10.21 3.49
N GLU D 112 -14.66 -10.88 2.55
CA GLU D 112 -13.25 -11.19 2.67
C GLU D 112 -12.33 -10.01 2.40
N GLU D 113 -12.75 -9.05 1.59
CA GLU D 113 -11.98 -7.84 1.33
C GLU D 113 -12.02 -6.87 2.51
N GLY D 114 -13.14 -6.81 3.22
CA GLY D 114 -13.32 -5.81 4.25
C GLY D 114 -12.88 -6.24 5.63
N LEU D 115 -12.35 -7.44 5.76
CA LEU D 115 -11.68 -7.81 6.99
C LEU D 115 -10.16 -7.81 6.82
N ARG D 116 -9.65 -7.36 5.68
CA ARG D 116 -8.22 -7.20 5.46
C ARG D 116 -7.83 -5.73 5.40
N ILE D 117 -8.69 -4.83 5.87
CA ILE D 117 -8.43 -3.41 5.78
C ILE D 117 -7.42 -3.04 6.84
N THR D 118 -6.23 -2.63 6.41
CA THR D 118 -5.10 -2.33 7.27
C THR D 118 -4.90 -0.83 7.33
N GLY D 119 -4.64 -0.32 8.54
CA GLY D 119 -4.36 1.08 8.71
C GLY D 119 -2.90 1.41 8.45
N GLN D 120 -2.53 2.63 8.80
CA GLN D 120 -1.16 3.08 8.68
C GLN D 120 -0.63 3.54 10.03
N ALA D 121 0.68 3.40 10.20
CA ALA D 121 1.40 3.92 11.35
C ALA D 121 2.40 4.91 10.77
N MET D 122 2.10 6.19 10.88
CA MET D 122 2.94 7.21 10.29
C MET D 122 3.75 7.91 11.37
N GLU D 123 4.93 8.37 10.99
CA GLU D 123 5.79 9.15 11.87
C GLU D 123 6.04 10.52 11.26
N GLY D 124 6.30 11.48 12.13
CA GLY D 124 6.57 12.83 11.70
C GLY D 124 8.02 13.15 11.44
N GLY D 125 8.91 12.16 11.55
CA GLY D 125 10.33 12.44 11.42
C GLY D 125 10.75 12.78 10.01
N GLY D 126 10.06 12.24 9.02
CA GLY D 126 10.34 12.59 7.64
C GLY D 126 9.85 13.95 7.22
N PHE D 127 8.87 14.52 7.93
CA PHE D 127 8.38 15.84 7.58
C PHE D 127 9.18 16.94 8.25
N GLU D 128 9.31 16.86 9.57
CA GLU D 128 10.08 17.83 10.34
C GLU D 128 10.79 17.09 11.45
N ALA D 129 11.94 17.62 11.86
CA ALA D 129 12.73 17.00 12.90
C ALA D 129 12.13 17.20 14.29
N ALA D 130 11.22 18.15 14.44
CA ALA D 130 10.55 18.37 15.72
C ALA D 130 9.46 17.37 16.00
N SER D 131 8.85 16.78 14.98
CA SER D 131 7.79 15.81 15.14
C SER D 131 8.30 14.38 15.04
N LYS D 132 9.61 14.18 15.19
CA LYS D 132 10.20 12.85 15.03
C LYS D 132 9.66 11.84 16.03
N ASN D 133 9.11 12.31 17.15
CA ASN D 133 8.65 11.44 18.21
C ASN D 133 7.14 11.20 18.17
N LYS D 134 6.45 11.77 17.19
CA LYS D 134 5.01 11.66 17.09
C LYS D 134 4.64 10.53 16.15
N LEU D 135 3.70 9.70 16.56
CA LEU D 135 3.24 8.57 15.76
C LEU D 135 1.73 8.67 15.60
N ALA D 136 1.27 8.76 14.36
CA ALA D 136 -0.15 8.74 14.04
C ALA D 136 -0.53 7.33 13.64
N VAL D 137 -1.46 6.73 14.37
CA VAL D 137 -2.02 5.43 14.02
C VAL D 137 -3.32 5.71 13.28
N VAL D 138 -3.29 5.55 11.97
CA VAL D 138 -4.39 5.96 11.11
C VAL D 138 -5.21 4.73 10.75
N ARG D 139 -6.50 4.77 11.04
CA ARG D 139 -7.36 3.65 10.70
C ARG D 139 -8.66 4.17 10.12
N ARG D 140 -9.62 3.28 9.89
CA ARG D 140 -10.87 3.62 9.23
C ARG D 140 -12.01 3.16 10.12
N GLU D 141 -12.93 3.98 10.33
CA GLU D 141 -14.14 3.74 11.09
C GLU D 141 -15.36 3.94 10.21
N PRO D 142 -16.46 3.24 10.48
CA PRO D 142 -17.65 3.42 9.66
C PRO D 142 -18.17 4.85 9.69
N VAL D 143 -18.71 5.29 8.56
CA VAL D 143 -19.35 6.60 8.51
C VAL D 143 -20.59 6.63 9.39
N GLY D 144 -21.31 5.52 9.44
CA GLY D 144 -22.52 5.45 10.24
C GLY D 144 -23.64 4.71 9.56
N ILE D 145 -24.74 5.40 9.28
CA ILE D 145 -25.84 4.83 8.52
C ILE D 145 -25.60 5.10 7.05
N VAL D 146 -25.45 4.03 6.28
CA VAL D 146 -25.35 4.12 4.83
C VAL D 146 -26.72 3.90 4.23
N LEU D 147 -27.15 4.82 3.39
CA LEU D 147 -28.38 4.67 2.64
C LEU D 147 -28.02 4.24 1.22
N ALA D 148 -28.51 3.07 0.82
CA ALA D 148 -28.26 2.54 -0.51
C ALA D 148 -29.54 2.64 -1.33
N ILE D 149 -29.43 3.19 -2.53
CA ILE D 149 -30.54 3.31 -3.46
C ILE D 149 -30.18 2.54 -4.71
N ALA D 150 -30.85 1.42 -4.93
CA ALA D 150 -30.56 0.51 -6.01
C ALA D 150 -31.26 0.92 -7.30
N PRO D 151 -30.74 0.52 -8.45
CA PRO D 151 -31.40 0.76 -9.73
C PRO D 151 -32.26 -0.44 -10.12
N PHE D 152 -33.08 -0.24 -11.15
CA PHE D 152 -33.97 -1.31 -11.59
C PHE D 152 -33.25 -2.39 -12.38
N ASN D 153 -32.19 -2.05 -13.10
CA ASN D 153 -31.61 -3.01 -14.04
C ASN D 153 -30.94 -4.16 -13.32
N TYR D 154 -30.28 -3.87 -12.20
CA TYR D 154 -29.67 -4.89 -11.36
C TYR D 154 -30.13 -4.65 -9.93
N PRO D 155 -31.38 -5.00 -9.62
CA PRO D 155 -31.91 -4.69 -8.30
C PRO D 155 -31.33 -5.53 -7.20
N VAL D 156 -30.69 -6.65 -7.53
CA VAL D 156 -30.05 -7.51 -6.55
C VAL D 156 -28.54 -7.28 -6.52
N ASN D 157 -27.94 -7.03 -7.67
CA ASN D 157 -26.50 -6.86 -7.76
C ASN D 157 -26.05 -5.47 -7.33
N LEU D 158 -26.67 -4.43 -7.87
CA LEU D 158 -26.19 -3.09 -7.57
C LEU D 158 -26.78 -2.60 -6.26
N SER D 159 -27.60 -3.41 -5.65
CA SER D 159 -27.99 -3.23 -4.26
C SER D 159 -27.03 -3.90 -3.30
N ALA D 160 -26.67 -5.14 -3.54
CA ALA D 160 -25.67 -5.82 -2.73
C ALA D 160 -24.29 -5.21 -2.85
N SER D 161 -23.99 -4.57 -3.98
CA SER D 161 -22.71 -3.93 -4.20
C SER D 161 -22.56 -2.68 -3.36
N LYS D 162 -23.65 -2.28 -2.69
CA LYS D 162 -23.66 -1.18 -1.75
C LYS D 162 -23.83 -1.69 -0.33
N ILE D 163 -24.67 -2.71 -0.17
CA ILE D 163 -24.94 -3.23 1.17
C ILE D 163 -23.73 -3.97 1.72
N ALA D 164 -23.16 -4.90 0.96
CA ALA D 164 -22.08 -5.73 1.49
C ALA D 164 -20.82 -4.92 1.78
N PRO D 165 -20.33 -4.05 0.89
CA PRO D 165 -19.17 -3.23 1.26
C PRO D 165 -19.39 -2.35 2.46
N ALA D 166 -20.61 -1.85 2.68
CA ALA D 166 -20.88 -0.99 3.82
C ALA D 166 -20.97 -1.79 5.10
N LEU D 167 -21.53 -2.99 5.04
CA LEU D 167 -21.78 -3.78 6.24
C LEU D 167 -20.49 -4.32 6.85
N ILE D 168 -19.61 -4.85 6.01
CA ILE D 168 -18.35 -5.38 6.52
C ILE D 168 -17.50 -4.29 7.13
N ALA D 169 -17.65 -3.05 6.68
CA ALA D 169 -16.88 -1.94 7.20
C ALA D 169 -17.45 -1.41 8.51
N GLY D 170 -18.56 -1.96 8.98
CA GLY D 170 -19.11 -1.59 10.25
C GLY D 170 -20.33 -0.71 10.20
N ASN D 171 -20.74 -0.27 9.01
CA ASN D 171 -21.90 0.59 8.89
C ASN D 171 -23.18 -0.23 8.97
N VAL D 172 -24.24 0.39 9.43
CA VAL D 172 -25.57 -0.16 9.19
C VAL D 172 -26.09 0.40 7.87
N VAL D 173 -26.96 -0.36 7.23
CA VAL D 173 -27.37 -0.07 5.86
C VAL D 173 -28.88 0.12 5.83
N MET D 174 -29.32 1.16 5.17
CA MET D 174 -30.73 1.39 4.88
C MET D 174 -30.88 1.19 3.39
N LEU D 175 -31.64 0.19 2.97
CA LEU D 175 -31.79 -0.08 1.55
C LEU D 175 -33.08 0.49 1.02
N LYS D 176 -33.00 1.17 -0.12
CA LYS D 176 -34.15 1.67 -0.85
C LYS D 176 -34.19 0.97 -2.20
N PRO D 177 -34.97 -0.10 -2.35
CA PRO D 177 -35.03 -0.79 -3.63
C PRO D 177 -35.73 0.07 -4.67
N PRO D 178 -35.47 -0.17 -5.94
CA PRO D 178 -36.11 0.64 -6.98
C PRO D 178 -37.63 0.48 -6.99
N THR D 179 -38.32 1.35 -7.72
CA THR D 179 -39.77 1.24 -7.87
C THR D 179 -40.13 -0.06 -8.55
N GLN D 180 -39.49 -0.33 -9.70
CA GLN D 180 -39.58 -1.63 -10.34
C GLN D 180 -38.36 -2.47 -9.97
N GLY D 181 -38.56 -3.53 -9.21
CA GLY D 181 -37.44 -4.32 -8.74
C GLY D 181 -37.38 -4.31 -7.23
N SER D 182 -38.39 -3.73 -6.60
CA SER D 182 -38.45 -3.66 -5.16
C SER D 182 -38.70 -5.01 -4.50
N ILE D 183 -39.43 -5.91 -5.16
CA ILE D 183 -39.63 -7.24 -4.59
C ILE D 183 -38.30 -7.98 -4.50
N SER D 184 -37.42 -7.77 -5.48
CA SER D 184 -36.10 -8.37 -5.43
C SER D 184 -35.27 -7.81 -4.28
N GLY D 185 -35.38 -6.51 -4.03
CA GLY D 185 -34.71 -5.94 -2.86
C GLY D 185 -35.24 -6.50 -1.57
N LEU D 186 -36.55 -6.73 -1.49
CA LEU D 186 -37.12 -7.36 -0.31
C LEU D 186 -36.68 -8.83 -0.18
N LEU D 187 -36.46 -9.53 -1.29
CA LEU D 187 -35.93 -10.89 -1.24
C LEU D 187 -34.48 -10.93 -0.79
N LEU D 188 -33.67 -9.97 -1.25
CA LEU D 188 -32.34 -9.77 -0.68
C LEU D 188 -32.41 -9.53 0.82
N ALA D 189 -33.34 -8.70 1.26
CA ALA D 189 -33.55 -8.50 2.67
C ALA D 189 -33.98 -9.77 3.38
N LYS D 190 -34.78 -10.63 2.73
CA LYS D 190 -35.12 -11.91 3.35
C LYS D 190 -33.88 -12.77 3.56
N ALA D 191 -32.98 -12.80 2.58
CA ALA D 191 -31.74 -13.56 2.76
C ALA D 191 -30.91 -12.99 3.90
N PHE D 192 -30.83 -11.66 4.01
CA PHE D 192 -30.09 -11.05 5.11
C PHE D 192 -30.71 -11.38 6.47
N GLU D 193 -32.03 -11.36 6.55
CA GLU D 193 -32.70 -11.68 7.80
C GLU D 193 -32.52 -13.15 8.17
N GLU D 194 -32.59 -14.04 7.18
CA GLU D 194 -32.36 -15.46 7.43
C GLU D 194 -30.95 -15.71 7.93
N ALA D 195 -29.98 -14.98 7.40
CA ALA D 195 -28.61 -15.11 7.90
C ALA D 195 -28.56 -14.87 9.39
N GLY D 196 -29.22 -13.83 9.86
CA GLY D 196 -29.23 -13.58 11.27
C GLY D 196 -28.64 -12.23 11.60
N ILE D 197 -28.56 -11.36 10.60
CA ILE D 197 -28.00 -10.02 10.76
C ILE D 197 -28.77 -9.37 11.90
N PRO D 198 -28.09 -8.73 12.86
CA PRO D 198 -28.78 -8.22 14.04
C PRO D 198 -29.79 -7.15 13.68
N ALA D 199 -30.73 -6.94 14.60
CA ALA D 199 -31.88 -6.07 14.37
C ALA D 199 -31.48 -4.63 14.18
N GLY D 200 -31.69 -4.09 12.98
CA GLY D 200 -31.43 -2.70 12.74
C GLY D 200 -30.19 -2.49 11.90
N VAL D 201 -29.37 -3.53 11.79
CA VAL D 201 -28.16 -3.45 10.99
C VAL D 201 -28.51 -3.29 9.52
N PHE D 202 -29.53 -4.00 9.05
CA PHE D 202 -30.00 -3.87 7.67
C PHE D 202 -31.51 -3.64 7.69
N ASN D 203 -31.94 -2.51 7.14
CA ASN D 203 -33.37 -2.16 7.11
C ASN D 203 -33.70 -1.85 5.65
N THR D 204 -34.96 -2.03 5.29
CA THR D 204 -35.40 -1.70 3.95
C THR D 204 -36.47 -0.61 3.99
N ILE D 205 -36.50 0.21 2.94
CA ILE D 205 -37.51 1.24 2.78
C ILE D 205 -38.13 1.14 1.40
N THR D 206 -39.42 0.88 1.34
CA THR D 206 -40.18 0.94 0.09
C THR D 206 -41.27 1.99 0.22
N GLY D 207 -41.48 2.74 -0.86
CA GLY D 207 -42.53 3.72 -0.84
C GLY D 207 -42.55 4.51 -2.13
N ARG D 208 -43.45 5.48 -2.18
CA ARG D 208 -43.56 6.38 -3.32
C ARG D 208 -42.45 7.42 -3.23
N GLY D 209 -41.82 7.71 -4.35
CA GLY D 209 -40.75 8.67 -4.35
C GLY D 209 -41.17 10.08 -4.06
N SER D 210 -42.46 10.39 -4.25
CA SER D 210 -43.01 11.69 -3.96
C SER D 210 -43.34 11.91 -2.50
N GLU D 211 -43.31 10.85 -1.69
CA GLU D 211 -43.56 10.99 -0.26
C GLU D 211 -42.28 10.89 0.57
N ILE D 212 -41.52 9.81 0.41
CA ILE D 212 -40.34 9.57 1.24
C ILE D 212 -39.05 9.55 0.46
N GLY D 213 -39.09 9.71 -0.85
CA GLY D 213 -37.90 9.57 -1.65
C GLY D 213 -36.91 10.71 -1.52
N ASP D 214 -37.35 11.84 -0.99
CA ASP D 214 -36.46 12.97 -0.75
C ASP D 214 -36.19 13.02 0.74
N TYR D 215 -37.21 12.62 1.50
CA TYR D 215 -37.15 12.62 2.94
C TYR D 215 -36.07 11.68 3.47
N ILE D 216 -35.90 10.51 2.86
CA ILE D 216 -34.85 9.61 3.30
C ILE D 216 -33.46 10.10 2.89
N ILE D 217 -33.36 10.86 1.80
CA ILE D 217 -32.05 11.39 1.41
C ILE D 217 -31.60 12.55 2.28
N GLU D 218 -32.48 13.48 2.61
CA GLU D 218 -32.08 14.63 3.41
C GLU D 218 -32.19 14.38 4.91
N HIS D 219 -32.51 13.16 5.32
CA HIS D 219 -32.59 12.82 6.74
C HIS D 219 -31.25 13.07 7.42
N LYS D 220 -31.32 13.54 8.65
CA LYS D 220 -30.12 13.84 9.42
C LYS D 220 -29.40 12.59 9.89
N GLU D 221 -30.10 11.46 10.01
CA GLU D 221 -29.46 10.23 10.46
C GLU D 221 -28.64 9.58 9.37
N VAL D 222 -28.90 9.91 8.11
CA VAL D 222 -28.14 9.34 7.01
C VAL D 222 -26.75 9.95 6.98
N ASN D 223 -25.74 9.08 6.93
CA ASN D 223 -24.36 9.54 6.96
C ASN D 223 -23.65 9.39 5.62
N PHE D 224 -24.19 8.57 4.73
CA PHE D 224 -23.62 8.30 3.42
C PHE D 224 -24.77 7.93 2.49
N ILE D 225 -24.76 8.46 1.28
CA ILE D 225 -25.73 8.11 0.26
C ILE D 225 -25.01 7.41 -0.89
N ASN D 226 -25.35 6.15 -1.12
CA ASN D 226 -24.86 5.37 -2.25
C ASN D 226 -26.01 5.20 -3.23
N PHE D 227 -25.90 5.83 -4.40
CA PHE D 227 -27.00 5.88 -5.35
C PHE D 227 -26.53 5.42 -6.73
N THR D 228 -27.27 4.50 -7.32
CA THR D 228 -27.16 4.18 -8.74
C THR D 228 -28.45 4.54 -9.44
N GLY D 229 -28.35 5.20 -10.57
CA GLY D 229 -29.53 5.61 -11.31
C GLY D 229 -29.16 6.45 -12.51
N SER D 230 -29.99 7.42 -12.84
CA SER D 230 -29.74 8.28 -13.98
C SER D 230 -29.19 9.62 -13.51
N THR D 231 -28.53 10.32 -14.43
CA THR D 231 -27.84 11.57 -14.12
C THR D 231 -28.75 12.66 -13.56
N PRO D 232 -29.99 12.85 -14.02
CA PRO D 232 -30.86 13.85 -13.37
C PRO D 232 -31.06 13.63 -11.87
N ILE D 233 -31.51 12.43 -11.50
CA ILE D 233 -31.73 12.13 -10.09
C ILE D 233 -30.42 12.17 -9.32
N GLY D 234 -29.32 11.74 -9.94
CA GLY D 234 -28.02 11.86 -9.29
C GLY D 234 -27.60 13.29 -9.03
N GLU D 235 -27.83 14.20 -9.98
CA GLU D 235 -27.55 15.60 -9.73
C GLU D 235 -28.44 16.17 -8.63
N ARG D 236 -29.70 15.74 -8.56
CA ARG D 236 -30.54 16.18 -7.46
C ARG D 236 -30.03 15.65 -6.12
N ILE D 237 -29.54 14.40 -6.11
CA ILE D 237 -28.95 13.83 -4.90
C ILE D 237 -27.73 14.63 -4.46
N GLY D 238 -26.87 14.98 -5.40
CA GLY D 238 -25.64 15.67 -5.05
C GLY D 238 -25.87 16.98 -4.35
N ARG D 239 -26.99 17.64 -4.64
CA ARG D 239 -27.38 18.87 -3.96
C ARG D 239 -28.18 18.63 -2.70
N LEU D 240 -29.02 17.60 -2.66
CA LEU D 240 -29.78 17.29 -1.47
C LEU D 240 -28.93 16.69 -0.35
N ALA D 241 -27.74 16.19 -0.67
CA ALA D 241 -26.87 15.60 0.33
C ALA D 241 -26.15 16.62 1.18
N GLY D 242 -26.04 17.86 0.72
CA GLY D 242 -25.27 18.85 1.43
C GLY D 242 -23.79 18.60 1.25
N MET D 243 -23.07 18.39 2.35
CA MET D 243 -21.69 17.97 2.30
C MET D 243 -21.48 16.57 2.85
N ARG D 244 -22.55 15.81 3.00
CA ARG D 244 -22.44 14.42 3.41
C ARG D 244 -21.85 13.58 2.28
N PRO D 245 -21.03 12.58 2.60
CA PRO D 245 -20.40 11.80 1.54
C PRO D 245 -21.41 11.06 0.69
N ILE D 246 -21.16 10.99 -0.61
CA ILE D 246 -22.04 10.30 -1.53
C ILE D 246 -21.21 9.47 -2.49
N MET D 247 -21.84 8.46 -3.05
CA MET D 247 -21.31 7.71 -4.18
C MET D 247 -22.42 7.62 -5.21
N LEU D 248 -22.24 8.29 -6.35
CA LEU D 248 -23.23 8.34 -7.42
C LEU D 248 -22.70 7.56 -8.60
N GLU D 249 -23.48 6.61 -9.09
CA GLU D 249 -23.13 5.88 -10.30
C GLU D 249 -24.25 6.16 -11.29
N LEU D 250 -24.04 7.17 -12.13
CA LEU D 250 -25.08 7.67 -13.03
C LEU D 250 -24.91 7.11 -14.43
N GLY D 251 -25.60 7.70 -15.41
CA GLY D 251 -25.66 7.18 -16.75
C GLY D 251 -24.33 7.28 -17.48
N GLY D 252 -24.24 6.52 -18.56
CA GLY D 252 -23.07 6.55 -19.40
C GLY D 252 -23.37 6.24 -20.85
N LYS D 253 -22.78 7.01 -21.76
CA LYS D 253 -22.83 6.72 -23.19
C LYS D 253 -21.45 6.21 -23.59
N ASP D 254 -21.23 4.92 -23.39
CA ASP D 254 -19.89 4.34 -23.56
C ASP D 254 -19.59 4.12 -25.03
N ALA D 255 -18.47 4.67 -25.48
CA ALA D 255 -18.06 4.58 -26.87
C ALA D 255 -17.20 3.36 -27.12
N ALA D 256 -17.30 2.82 -28.33
CA ALA D 256 -16.42 1.78 -28.83
C ALA D 256 -15.64 2.39 -29.98
N LEU D 257 -14.44 2.89 -29.68
CA LEU D 257 -13.59 3.48 -30.70
C LEU D 257 -12.92 2.37 -31.49
N VAL D 258 -13.30 2.22 -32.75
CA VAL D 258 -12.77 1.17 -33.62
C VAL D 258 -11.86 1.83 -34.64
N LEU D 259 -10.62 1.38 -34.72
CA LEU D 259 -9.64 1.97 -35.61
C LEU D 259 -9.37 1.03 -36.78
N GLU D 260 -8.51 1.49 -37.70
CA GLU D 260 -8.32 0.76 -38.95
C GLU D 260 -7.68 -0.61 -38.73
N ASP D 261 -6.76 -0.71 -37.78
CA ASP D 261 -6.07 -1.96 -37.50
C ASP D 261 -6.84 -2.89 -36.57
N ALA D 262 -8.04 -2.50 -36.13
CA ALA D 262 -8.83 -3.35 -35.24
C ALA D 262 -9.21 -4.65 -35.93
N ASP D 263 -9.13 -5.74 -35.19
CA ASP D 263 -9.67 -7.01 -35.65
C ASP D 263 -11.19 -6.95 -35.60
N LEU D 264 -11.81 -6.63 -36.73
CA LEU D 264 -13.20 -6.20 -36.79
C LEU D 264 -14.19 -7.29 -36.41
N GLU D 265 -13.90 -8.56 -36.67
CA GLU D 265 -14.86 -9.60 -36.29
C GLU D 265 -15.01 -9.66 -34.77
N HIS D 266 -13.89 -9.71 -34.07
CA HIS D 266 -13.91 -9.70 -32.61
C HIS D 266 -14.50 -8.40 -32.08
N ALA D 267 -14.14 -7.27 -32.69
CA ALA D 267 -14.69 -5.99 -32.29
C ALA D 267 -16.20 -5.97 -32.41
N ALA D 268 -16.73 -6.46 -33.52
CA ALA D 268 -18.18 -6.46 -33.73
C ALA D 268 -18.88 -7.38 -32.75
N LYS D 269 -18.32 -8.58 -32.53
CA LYS D 269 -18.94 -9.49 -31.58
C LYS D 269 -18.99 -8.87 -30.19
N GLN D 270 -17.87 -8.28 -29.76
CA GLN D 270 -17.83 -7.65 -28.45
C GLN D 270 -18.76 -6.44 -28.36
N ILE D 271 -18.79 -5.63 -29.41
CA ILE D 271 -19.61 -4.42 -29.40
C ILE D 271 -21.08 -4.76 -29.29
N VAL D 272 -21.54 -5.78 -30.01
CA VAL D 272 -22.93 -6.18 -29.92
C VAL D 272 -23.24 -6.86 -28.59
N ALA D 273 -22.37 -7.76 -28.13
CA ALA D 273 -22.58 -8.37 -26.82
C ALA D 273 -22.60 -7.35 -25.70
N GLY D 274 -21.88 -6.24 -25.83
CA GLY D 274 -21.92 -5.20 -24.83
C GLY D 274 -23.12 -4.30 -24.97
N ALA D 275 -23.44 -3.92 -26.20
CA ALA D 275 -24.49 -2.95 -26.46
C ALA D 275 -25.88 -3.50 -26.22
N PHE D 276 -26.13 -4.77 -26.48
CA PHE D 276 -27.50 -5.26 -26.45
C PHE D 276 -27.79 -6.24 -25.32
N SER D 277 -26.89 -6.39 -24.36
CA SER D 277 -27.19 -7.20 -23.20
C SER D 277 -28.21 -6.49 -22.32
N TYR D 278 -29.24 -7.25 -21.91
CA TYR D 278 -30.41 -6.70 -21.23
C TYR D 278 -31.10 -5.63 -22.08
N SER D 279 -31.02 -5.83 -23.40
CA SER D 279 -31.62 -4.95 -24.40
C SER D 279 -31.23 -3.48 -24.20
N GLY D 280 -29.95 -3.23 -23.96
CA GLY D 280 -29.40 -1.89 -23.88
C GLY D 280 -29.58 -1.19 -22.55
N GLN D 281 -30.25 -1.84 -21.60
CA GLN D 281 -30.61 -1.18 -20.34
C GLN D 281 -29.50 -1.32 -19.33
N ARG D 282 -28.31 -0.86 -19.66
CA ARG D 282 -27.14 -0.95 -18.80
C ARG D 282 -26.41 0.37 -18.88
N CYS D 283 -25.93 0.86 -17.74
CA CYS D 283 -25.09 2.05 -17.75
C CYS D 283 -23.73 1.75 -18.37
N THR D 284 -23.17 0.58 -18.08
CA THR D 284 -21.89 0.17 -18.66
C THR D 284 -22.19 -0.76 -19.83
N ALA D 285 -22.62 -0.15 -20.93
CA ALA D 285 -22.89 -0.85 -22.17
C ALA D 285 -22.37 0.02 -23.28
N ILE D 286 -21.96 -0.60 -24.39
CA ILE D 286 -21.50 0.13 -25.56
C ILE D 286 -22.71 0.86 -26.12
N LYS D 287 -22.69 2.19 -26.10
CA LYS D 287 -23.85 2.94 -26.51
C LYS D 287 -23.64 3.73 -27.79
N ARG D 288 -22.43 3.71 -28.34
CA ARG D 288 -22.13 4.28 -29.65
C ARG D 288 -20.90 3.59 -30.20
N VAL D 289 -20.83 3.53 -31.52
CA VAL D 289 -19.66 3.00 -32.21
C VAL D 289 -19.04 4.17 -32.95
N ILE D 290 -17.80 4.50 -32.62
CA ILE D 290 -17.05 5.55 -33.30
C ILE D 290 -15.95 4.87 -34.09
N VAL D 291 -16.22 4.61 -35.37
CA VAL D 291 -15.33 3.85 -36.23
C VAL D 291 -14.66 4.80 -37.20
N LEU D 292 -13.44 4.46 -37.60
CA LEU D 292 -12.76 5.19 -38.67
C LEU D 292 -13.39 4.84 -40.02
N GLU D 293 -13.31 5.79 -40.96
CA GLU D 293 -14.04 5.68 -42.22
C GLU D 293 -13.54 4.53 -43.10
N SER D 294 -12.27 4.17 -43.00
CA SER D 294 -11.71 3.14 -43.84
C SER D 294 -12.19 1.73 -43.51
N VAL D 295 -12.67 1.49 -42.28
CA VAL D 295 -13.12 0.16 -41.89
C VAL D 295 -14.57 0.23 -41.45
N ALA D 296 -15.18 1.41 -41.63
CA ALA D 296 -16.55 1.63 -41.16
C ALA D 296 -17.55 0.73 -41.86
N ASP D 297 -17.37 0.50 -43.16
CA ASP D 297 -18.29 -0.34 -43.92
C ASP D 297 -18.25 -1.80 -43.51
N LYS D 298 -17.05 -2.37 -43.43
CA LYS D 298 -16.91 -3.75 -43.02
C LYS D 298 -17.37 -3.94 -41.58
N LEU D 299 -17.02 -2.99 -40.71
CA LEU D 299 -17.49 -3.06 -39.33
C LEU D 299 -19.01 -2.99 -39.27
N ALA D 300 -19.63 -2.15 -40.10
CA ALA D 300 -21.08 -2.06 -40.12
C ALA D 300 -21.71 -3.36 -40.59
N THR D 301 -21.11 -4.03 -41.58
CA THR D 301 -21.65 -5.31 -42.04
C THR D 301 -21.56 -6.38 -40.96
N LEU D 302 -20.40 -6.50 -40.32
CA LEU D 302 -20.25 -7.46 -39.23
C LEU D 302 -21.17 -7.14 -38.05
N LEU D 303 -21.32 -5.85 -37.74
CA LEU D 303 -22.23 -5.44 -36.69
C LEU D 303 -23.66 -5.81 -37.03
N GLN D 304 -24.04 -5.66 -38.30
CA GLN D 304 -25.38 -6.03 -38.73
C GLN D 304 -25.61 -7.53 -38.61
N GLU D 305 -24.62 -8.34 -38.98
CA GLU D 305 -24.77 -9.78 -38.81
C GLU D 305 -24.98 -10.14 -37.35
N GLU D 306 -24.14 -9.57 -36.46
CA GLU D 306 -24.27 -9.85 -35.04
C GLU D 306 -25.61 -9.42 -34.49
N VAL D 307 -26.08 -8.22 -34.87
CA VAL D 307 -27.36 -7.72 -34.38
C VAL D 307 -28.56 -8.41 -34.99
N SER D 308 -28.40 -9.02 -36.18
CA SER D 308 -29.49 -9.83 -36.72
C SER D 308 -29.55 -11.18 -36.04
N LYS D 309 -28.42 -11.70 -35.57
CA LYS D 309 -28.47 -12.98 -34.87
C LYS D 309 -29.08 -12.88 -33.47
N LEU D 310 -29.57 -11.72 -33.06
CA LEU D 310 -30.11 -11.52 -31.72
C LEU D 310 -31.57 -11.93 -31.68
N THR D 311 -31.93 -12.72 -30.66
CA THR D 311 -33.29 -13.22 -30.53
C THR D 311 -34.12 -12.28 -29.66
N VAL D 312 -35.10 -11.63 -30.26
CA VAL D 312 -36.05 -10.79 -29.53
C VAL D 312 -37.19 -11.66 -29.07
N GLY D 313 -37.72 -11.37 -27.88
CA GLY D 313 -38.77 -12.20 -27.35
C GLY D 313 -39.08 -11.94 -25.89
N ASP D 314 -39.36 -13.01 -25.16
CA ASP D 314 -39.81 -12.92 -23.79
C ASP D 314 -38.74 -13.45 -22.85
N PRO D 315 -38.66 -12.92 -21.62
CA PRO D 315 -37.54 -13.25 -20.72
C PRO D 315 -37.34 -14.74 -20.48
N PHE D 316 -38.41 -15.51 -20.38
CA PHE D 316 -38.32 -16.91 -20.02
C PHE D 316 -37.95 -17.80 -21.19
N ASP D 317 -37.95 -17.28 -22.41
CA ASP D 317 -37.36 -17.96 -23.55
C ASP D 317 -35.90 -17.62 -23.72
N ASN D 318 -35.33 -16.87 -22.77
CA ASN D 318 -33.92 -16.48 -22.76
C ASN D 318 -33.59 -15.63 -23.99
N ALA D 319 -34.47 -14.69 -24.27
CA ALA D 319 -34.28 -13.78 -25.37
C ALA D 319 -33.13 -12.82 -25.06
N ASP D 320 -32.36 -12.51 -26.09
CA ASP D 320 -31.32 -11.50 -25.97
C ASP D 320 -31.96 -10.13 -25.80
N ILE D 321 -33.09 -9.90 -26.48
CA ILE D 321 -33.80 -8.64 -26.38
C ILE D 321 -35.16 -8.92 -25.76
N THR D 322 -35.36 -8.44 -24.56
CA THR D 322 -36.60 -8.53 -23.83
C THR D 322 -37.26 -7.17 -23.77
N PRO D 323 -38.52 -7.07 -23.34
CA PRO D 323 -39.16 -5.76 -23.29
C PRO D 323 -38.45 -4.82 -22.33
N VAL D 324 -38.47 -3.54 -22.65
CA VAL D 324 -37.89 -2.55 -21.77
C VAL D 324 -38.79 -2.36 -20.56
N ILE D 325 -38.28 -1.65 -19.56
CA ILE D 325 -38.82 -1.68 -18.21
C ILE D 325 -40.21 -1.06 -18.14
N ASP D 326 -40.43 0.03 -18.87
CA ASP D 326 -41.67 0.77 -18.80
C ASP D 326 -42.16 1.05 -20.21
N ASN D 327 -43.37 1.58 -20.32
CA ASN D 327 -43.86 2.16 -21.57
C ASN D 327 -43.26 3.52 -21.84
N ALA D 328 -42.98 4.29 -20.79
CA ALA D 328 -42.31 5.58 -20.97
C ALA D 328 -40.90 5.41 -21.50
N SER D 329 -40.20 4.37 -21.04
CA SER D 329 -38.88 4.07 -21.56
C SER D 329 -38.94 3.71 -23.04
N ALA D 330 -39.91 2.88 -23.41
CA ALA D 330 -40.09 2.54 -24.82
C ALA D 330 -40.46 3.75 -25.65
N ASP D 331 -41.25 4.67 -25.09
CA ASP D 331 -41.59 5.90 -25.81
C ASP D 331 -40.37 6.78 -26.02
N PHE D 332 -39.52 6.90 -25.01
CA PHE D 332 -38.30 7.70 -25.12
C PHE D 332 -37.35 7.09 -26.15
N ILE D 333 -37.18 5.77 -26.10
CA ILE D 333 -36.30 5.11 -27.07
C ILE D 333 -36.88 5.25 -28.47
N TRP D 334 -38.20 5.12 -28.59
CA TRP D 334 -38.88 5.29 -29.87
C TRP D 334 -38.70 6.69 -30.41
N GLY D 335 -38.76 7.69 -29.55
CA GLY D 335 -38.47 9.05 -29.97
C GLY D 335 -37.06 9.20 -30.49
N LEU D 336 -36.10 8.55 -29.84
CA LEU D 336 -34.73 8.60 -30.35
C LEU D 336 -34.61 7.95 -31.72
N ILE D 337 -35.28 6.81 -31.89
CA ILE D 337 -35.27 6.11 -33.18
C ILE D 337 -35.93 6.95 -34.26
N GLU D 338 -37.06 7.57 -33.93
CA GLU D 338 -37.75 8.45 -34.88
C GLU D 338 -36.86 9.61 -35.28
N ASP D 339 -36.23 10.26 -34.31
CA ASP D 339 -35.38 11.40 -34.60
C ASP D 339 -34.21 11.01 -35.49
N ALA D 340 -33.63 9.82 -35.26
CA ALA D 340 -32.55 9.37 -36.12
C ALA D 340 -33.05 9.11 -37.54
N GLN D 341 -34.21 8.48 -37.65
CA GLN D 341 -34.78 8.15 -38.96
C GLN D 341 -35.13 9.41 -39.74
N GLU D 342 -35.62 10.44 -39.04
CA GLU D 342 -36.02 11.67 -39.71
C GLU D 342 -34.84 12.43 -40.27
N LYS D 343 -33.66 12.26 -39.67
CA LYS D 343 -32.46 12.93 -40.13
C LYS D 343 -31.64 12.09 -41.08
N GLU D 344 -32.26 11.10 -41.71
CA GLU D 344 -31.68 10.30 -42.78
C GLU D 344 -30.52 9.42 -42.29
N ALA D 345 -30.70 8.77 -41.15
CA ALA D 345 -29.78 7.75 -40.69
C ALA D 345 -30.20 6.40 -41.26
N GLN D 346 -29.23 5.56 -41.57
CA GLN D 346 -29.48 4.26 -42.19
C GLN D 346 -29.70 3.25 -41.08
N ALA D 347 -30.95 2.86 -40.89
CA ALA D 347 -31.28 1.79 -39.96
C ALA D 347 -31.10 0.44 -40.63
N LEU D 348 -29.93 -0.16 -40.47
CA LEU D 348 -29.68 -1.44 -41.12
C LEU D 348 -30.10 -2.62 -40.25
N THR D 349 -31.30 -2.56 -39.71
CA THR D 349 -31.90 -3.61 -38.90
C THR D 349 -33.38 -3.31 -38.80
N PRO D 350 -34.25 -4.33 -38.78
CA PRO D 350 -35.69 -4.08 -38.64
C PRO D 350 -35.99 -3.21 -37.43
N ILE D 351 -36.95 -2.31 -37.60
CA ILE D 351 -37.12 -1.17 -36.71
C ILE D 351 -38.45 -1.25 -35.98
N LYS D 352 -38.99 -2.45 -35.82
CA LYS D 352 -40.36 -2.61 -35.38
C LYS D 352 -40.49 -2.67 -33.87
N ARG D 353 -41.68 -2.29 -33.39
CA ARG D 353 -42.09 -2.24 -32.01
C ARG D 353 -43.27 -3.19 -31.80
N GLU D 354 -43.40 -3.71 -30.58
CA GLU D 354 -44.54 -4.54 -30.23
C GLU D 354 -45.01 -4.20 -28.82
N GLY D 355 -45.21 -2.92 -28.55
CA GLY D 355 -45.54 -2.47 -27.21
C GLY D 355 -44.29 -2.04 -26.47
N ASN D 356 -43.92 -2.80 -25.44
CA ASN D 356 -42.64 -2.61 -24.77
C ASN D 356 -41.51 -3.21 -25.58
N LEU D 357 -41.77 -4.31 -26.27
CA LEU D 357 -40.74 -5.02 -27.00
C LEU D 357 -40.27 -4.21 -28.21
N LEU D 358 -39.07 -3.67 -28.12
CA LEU D 358 -38.45 -2.98 -29.25
C LEU D 358 -37.47 -3.91 -29.93
N TRP D 359 -37.01 -3.52 -31.11
CA TRP D 359 -36.11 -4.34 -31.90
C TRP D 359 -34.72 -3.73 -31.90
N PRO D 360 -33.69 -4.56 -31.97
CA PRO D 360 -32.32 -4.08 -31.75
C PRO D 360 -31.83 -3.13 -32.84
N VAL D 361 -32.27 -1.89 -32.83
CA VAL D 361 -32.04 -1.03 -33.98
C VAL D 361 -30.59 -0.61 -34.10
N LEU D 362 -29.91 -1.08 -35.15
CA LEU D 362 -28.55 -0.66 -35.44
C LEU D 362 -28.56 0.45 -36.49
N PHE D 363 -28.11 1.65 -36.12
CA PHE D 363 -28.17 2.79 -37.02
C PHE D 363 -26.80 3.03 -37.63
N ASP D 364 -26.75 3.72 -38.76
CA ASP D 364 -25.49 4.15 -39.35
C ASP D 364 -25.67 5.57 -39.85
N GLN D 365 -24.55 6.18 -40.28
CA GLN D 365 -24.53 7.55 -40.74
C GLN D 365 -25.07 8.48 -39.67
N VAL D 366 -24.77 8.18 -38.41
CA VAL D 366 -25.26 8.97 -37.29
C VAL D 366 -24.34 10.17 -37.12
N THR D 367 -24.94 11.35 -36.98
CA THR D 367 -24.20 12.60 -36.93
C THR D 367 -24.44 13.28 -35.58
N LYS D 368 -23.85 14.46 -35.41
CA LYS D 368 -24.00 15.21 -34.16
C LYS D 368 -25.44 15.66 -33.92
N ASP D 369 -26.22 15.86 -34.99
CA ASP D 369 -27.53 16.47 -34.82
C ASP D 369 -28.60 15.48 -34.37
N MET D 370 -28.34 14.17 -34.46
CA MET D 370 -29.31 13.20 -34.01
C MET D 370 -29.21 12.98 -32.51
N LYS D 371 -30.36 12.92 -31.84
CA LYS D 371 -30.36 12.76 -30.39
C LYS D 371 -29.83 11.40 -29.96
N VAL D 372 -29.84 10.41 -30.85
CA VAL D 372 -29.38 9.08 -30.50
C VAL D 372 -27.87 9.06 -30.34
N ALA D 373 -27.18 10.10 -30.82
CA ALA D 373 -25.73 10.14 -30.72
C ALA D 373 -25.26 10.60 -29.34
N TRP D 374 -26.12 11.27 -28.59
CA TRP D 374 -25.77 11.86 -27.30
C TRP D 374 -26.58 11.34 -26.14
N GLU D 375 -27.90 11.27 -26.27
CA GLU D 375 -28.74 10.85 -25.17
C GLU D 375 -28.53 9.37 -24.91
N GLU D 376 -28.54 8.98 -23.65
CA GLU D 376 -28.43 7.57 -23.33
C GLU D 376 -29.79 6.95 -23.55
N PRO D 377 -29.94 6.06 -24.52
CA PRO D 377 -31.27 5.52 -24.83
C PRO D 377 -31.80 4.65 -23.71
N PHE D 378 -30.89 3.91 -23.09
CA PHE D 378 -31.17 2.85 -22.14
C PHE D 378 -32.10 1.84 -22.77
N GLY D 379 -32.00 1.65 -24.08
CA GLY D 379 -32.76 0.66 -24.81
C GLY D 379 -31.99 0.18 -26.03
N PRO D 380 -32.67 -0.54 -26.91
CA PRO D 380 -31.97 -1.41 -27.86
C PRO D 380 -31.36 -0.72 -29.08
N VAL D 381 -31.05 0.56 -29.01
CA VAL D 381 -30.46 1.27 -30.15
C VAL D 381 -28.94 1.26 -30.05
N LEU D 382 -28.28 1.14 -31.21
CA LEU D 382 -26.84 1.29 -31.33
C LEU D 382 -26.49 2.19 -32.51
N PRO D 383 -26.08 3.42 -32.23
CA PRO D 383 -25.57 4.29 -33.31
C PRO D 383 -24.23 3.81 -33.84
N ILE D 384 -23.97 4.11 -35.11
CA ILE D 384 -22.65 3.98 -35.70
C ILE D 384 -22.26 5.36 -36.20
N ILE D 385 -21.14 5.88 -35.70
CA ILE D 385 -20.64 7.19 -36.09
C ILE D 385 -19.31 7.00 -36.80
N ARG D 386 -19.19 7.61 -37.97
CA ARG D 386 -17.96 7.57 -38.75
C ARG D 386 -17.16 8.84 -38.52
N VAL D 387 -15.88 8.67 -38.25
CA VAL D 387 -14.95 9.77 -38.06
C VAL D 387 -13.80 9.57 -39.02
N ALA D 388 -13.05 10.64 -39.28
CA ALA D 388 -12.00 10.59 -40.27
C ALA D 388 -10.65 10.20 -39.70
N SER D 389 -10.39 10.49 -38.43
CA SER D 389 -9.11 10.24 -37.81
C SER D 389 -9.32 9.81 -36.37
N VAL D 390 -8.21 9.47 -35.71
CA VAL D 390 -8.25 9.16 -34.29
C VAL D 390 -8.55 10.40 -33.46
N GLU D 391 -8.03 11.55 -33.86
CA GLU D 391 -8.34 12.78 -33.14
C GLU D 391 -9.83 13.07 -33.18
N GLU D 392 -10.49 12.86 -34.32
CA GLU D 392 -11.92 13.04 -34.41
C GLU D 392 -12.67 12.05 -33.52
N ALA D 393 -12.21 10.80 -33.47
CA ALA D 393 -12.84 9.82 -32.60
C ALA D 393 -12.71 10.22 -31.14
N ILE D 394 -11.54 10.72 -30.74
CA ILE D 394 -11.34 11.12 -29.36
C ILE D 394 -12.17 12.35 -29.03
N ALA D 395 -12.27 13.30 -29.96
CA ALA D 395 -13.10 14.47 -29.75
C ALA D 395 -14.58 14.11 -29.64
N PHE D 396 -15.05 13.19 -30.48
CA PHE D 396 -16.41 12.69 -30.37
C PHE D 396 -16.64 11.97 -29.03
N ALA D 397 -15.71 11.14 -28.61
CA ALA D 397 -15.88 10.45 -27.35
C ALA D 397 -15.91 11.41 -26.18
N ASN D 398 -15.05 12.43 -26.18
CA ASN D 398 -14.97 13.37 -25.09
C ASN D 398 -15.99 14.49 -25.20
N GLU D 399 -16.74 14.56 -26.30
CA GLU D 399 -17.83 15.51 -26.42
C GLU D 399 -19.04 15.11 -25.61
N SER D 400 -19.13 13.85 -25.22
CA SER D 400 -20.23 13.37 -24.41
C SER D 400 -20.23 14.02 -23.04
N GLU D 401 -21.41 14.04 -22.42
CA GLU D 401 -21.57 14.52 -21.06
C GLU D 401 -21.23 13.45 -20.04
N PHE D 402 -20.94 12.24 -20.51
CA PHE D 402 -20.73 11.07 -19.67
C PHE D 402 -19.29 10.62 -19.78
N GLY D 403 -18.74 10.13 -18.68
CA GLY D 403 -17.39 9.63 -18.67
C GLY D 403 -17.23 8.30 -17.97
N LEU D 404 -18.16 7.39 -18.15
CA LEU D 404 -18.12 6.16 -17.36
C LEU D 404 -17.03 5.21 -17.85
N GLN D 405 -17.19 4.67 -19.05
CA GLN D 405 -16.24 3.72 -19.61
C GLN D 405 -16.16 3.91 -21.11
N SER D 406 -15.16 3.29 -21.71
CA SER D 406 -14.97 3.33 -23.16
C SER D 406 -14.15 2.13 -23.56
N SER D 407 -14.36 1.69 -24.79
CA SER D 407 -13.59 0.61 -25.39
C SER D 407 -12.80 1.16 -26.56
N VAL D 408 -11.55 0.72 -26.68
CA VAL D 408 -10.73 1.06 -27.83
C VAL D 408 -10.29 -0.25 -28.46
N PHE D 409 -10.72 -0.49 -29.69
CA PHE D 409 -10.34 -1.70 -30.42
C PHE D 409 -9.26 -1.34 -31.42
N THR D 410 -8.12 -2.01 -31.31
CA THR D 410 -6.96 -1.73 -32.14
C THR D 410 -6.19 -3.01 -32.41
N ASN D 411 -4.95 -2.86 -32.87
CA ASN D 411 -3.97 -3.93 -32.86
C ASN D 411 -2.69 -3.40 -32.20
N ASP D 412 -2.55 -2.08 -32.20
CA ASP D 412 -1.42 -1.43 -31.57
C ASP D 412 -1.78 -1.08 -30.13
N PHE D 413 -1.14 -1.74 -29.17
CA PHE D 413 -1.43 -1.44 -27.77
C PHE D 413 -0.79 -0.14 -27.30
N LYS D 414 0.32 0.27 -27.88
CA LYS D 414 0.84 1.59 -27.58
C LYS D 414 -0.14 2.67 -28.00
N LYS D 415 -0.76 2.50 -29.16
CA LYS D 415 -1.76 3.45 -29.62
C LYS D 415 -3.00 3.43 -28.72
N ALA D 416 -3.46 2.23 -28.39
CA ALA D 416 -4.61 2.10 -27.51
C ALA D 416 -4.36 2.72 -26.15
N PHE D 417 -3.17 2.56 -25.59
CA PHE D 417 -2.84 3.16 -24.31
C PHE D 417 -2.87 4.68 -24.34
N GLU D 418 -2.35 5.31 -25.39
CA GLU D 418 -2.40 6.77 -25.41
C GLU D 418 -3.79 7.30 -25.72
N ILE D 419 -4.59 6.56 -26.49
CA ILE D 419 -5.99 6.93 -26.65
C ILE D 419 -6.69 6.82 -25.32
N ALA D 420 -6.44 5.73 -24.60
CA ALA D 420 -7.05 5.52 -23.28
C ALA D 420 -6.66 6.63 -22.33
N GLU D 421 -5.41 7.10 -22.42
CA GLU D 421 -4.99 8.25 -21.63
C GLU D 421 -5.68 9.52 -22.06
N LYS D 422 -6.07 9.63 -23.34
CA LYS D 422 -6.79 10.81 -23.82
C LYS D 422 -8.27 10.79 -23.52
N LEU D 423 -8.87 9.62 -23.33
CA LEU D 423 -10.31 9.50 -23.15
C LEU D 423 -10.70 9.95 -21.75
N GLU D 424 -11.68 10.86 -21.67
CA GLU D 424 -12.15 11.34 -20.38
C GLU D 424 -13.19 10.40 -19.79
N VAL D 425 -12.78 9.18 -19.48
CA VAL D 425 -13.65 8.19 -18.89
C VAL D 425 -13.00 7.69 -17.61
N GLY D 426 -13.71 6.83 -16.90
CA GLY D 426 -13.14 6.22 -15.72
C GLY D 426 -12.33 4.99 -16.05
N THR D 427 -12.84 4.14 -16.96
CA THR D 427 -12.18 2.91 -17.35
C THR D 427 -12.13 2.84 -18.87
N VAL D 428 -11.01 2.36 -19.40
CA VAL D 428 -10.86 2.06 -20.81
C VAL D 428 -10.56 0.58 -20.94
N HIS D 429 -11.30 -0.09 -21.83
CA HIS D 429 -11.08 -1.49 -22.13
C HIS D 429 -10.43 -1.58 -23.50
N ILE D 430 -9.29 -2.25 -23.58
CA ILE D 430 -8.55 -2.39 -24.82
C ILE D 430 -8.98 -3.69 -25.48
N ASN D 431 -9.57 -3.56 -26.68
CA ASN D 431 -10.03 -4.69 -27.49
C ASN D 431 -11.01 -5.58 -26.73
N ASN D 432 -11.89 -4.95 -25.95
CA ASN D 432 -12.90 -5.71 -25.25
C ASN D 432 -14.09 -4.81 -25.03
N LYS D 433 -15.25 -5.43 -24.88
CA LYS D 433 -16.43 -4.68 -24.53
C LYS D 433 -16.28 -4.09 -23.13
N THR D 434 -16.98 -3.00 -22.91
CA THR D 434 -16.90 -2.27 -21.67
C THR D 434 -17.83 -2.91 -20.65
N GLN D 435 -17.40 -3.01 -19.40
CA GLN D 435 -18.17 -3.72 -18.38
C GLN D 435 -17.73 -3.28 -16.99
N ARG D 436 -18.52 -3.66 -15.98
CA ARG D 436 -18.13 -3.45 -14.60
C ARG D 436 -16.95 -4.35 -14.22
N GLY D 437 -16.78 -5.43 -14.98
CA GLY D 437 -15.61 -6.26 -14.89
C GLY D 437 -15.72 -7.14 -13.68
N PRO D 438 -14.61 -7.74 -13.28
CA PRO D 438 -14.54 -8.30 -11.93
C PRO D 438 -14.83 -7.18 -10.95
N ASP D 439 -15.72 -7.43 -10.00
CA ASP D 439 -16.05 -6.35 -9.09
C ASP D 439 -15.01 -6.19 -8.01
N ASN D 440 -13.75 -6.28 -8.42
CA ASN D 440 -12.60 -5.89 -7.63
C ASN D 440 -11.78 -4.86 -8.36
N PHE D 441 -12.03 -4.67 -9.64
CA PHE D 441 -11.54 -3.57 -10.42
C PHE D 441 -12.25 -2.30 -9.97
N PRO D 442 -11.60 -1.16 -10.07
CA PRO D 442 -12.31 0.10 -9.81
C PRO D 442 -13.43 0.30 -10.82
N PHE D 443 -14.56 0.78 -10.34
CA PHE D 443 -15.67 1.15 -11.21
C PHE D 443 -16.08 2.57 -10.87
N LEU D 444 -15.82 3.49 -11.78
CA LEU D 444 -16.07 4.89 -11.51
C LEU D 444 -16.45 5.58 -12.81
N GLY D 445 -17.12 6.70 -12.65
CA GLY D 445 -17.43 7.56 -13.77
C GLY D 445 -16.91 8.95 -13.51
N VAL D 446 -16.83 9.73 -14.57
CA VAL D 446 -16.41 11.13 -14.54
C VAL D 446 -17.55 11.89 -15.21
N LYS D 447 -17.25 13.03 -15.79
CA LYS D 447 -17.99 14.29 -15.79
C LYS D 447 -19.45 14.10 -15.41
N GLY D 448 -20.22 13.28 -16.11
CA GLY D 448 -21.62 13.20 -15.77
C GLY D 448 -22.04 11.85 -15.24
N SER D 449 -21.09 10.93 -15.17
CA SER D 449 -21.37 9.55 -14.83
C SER D 449 -21.25 9.27 -13.34
N GLY D 450 -20.88 10.24 -12.54
CA GLY D 450 -21.09 10.11 -11.11
C GLY D 450 -19.92 10.63 -10.30
N ALA D 451 -19.98 10.31 -9.01
CA ALA D 451 -19.02 10.78 -8.02
C ALA D 451 -18.54 9.59 -7.20
N GLY D 452 -17.25 9.54 -6.94
CA GLY D 452 -16.67 8.42 -6.21
C GLY D 452 -16.24 7.31 -7.14
N VAL D 453 -15.48 6.38 -6.58
CA VAL D 453 -15.03 5.19 -7.31
C VAL D 453 -15.53 3.96 -6.57
N GLN D 454 -16.23 3.09 -7.29
CA GLN D 454 -16.68 1.83 -6.76
C GLN D 454 -15.68 0.73 -7.09
N GLY D 455 -16.11 -0.51 -6.95
CA GLY D 455 -15.19 -1.62 -6.86
C GLY D 455 -15.20 -2.00 -5.40
N ILE D 456 -15.02 -3.27 -5.07
CA ILE D 456 -15.36 -3.69 -3.71
C ILE D 456 -14.46 -3.02 -2.68
N LYS D 457 -13.15 -3.02 -2.91
CA LYS D 457 -12.25 -2.37 -1.98
C LYS D 457 -12.49 -0.88 -1.92
N TYR D 458 -12.75 -0.26 -3.07
CA TYR D 458 -12.99 1.17 -3.11
C TYR D 458 -14.30 1.56 -2.43
N SER D 459 -15.31 0.69 -2.51
CA SER D 459 -16.56 0.96 -1.82
C SER D 459 -16.44 0.75 -0.32
N ILE D 460 -15.67 -0.26 0.12
CA ILE D 460 -15.44 -0.40 1.55
C ILE D 460 -14.69 0.81 2.08
N GLU D 461 -13.67 1.25 1.36
CA GLU D 461 -12.86 2.39 1.76
C GLU D 461 -13.62 3.71 1.70
N ALA D 462 -14.66 3.82 0.89
CA ALA D 462 -15.41 5.06 0.73
C ALA D 462 -16.47 5.31 1.78
N MET D 463 -17.08 4.27 2.33
CA MET D 463 -18.06 4.42 3.39
C MET D 463 -17.44 4.22 4.76
N THR D 464 -16.18 4.60 4.91
CA THR D 464 -15.52 4.64 6.19
C THR D 464 -14.93 6.03 6.40
N ASN D 465 -14.57 6.31 7.64
CA ASN D 465 -13.96 7.57 8.01
C ASN D 465 -12.55 7.30 8.50
N VAL D 466 -11.58 8.08 8.02
CA VAL D 466 -10.24 8.02 8.57
C VAL D 466 -10.26 8.56 10.00
N LYS D 467 -9.69 7.81 10.93
CA LYS D 467 -9.46 8.32 12.27
C LYS D 467 -8.00 8.18 12.64
N SER D 468 -7.35 9.31 12.87
CA SER D 468 -5.96 9.33 13.28
C SER D 468 -5.89 9.44 14.80
N ILE D 469 -4.99 8.66 15.40
CA ILE D 469 -4.68 8.74 16.82
C ILE D 469 -3.20 9.03 16.92
N VAL D 470 -2.86 10.19 17.47
CA VAL D 470 -1.48 10.65 17.51
C VAL D 470 -1.03 10.70 18.96
N PHE D 471 0.13 10.13 19.23
CA PHE D 471 0.74 10.16 20.55
C PHE D 471 2.24 10.28 20.39
N ASP D 472 2.93 10.40 21.52
CA ASP D 472 4.38 10.51 21.54
C ASP D 472 4.99 9.14 21.77
N VAL D 473 6.02 8.82 21.00
CA VAL D 473 6.82 7.63 21.18
C VAL D 473 8.27 8.11 21.25
N LYS D 474 8.81 8.17 22.46
CA LYS D 474 10.13 8.79 22.63
C LYS D 474 11.28 7.83 22.37
O1 G3H E . 26.96 -4.55 -13.36
C1 G3H E . 26.27 -4.13 -14.22
C2 G3H E . 24.89 -3.53 -13.94
O2 G3H E . 24.02 -4.50 -13.42
C3 G3H E . 24.30 -2.98 -15.23
O1P G3H E . 23.22 -2.14 -14.95
O2P G3H E . 24.43 -0.37 -16.38
O3P G3H E . 23.44 0.31 -14.23
O4P G3H E . 22.00 -0.20 -16.18
P G3H E . 23.27 -0.57 -15.44
O1 G3H F . 6.95 -20.29 17.25
C1 G3H F . 6.00 -20.98 17.39
C2 G3H F . 4.86 -20.51 18.29
O2 G3H F . 5.24 -20.74 19.61
C3 G3H F . 3.57 -21.29 18.03
O1P G3H F . 3.21 -21.21 16.69
O2P G3H F . 1.46 -21.98 14.97
O3P G3H F . 1.04 -19.88 16.16
O4P G3H F . 0.84 -22.02 17.35
P G3H F . 1.61 -21.27 16.29
O1 G3H G . -6.88 27.17 11.11
C1 G3H G . -6.61 26.10 11.55
C2 G3H G . -5.27 25.45 11.25
O2 G3H G . -5.48 24.22 10.63
C3 G3H G . -4.50 25.26 12.55
O1P G3H G . -3.20 24.83 12.25
O2P G3H G . -1.79 25.29 14.37
O3P G3H G . -1.12 23.41 12.91
O4P G3H G . -3.17 23.25 14.27
P G3H G . -2.29 24.18 13.47
O1 G3H H . -26.63 -0.02 -14.64
C1 G3H H . -26.01 -0.86 -15.20
C2 G3H H . -24.59 -1.22 -14.80
O2 G3H H . -23.80 -0.06 -14.79
C3 G3H H . -24.04 -2.21 -15.82
O1P G3H H . -23.00 -2.94 -15.25
O2P G3H H . -21.88 -5.27 -15.39
O3P G3H H . -24.25 -5.07 -15.98
O4P G3H H . -23.57 -4.86 -13.62
P G3H H . -23.18 -4.57 -15.05
#